data_3LML
#
_entry.id   3LML
#
_cell.length_a   91.314
_cell.length_b   153.718
_cell.length_c   217.410
_cell.angle_alpha   90.000
_cell.angle_beta   90.000
_cell.angle_gamma   90.000
#
_symmetry.space_group_name_H-M   'P 21 21 21'
#
_entity_poly.entity_id   1
_entity_poly.type   'polypeptide(L)'
_entity_poly.pdbx_seq_one_letter_code
;(MSE)VSGGTFNAGVEKIRPGIYTNFKAAAAERTKAGERGTVALPLAASWGAAKEFVEINKEEDVEKKLGLSLAHQSFLL
LRETLKLAKTVLVYRLNDGIKATATLATDVVVTAKYGGIVGNSITIKVDENVVDSSKKDVTTYLNEVAVDKQVVGTASEL
IDSNYVSFKTTSTSELQQSSGTTLVGGTDQPVTNLDYTQFLVSAEGEYFDTIAFPVSSSDVALKTSFVSFVKR(MSE)RD
EQGVKIKGVVAN(MSE)PADYEGIINVRNGVTLRDGTILEPHQVVAWVAGADASAS(MSE)LKSNTFVKYDGAIDATPRL
ANDEAEEALQNGEFVLTFDARDKAVYVEQDLNSLTTFSKEKSSKFRKNKISRILDGINNDTRRNILDAIKERKDANTDIP
ADENGVQFILS(MSE)QTAYLNELQDSGAITNFDSTADITVSLNNNVDGFIVNQSIEPVDSGEKFYFTTEVKLEHHHHHH
;
_entity_poly.pdbx_strand_id   A,B,C,D,E,F
#
# COMPACT_ATOMS: atom_id res chain seq x y z
N PRO A 16 -41.27 18.03 29.33
CA PRO A 16 -40.24 17.16 28.66
C PRO A 16 -40.50 16.85 27.15
N GLY A 17 -39.46 16.38 26.46
CA GLY A 17 -39.55 16.04 25.03
C GLY A 17 -39.08 17.13 24.08
N ILE A 18 -39.32 16.98 22.78
CA ILE A 18 -38.90 18.00 21.81
C ILE A 18 -39.41 19.40 22.25
N TYR A 19 -40.73 19.61 22.22
CA TYR A 19 -41.39 20.87 22.59
C TYR A 19 -40.65 21.76 23.61
N THR A 20 -40.57 21.31 24.86
CA THR A 20 -39.90 22.09 25.90
C THR A 20 -38.45 22.39 25.54
N ASN A 21 -37.88 21.59 24.63
CA ASN A 21 -36.50 21.82 24.20
C ASN A 21 -36.43 23.05 23.29
N PHE A 22 -37.42 23.16 22.41
CA PHE A 22 -37.47 24.29 21.51
C PHE A 22 -37.68 25.57 22.33
N LYS A 23 -38.57 25.56 23.31
CA LYS A 23 -38.76 26.76 24.13
C LYS A 23 -37.48 27.00 24.92
N ALA A 24 -36.91 25.93 25.48
CA ALA A 24 -35.67 26.05 26.23
C ALA A 24 -34.62 26.79 25.41
N ALA A 25 -34.52 26.41 24.14
CA ALA A 25 -33.56 27.03 23.24
C ALA A 25 -33.70 28.54 23.29
N ALA A 26 -34.85 29.04 22.86
CA ALA A 26 -35.09 30.49 22.85
C ALA A 26 -34.88 31.12 24.22
N ALA A 27 -35.28 30.40 25.26
CA ALA A 27 -35.14 30.88 26.62
C ALA A 27 -33.67 31.04 26.97
N GLU A 28 -32.86 30.13 26.45
CA GLU A 28 -31.43 30.16 26.69
C GLU A 28 -30.82 31.40 26.07
N ARG A 29 -31.48 31.88 25.02
CA ARG A 29 -31.05 33.04 24.24
C ARG A 29 -31.25 34.40 24.93
N THR A 30 -32.08 34.47 25.96
CA THR A 30 -32.30 35.74 26.64
C THR A 30 -31.83 35.72 28.10
N LYS A 31 -31.62 34.51 28.64
CA LYS A 31 -31.14 34.30 30.01
C LYS A 31 -29.98 35.21 30.34
N ALA A 32 -29.99 35.89 31.49
CA ALA A 32 -28.86 36.78 31.83
C ALA A 32 -27.82 36.05 32.69
N GLY A 33 -26.55 36.46 32.59
CA GLY A 33 -25.52 35.79 33.38
C GLY A 33 -24.39 35.28 32.53
N GLU A 34 -23.62 34.31 33.05
CA GLU A 34 -22.48 33.72 32.34
C GLU A 34 -22.92 33.23 30.97
N ARG A 35 -22.12 33.55 29.97
CA ARG A 35 -22.47 33.21 28.62
C ARG A 35 -21.38 32.61 27.79
N GLY A 36 -21.58 32.81 26.49
CA GLY A 36 -20.70 32.34 25.41
C GLY A 36 -19.45 31.53 25.61
N THR A 37 -19.15 30.77 24.58
CA THR A 37 -17.94 30.03 24.67
C THR A 37 -17.15 30.42 23.44
N VAL A 38 -15.90 30.80 23.68
CA VAL A 38 -15.01 31.24 22.61
C VAL A 38 -13.73 30.39 22.40
N ALA A 39 -13.45 30.10 21.12
CA ALA A 39 -12.30 29.33 20.70
C ALA A 39 -11.13 30.30 20.64
N LEU A 40 -10.06 30.01 21.40
CA LEU A 40 -8.89 30.88 21.48
C LEU A 40 -7.59 30.10 21.23
N PRO A 41 -6.78 30.55 20.25
CA PRO A 41 -5.53 29.86 19.96
C PRO A 41 -4.45 30.37 20.85
N LEU A 42 -3.72 29.46 21.48
CA LEU A 42 -2.60 29.88 22.31
C LEU A 42 -1.46 28.91 22.24
N ALA A 43 -0.36 29.34 22.85
CA ALA A 43 0.82 28.53 22.88
C ALA A 43 1.11 28.19 24.31
N ALA A 44 1.13 26.89 24.58
CA ALA A 44 1.42 26.39 25.92
C ALA A 44 2.53 25.32 25.90
N SER A 45 3.03 25.01 27.08
CA SER A 45 4.09 24.05 27.19
C SER A 45 3.61 22.69 27.63
N TRP A 46 2.36 22.36 27.32
CA TRP A 46 1.86 21.08 27.75
C TRP A 46 0.46 20.86 27.22
N GLY A 47 0.25 19.77 26.51
CA GLY A 47 -1.09 19.59 26.02
C GLY A 47 -1.14 18.73 24.81
N ALA A 48 -2.35 18.36 24.46
CA ALA A 48 -2.61 17.50 23.34
C ALA A 48 -1.87 17.89 22.07
N ALA A 49 -1.71 19.19 21.81
CA ALA A 49 -1.01 19.60 20.59
C ALA A 49 -1.87 19.32 19.37
N LYS A 50 -2.21 20.37 18.65
CA LYS A 50 -3.06 20.25 17.47
C LYS A 50 -4.47 19.89 17.91
N GLU A 51 -4.77 20.08 19.18
CA GLU A 51 -6.10 19.78 19.70
C GLU A 51 -6.58 20.82 20.69
N PHE A 52 -7.89 20.89 20.84
CA PHE A 52 -8.52 21.84 21.74
C PHE A 52 -8.58 21.38 23.18
N VAL A 53 -8.80 22.33 24.09
CA VAL A 53 -8.91 22.04 25.50
C VAL A 53 -9.99 22.97 26.02
N GLU A 54 -10.96 22.40 26.72
CA GLU A 54 -12.07 23.18 27.24
C GLU A 54 -11.82 23.59 28.65
N ILE A 55 -11.91 24.88 28.91
CA ILE A 55 -11.68 25.34 30.25
C ILE A 55 -12.80 26.29 30.67
N ASN A 56 -13.31 26.07 31.89
CA ASN A 56 -14.40 26.87 32.45
C ASN A 56 -14.03 27.38 33.83
N LYS A 57 -13.15 26.65 34.50
CA LYS A 57 -12.71 27.03 35.83
C LYS A 57 -11.22 27.18 35.82
N GLU A 58 -10.70 28.07 36.65
CA GLU A 58 -9.27 28.28 36.73
C GLU A 58 -8.49 26.97 36.88
N GLU A 59 -8.99 26.06 37.72
CA GLU A 59 -8.34 24.78 37.94
C GLU A 59 -8.10 24.04 36.65
N ASP A 60 -9.06 24.12 35.74
CA ASP A 60 -8.95 23.46 34.44
C ASP A 60 -7.66 23.82 33.73
N VAL A 61 -7.30 25.10 33.79
CA VAL A 61 -6.09 25.58 33.15
C VAL A 61 -4.86 24.80 33.57
N GLU A 62 -4.61 24.78 34.87
CA GLU A 62 -3.45 24.07 35.37
C GLU A 62 -3.50 22.57 35.16
N LYS A 63 -4.66 21.97 35.43
CA LYS A 63 -4.79 20.54 35.28
C LYS A 63 -4.63 20.04 33.84
N LYS A 64 -5.03 20.87 32.89
CA LYS A 64 -4.98 20.51 31.48
C LYS A 64 -3.78 21.05 30.72
N LEU A 65 -3.21 22.15 31.19
CA LEU A 65 -2.07 22.77 30.52
C LEU A 65 -0.81 22.88 31.38
N GLY A 66 -0.85 22.29 32.56
CA GLY A 66 0.31 22.30 33.43
C GLY A 66 0.74 23.56 34.15
N LEU A 67 0.13 24.71 33.84
CA LEU A 67 0.54 25.94 34.50
C LEU A 67 -0.63 26.63 35.16
N SER A 68 -0.34 27.61 36.00
CA SER A 68 -1.40 28.37 36.66
C SER A 68 -2.00 29.39 35.69
N LEU A 69 -3.28 29.66 35.85
CA LEU A 69 -3.96 30.61 35.01
C LEU A 69 -3.32 31.97 35.14
N ALA A 70 -2.61 32.18 36.25
CA ALA A 70 -1.95 33.46 36.49
C ALA A 70 -0.63 33.59 35.73
N HIS A 71 -0.16 32.50 35.14
CA HIS A 71 1.09 32.48 34.39
C HIS A 71 1.01 33.49 33.26
N GLN A 72 2.17 33.87 32.74
CA GLN A 72 2.27 34.84 31.67
C GLN A 72 1.82 34.23 30.34
N SER A 73 1.82 32.91 30.27
CA SER A 73 1.45 32.21 29.06
C SER A 73 0.00 32.38 28.74
N PHE A 74 -0.79 32.66 29.76
CA PHE A 74 -2.22 32.77 29.55
C PHE A 74 -2.78 34.16 29.61
N LEU A 75 -1.99 35.14 29.19
CA LEU A 75 -2.46 36.50 29.21
C LEU A 75 -3.77 36.61 28.44
N LEU A 76 -3.73 36.30 27.15
CA LEU A 76 -4.92 36.40 26.33
C LEU A 76 -6.08 35.57 26.89
N LEU A 77 -5.79 34.37 27.38
CA LEU A 77 -6.80 33.52 27.95
C LEU A 77 -7.57 34.24 29.03
N ARG A 78 -6.87 34.83 29.98
CA ARG A 78 -7.54 35.56 31.07
C ARG A 78 -8.44 36.67 30.54
N GLU A 79 -7.94 37.44 29.58
CA GLU A 79 -8.71 38.52 28.98
C GLU A 79 -9.99 38.01 28.34
N THR A 80 -9.93 36.79 27.81
CA THR A 80 -11.10 36.22 27.15
C THR A 80 -12.11 35.85 28.24
N LEU A 81 -11.59 35.21 29.28
CA LEU A 81 -12.38 34.76 30.40
C LEU A 81 -13.03 35.89 31.17
N LYS A 82 -12.63 37.11 30.89
CA LYS A 82 -13.22 38.24 31.60
C LYS A 82 -14.73 38.35 31.36
N LEU A 83 -15.22 37.85 30.23
CA LEU A 83 -16.65 37.91 29.94
C LEU A 83 -17.15 36.59 29.37
N ALA A 84 -16.26 35.77 28.84
CA ALA A 84 -16.68 34.50 28.28
C ALA A 84 -16.83 33.44 29.36
N LYS A 85 -17.86 32.61 29.26
CA LYS A 85 -18.07 31.56 30.26
C LYS A 85 -17.12 30.42 30.01
N THR A 86 -16.94 30.08 28.75
CA THR A 86 -16.08 28.97 28.42
C THR A 86 -15.10 29.39 27.34
N VAL A 87 -13.89 28.86 27.40
CA VAL A 87 -12.90 29.15 26.36
C VAL A 87 -12.29 27.85 25.86
N LEU A 88 -12.37 27.63 24.56
CA LEU A 88 -11.82 26.44 23.94
C LEU A 88 -10.43 26.79 23.43
N VAL A 89 -9.42 26.61 24.26
CA VAL A 89 -8.05 26.93 23.88
C VAL A 89 -7.43 25.83 23.02
N TYR A 90 -6.83 26.25 21.90
CA TYR A 90 -6.21 25.32 20.96
C TYR A 90 -4.71 25.46 21.03
N ARG A 91 -4.01 24.37 21.28
CA ARG A 91 -2.57 24.45 21.35
C ARG A 91 -1.97 24.57 19.96
N LEU A 92 -1.45 25.76 19.65
CA LEU A 92 -0.83 26.00 18.35
C LEU A 92 0.46 25.19 18.14
N ASN A 93 1.33 25.26 19.12
CA ASN A 93 2.61 24.59 19.04
C ASN A 93 2.66 23.14 19.54
N ASP A 94 3.87 22.70 19.83
CA ASP A 94 4.15 21.37 20.31
C ASP A 94 5.59 21.40 20.81
N GLY A 95 6.18 20.25 21.10
CA GLY A 95 7.56 20.26 21.56
C GLY A 95 8.10 18.90 21.93
N ILE A 96 9.39 18.86 22.25
CA ILE A 96 10.08 17.63 22.64
C ILE A 96 9.54 17.10 23.95
N LYS A 97 9.40 15.79 24.08
CA LYS A 97 8.89 15.22 25.32
C LYS A 97 10.02 14.92 26.29
N ALA A 98 9.93 15.43 27.51
CA ALA A 98 10.95 15.19 28.52
C ALA A 98 11.08 13.69 28.79
N THR A 99 12.32 13.23 29.00
CA THR A 99 12.56 11.81 29.24
C THR A 99 13.50 11.60 30.40
N ALA A 100 13.76 10.33 30.69
CA ALA A 100 14.63 9.94 31.78
C ALA A 100 14.53 8.43 31.94
N THR A 101 15.60 7.80 32.41
CA THR A 101 15.62 6.35 32.62
C THR A 101 15.54 6.03 34.12
N LEU A 102 14.45 5.40 34.52
CA LEU A 102 14.24 5.07 35.91
C LEU A 102 14.98 3.79 36.32
N ALA A 103 15.44 3.74 37.58
CA ALA A 103 16.16 2.61 38.15
C ALA A 103 16.97 1.82 37.11
N THR A 104 16.40 0.74 36.60
CA THR A 104 17.07 -0.08 35.61
C THR A 104 16.24 -0.25 34.34
N ASP A 105 16.68 0.40 33.27
CA ASP A 105 16.02 0.35 31.98
C ASP A 105 14.49 0.48 32.04
N VAL A 106 14.04 1.63 32.54
CA VAL A 106 12.61 1.91 32.66
C VAL A 106 12.38 3.30 32.08
N VAL A 107 12.44 3.40 30.76
CA VAL A 107 12.24 4.67 30.07
C VAL A 107 10.94 5.35 30.43
N VAL A 108 11.05 6.49 31.10
CA VAL A 108 9.87 7.25 31.50
C VAL A 108 9.84 8.53 30.69
N THR A 109 8.84 8.67 29.83
CA THR A 109 8.73 9.87 29.00
C THR A 109 7.47 10.64 29.38
N ALA A 110 7.52 11.96 29.28
CA ALA A 110 6.37 12.80 29.60
C ALA A 110 5.26 12.48 28.61
N LYS A 111 4.01 12.68 29.02
CA LYS A 111 2.89 12.38 28.13
C LYS A 111 2.87 13.32 26.91
N TYR A 112 2.88 14.62 27.15
CA TYR A 112 2.86 15.59 26.07
C TYR A 112 4.25 16.24 25.88
N GLY A 113 4.38 17.07 24.84
CA GLY A 113 5.64 17.73 24.59
C GLY A 113 5.67 19.13 25.16
N GLY A 114 6.80 19.55 25.70
CA GLY A 114 6.88 20.89 26.27
C GLY A 114 7.72 20.97 27.54
N ILE A 115 8.14 22.18 27.89
CA ILE A 115 8.97 22.41 29.08
C ILE A 115 8.28 22.04 30.38
N VAL A 116 6.98 21.80 30.31
CA VAL A 116 6.30 21.43 31.53
C VAL A 116 6.75 20.04 31.95
N GLY A 117 7.19 19.23 30.98
CA GLY A 117 7.67 17.89 31.30
C GLY A 117 8.92 17.93 32.17
N ASN A 118 9.66 19.02 32.13
CA ASN A 118 10.88 19.13 32.90
C ASN A 118 10.64 19.35 34.37
N SER A 119 9.38 19.47 34.76
CA SER A 119 9.03 19.69 36.15
C SER A 119 8.55 18.38 36.74
N ILE A 120 8.50 17.36 35.89
CA ILE A 120 8.07 16.02 36.27
C ILE A 120 9.23 15.25 36.86
N THR A 121 8.95 14.53 37.94
CA THR A 121 9.98 13.76 38.61
C THR A 121 9.39 12.55 39.32
N ILE A 122 9.91 11.37 38.99
CA ILE A 122 9.46 10.11 39.60
C ILE A 122 10.36 9.62 40.72
N LYS A 123 9.74 9.35 41.87
CA LYS A 123 10.45 8.88 43.04
C LYS A 123 9.89 7.51 43.44
N VAL A 124 10.67 6.46 43.22
CA VAL A 124 10.23 5.11 43.56
C VAL A 124 10.84 4.60 44.86
N ASP A 125 9.95 4.25 45.81
CA ASP A 125 10.36 3.73 47.12
C ASP A 125 9.84 2.32 47.31
N GLU A 126 10.03 1.74 48.49
CA GLU A 126 9.55 0.39 48.75
C GLU A 126 8.22 0.48 49.50
N ASN A 127 7.33 -0.46 49.23
CA ASN A 127 6.02 -0.45 49.88
C ASN A 127 6.11 -0.88 51.35
N VAL A 128 5.48 -0.09 52.23
CA VAL A 128 5.49 -0.36 53.66
C VAL A 128 4.46 -1.41 54.06
N VAL A 129 3.37 -1.49 53.31
CA VAL A 129 2.30 -2.44 53.59
C VAL A 129 2.49 -3.74 52.79
N ASP A 130 3.70 -3.90 52.27
CA ASP A 130 4.04 -5.08 51.49
C ASP A 130 5.43 -4.88 50.88
N SER A 131 6.45 -5.25 51.64
CA SER A 131 7.83 -5.09 51.22
C SER A 131 8.15 -5.64 49.81
N SER A 132 7.25 -6.45 49.25
CA SER A 132 7.47 -7.02 47.91
C SER A 132 7.14 -6.04 46.77
N LYS A 133 6.44 -4.96 47.11
CA LYS A 133 6.06 -3.96 46.14
C LYS A 133 6.80 -2.63 46.34
N LYS A 134 6.67 -1.78 45.34
CA LYS A 134 7.30 -0.46 45.35
C LYS A 134 6.28 0.67 45.27
N ASP A 135 6.67 1.83 45.77
CA ASP A 135 5.81 3.00 45.76
C ASP A 135 6.29 4.01 44.70
N VAL A 136 5.90 3.78 43.45
CA VAL A 136 6.28 4.67 42.37
C VAL A 136 5.33 5.87 42.31
N THR A 137 5.84 7.05 42.62
CA THR A 137 4.99 8.24 42.59
C THR A 137 5.54 9.27 41.59
N THR A 138 4.66 10.06 41.01
CA THR A 138 5.08 11.06 40.06
C THR A 138 4.79 12.46 40.61
N TYR A 139 5.74 13.37 40.48
CA TYR A 139 5.55 14.72 40.97
C TYR A 139 5.56 15.75 39.86
N LEU A 140 4.89 16.87 40.10
CA LEU A 140 4.86 17.95 39.14
C LEU A 140 5.05 19.22 39.93
N ASN A 141 6.29 19.65 40.09
CA ASN A 141 6.59 20.86 40.83
C ASN A 141 6.52 20.57 42.32
N GLU A 142 7.10 19.44 42.72
CA GLU A 142 7.14 19.05 44.13
C GLU A 142 5.79 18.63 44.71
N VAL A 143 4.81 18.42 43.85
CA VAL A 143 3.48 18.00 44.30
C VAL A 143 3.08 16.74 43.58
N ALA A 144 2.77 15.70 44.36
CA ALA A 144 2.37 14.40 43.81
C ALA A 144 1.13 14.55 42.94
N VAL A 145 1.10 13.77 41.85
CA VAL A 145 -0.02 13.80 40.92
C VAL A 145 -0.41 12.40 40.48
N ASP A 146 0.37 11.41 40.87
CA ASP A 146 0.09 10.02 40.52
C ASP A 146 0.95 9.06 41.31
N LYS A 147 0.32 8.18 42.07
CA LYS A 147 1.08 7.22 42.85
C LYS A 147 0.58 5.82 42.55
N GLN A 148 1.50 4.93 42.20
CA GLN A 148 1.15 3.55 41.89
C GLN A 148 1.93 2.56 42.74
N VAL A 149 1.22 1.63 43.38
CA VAL A 149 1.85 0.60 44.22
C VAL A 149 1.89 -0.68 43.42
N VAL A 150 2.99 -0.87 42.68
CA VAL A 150 3.16 -2.06 41.84
C VAL A 150 4.33 -2.92 42.29
N GLY A 151 4.34 -4.16 41.81
CA GLY A 151 5.39 -5.12 42.13
C GLY A 151 6.40 -5.21 41.01
N THR A 152 5.91 -5.25 39.78
CA THR A 152 6.77 -5.33 38.58
C THR A 152 6.66 -4.08 37.70
N ALA A 153 7.66 -3.86 36.84
CA ALA A 153 7.67 -2.70 35.94
C ALA A 153 6.46 -2.71 35.03
N SER A 154 6.00 -3.90 34.70
CA SER A 154 4.83 -4.04 33.83
C SER A 154 3.55 -3.51 34.47
N GLU A 155 3.40 -3.69 35.78
CA GLU A 155 2.20 -3.23 36.49
C GLU A 155 2.00 -1.70 36.45
N LEU A 156 2.95 -0.99 35.84
CA LEU A 156 2.88 0.47 35.73
C LEU A 156 1.97 0.88 34.59
N ILE A 157 0.90 1.57 34.93
CA ILE A 157 -0.07 2.05 33.95
C ILE A 157 0.18 3.52 33.66
N ASP A 158 0.27 3.86 32.38
CA ASP A 158 0.51 5.24 31.96
C ASP A 158 -0.49 6.20 32.56
N SER A 159 -0.01 7.40 32.90
CA SER A 159 -0.85 8.42 33.50
C SER A 159 -0.87 9.65 32.63
N ASN A 160 -1.60 10.67 33.08
CA ASN A 160 -1.72 11.93 32.36
C ASN A 160 -0.46 12.74 32.52
N TYR A 161 0.61 12.08 32.98
CA TYR A 161 1.87 12.75 33.19
C TYR A 161 3.05 11.98 32.63
N VAL A 162 3.03 10.67 32.75
CA VAL A 162 4.15 9.87 32.25
C VAL A 162 3.75 8.67 31.40
N SER A 163 4.77 8.04 30.81
CA SER A 163 4.58 6.87 29.97
C SER A 163 5.74 5.94 30.19
N PHE A 164 5.48 4.86 30.88
CA PHE A 164 6.50 3.88 31.19
C PHE A 164 6.68 2.89 30.05
N LYS A 165 7.94 2.61 29.71
CA LYS A 165 8.29 1.66 28.65
C LYS A 165 9.02 0.44 29.22
N THR A 166 8.26 -0.62 29.48
CA THR A 166 8.79 -1.86 30.02
C THR A 166 9.57 -2.64 28.97
N THR A 167 10.83 -2.94 29.28
CA THR A 167 11.71 -3.70 28.38
C THR A 167 12.08 -5.05 29.02
N SER A 168 13.04 -5.75 28.41
CA SER A 168 13.48 -7.06 28.89
C SER A 168 14.23 -6.95 30.21
N THR A 169 15.30 -6.15 30.19
CA THR A 169 16.14 -5.92 31.35
C THR A 169 15.49 -4.99 32.39
N SER A 170 14.16 -4.97 32.42
CA SER A 170 13.45 -4.11 33.36
C SER A 170 13.50 -4.57 34.81
N GLU A 171 14.09 -3.73 35.65
CA GLU A 171 14.23 -3.99 37.07
C GLU A 171 13.95 -2.70 37.83
N LEU A 172 12.88 -2.71 38.61
CA LEU A 172 12.52 -1.53 39.36
C LEU A 172 13.34 -1.34 40.63
N GLN A 173 14.43 -0.58 40.52
CA GLN A 173 15.28 -0.31 41.66
C GLN A 173 14.77 0.96 42.36
N GLN A 174 14.90 1.01 43.67
CA GLN A 174 14.45 2.17 44.44
C GLN A 174 15.25 3.40 44.03
N SER A 175 14.59 4.54 43.90
CA SER A 175 15.26 5.78 43.52
C SER A 175 14.85 6.92 44.44
N SER A 176 15.81 7.74 44.85
CA SER A 176 15.54 8.86 45.72
C SER A 176 14.75 9.94 44.97
N GLY A 177 14.94 9.98 43.66
CA GLY A 177 14.23 10.97 42.88
C GLY A 177 14.89 11.33 41.57
N THR A 178 14.49 10.66 40.50
CA THR A 178 15.05 10.92 39.19
C THR A 178 14.12 11.80 38.38
N THR A 179 14.59 12.98 37.96
CA THR A 179 13.75 13.91 37.20
C THR A 179 13.90 13.87 35.69
N LEU A 180 12.82 14.12 34.95
CA LEU A 180 12.85 14.11 33.49
C LEU A 180 13.51 15.35 32.94
N VAL A 181 13.98 15.26 31.70
CA VAL A 181 14.67 16.38 31.08
C VAL A 181 14.65 16.29 29.56
N GLY A 182 14.84 17.44 28.91
CA GLY A 182 14.85 17.47 27.47
C GLY A 182 13.59 18.07 26.91
N GLY A 183 12.73 18.52 27.81
CA GLY A 183 11.48 19.10 27.40
C GLY A 183 11.68 20.45 26.75
N THR A 184 11.01 20.69 25.63
CA THR A 184 11.12 21.96 24.92
C THR A 184 9.91 22.19 24.07
N ASP A 185 9.60 23.46 23.80
CA ASP A 185 8.48 23.77 22.92
C ASP A 185 8.92 24.64 21.76
N GLN A 186 8.63 24.18 20.55
CA GLN A 186 8.99 24.90 19.34
C GLN A 186 8.05 26.07 19.16
N PRO A 187 8.61 27.24 18.82
CA PRO A 187 7.86 28.48 18.59
C PRO A 187 6.68 28.28 17.62
N VAL A 188 5.71 29.18 17.74
CA VAL A 188 4.52 29.10 16.90
C VAL A 188 4.81 29.50 15.45
N THR A 189 4.47 28.63 14.50
CA THR A 189 4.67 28.92 13.09
C THR A 189 3.33 29.34 12.48
N ASN A 190 3.37 30.19 11.46
CA ASN A 190 2.14 30.61 10.82
C ASN A 190 1.34 29.43 10.31
N LEU A 191 2.00 28.30 10.12
CA LEU A 191 1.32 27.11 9.67
C LEU A 191 0.34 26.63 10.73
N ASP A 192 0.75 26.77 11.99
CA ASP A 192 -0.05 26.35 13.13
C ASP A 192 -1.38 27.05 13.16
N TYR A 193 -1.40 28.34 12.84
CA TYR A 193 -2.66 29.07 12.82
C TYR A 193 -3.60 28.52 11.75
N THR A 194 -3.05 27.95 10.68
CA THR A 194 -3.88 27.40 9.65
C THR A 194 -4.53 26.14 10.21
N GLN A 195 -3.73 25.31 10.85
CA GLN A 195 -4.23 24.08 11.44
C GLN A 195 -5.30 24.32 12.50
N PHE A 196 -5.19 25.47 13.16
CA PHE A 196 -6.14 25.89 14.20
C PHE A 196 -7.51 26.06 13.54
N LEU A 197 -7.54 26.75 12.40
CA LEU A 197 -8.80 26.96 11.69
C LEU A 197 -9.39 25.65 11.20
N VAL A 198 -8.53 24.65 10.98
CA VAL A 198 -8.98 23.35 10.50
C VAL A 198 -9.63 22.59 11.62
N SER A 199 -9.02 22.63 12.80
CA SER A 199 -9.59 21.93 13.94
C SER A 199 -10.79 22.69 14.42
N ALA A 200 -10.83 23.98 14.12
CA ALA A 200 -11.96 24.78 14.57
C ALA A 200 -13.26 24.30 13.94
N GLU A 201 -13.17 23.58 12.83
CA GLU A 201 -14.37 23.09 12.17
C GLU A 201 -15.11 22.07 12.99
N GLY A 202 -14.39 21.31 13.80
CA GLY A 202 -15.04 20.29 14.58
C GLY A 202 -15.35 20.66 16.01
N GLU A 203 -15.55 21.97 16.24
CA GLU A 203 -15.84 22.45 17.59
C GLU A 203 -17.05 23.35 17.63
N TYR A 204 -17.79 23.30 18.74
CA TYR A 204 -18.97 24.11 18.90
C TYR A 204 -18.64 25.31 19.75
N PHE A 205 -18.56 26.49 19.13
CA PHE A 205 -18.23 27.73 19.84
C PHE A 205 -19.04 28.85 19.25
N ASP A 206 -19.15 29.95 19.97
CA ASP A 206 -19.91 31.08 19.48
C ASP A 206 -19.03 32.04 18.70
N THR A 207 -17.87 32.33 19.26
CA THR A 207 -16.95 33.26 18.62
C THR A 207 -15.58 32.65 18.54
N ILE A 208 -14.83 33.03 17.50
CA ILE A 208 -13.47 32.53 17.33
C ILE A 208 -12.55 33.74 17.24
N ALA A 209 -11.47 33.69 18.01
CA ALA A 209 -10.50 34.79 18.05
C ALA A 209 -9.29 34.48 17.21
N PHE A 210 -8.79 35.50 16.52
CA PHE A 210 -7.61 35.31 15.70
C PHE A 210 -6.61 36.41 16.09
N PRO A 211 -5.94 36.23 17.25
CA PRO A 211 -4.96 37.17 17.77
C PRO A 211 -3.65 37.17 17.01
N VAL A 212 -3.73 37.00 15.71
CA VAL A 212 -2.53 36.97 14.89
C VAL A 212 -1.93 38.37 14.77
N SER A 213 -0.60 38.43 14.76
CA SER A 213 0.13 39.68 14.63
C SER A 213 -0.25 40.42 13.34
N SER A 214 -0.34 41.75 13.41
CA SER A 214 -0.72 42.56 12.25
C SER A 214 0.23 42.40 11.05
N SER A 215 1.35 41.73 11.27
CA SER A 215 2.33 41.51 10.23
C SER A 215 1.73 40.78 9.04
N ASP A 216 1.68 39.46 9.13
CA ASP A 216 1.17 38.64 8.04
C ASP A 216 -0.29 38.89 7.66
N VAL A 217 -0.47 39.49 6.49
CA VAL A 217 -1.80 39.80 5.97
C VAL A 217 -2.48 38.60 5.38
N ALA A 218 -1.70 37.70 4.78
CA ALA A 218 -2.25 36.49 4.20
C ALA A 218 -3.11 35.75 5.22
N LEU A 219 -2.53 35.45 6.39
CA LEU A 219 -3.23 34.75 7.45
C LEU A 219 -4.57 35.40 7.73
N LYS A 220 -4.57 36.67 8.08
CA LYS A 220 -5.79 37.37 8.36
C LYS A 220 -6.80 37.12 7.25
N THR A 221 -6.34 37.12 6.01
CA THR A 221 -7.25 36.89 4.90
C THR A 221 -7.81 35.47 4.91
N SER A 222 -6.94 34.50 5.06
CA SER A 222 -7.36 33.10 5.11
C SER A 222 -8.29 32.87 6.29
N PHE A 223 -8.19 33.73 7.30
CA PHE A 223 -9.04 33.61 8.49
C PHE A 223 -10.43 34.07 8.11
N VAL A 224 -10.50 35.25 7.52
CA VAL A 224 -11.78 35.80 7.10
C VAL A 224 -12.50 34.83 6.18
N SER A 225 -11.74 34.13 5.34
CA SER A 225 -12.32 33.15 4.40
C SER A 225 -12.91 32.01 5.19
N PHE A 226 -12.14 31.51 6.16
CA PHE A 226 -12.61 30.45 7.01
C PHE A 226 -13.97 30.79 7.61
N VAL A 227 -14.10 32.00 8.12
CA VAL A 227 -15.36 32.40 8.72
C VAL A 227 -16.47 32.48 7.68
N LYS A 228 -16.15 33.04 6.51
CA LYS A 228 -17.13 33.16 5.44
C LYS A 228 -17.71 31.80 5.10
N ARG A 229 -16.86 30.79 5.01
CA ARG A 229 -17.32 29.45 4.71
C ARG A 229 -18.23 28.94 5.79
N ARG A 231 -19.98 30.20 7.91
CA ARG A 231 -21.28 30.83 7.95
C ARG A 231 -22.11 30.64 6.69
N ASP A 232 -21.67 31.22 5.60
CA ASP A 232 -22.41 31.16 4.36
C ASP A 232 -22.29 29.89 3.55
N GLU A 233 -21.53 28.93 4.03
CA GLU A 233 -21.36 27.69 3.28
C GLU A 233 -21.76 26.45 4.08
N GLN A 234 -21.35 26.41 5.34
CA GLN A 234 -21.67 25.28 6.20
C GLN A 234 -22.91 25.55 7.02
N GLY A 235 -23.33 26.80 7.04
CA GLY A 235 -24.54 27.16 7.77
C GLY A 235 -24.33 27.45 9.24
N VAL A 236 -23.08 27.38 9.71
CA VAL A 236 -22.80 27.66 11.13
C VAL A 236 -22.46 29.13 11.28
N LYS A 237 -23.42 29.90 11.80
CA LYS A 237 -23.25 31.35 11.95
C LYS A 237 -22.38 31.74 13.14
N ILE A 238 -21.07 31.76 12.98
CA ILE A 238 -20.17 32.11 14.06
C ILE A 238 -19.57 33.50 13.83
N LYS A 239 -18.90 34.06 14.83
CA LYS A 239 -18.28 35.38 14.69
C LYS A 239 -16.77 35.26 14.77
N GLY A 240 -16.08 36.07 13.98
CA GLY A 240 -14.63 36.06 14.01
C GLY A 240 -14.11 37.41 14.47
N VAL A 241 -12.97 37.42 15.15
CA VAL A 241 -12.41 38.68 15.63
C VAL A 241 -10.94 38.81 15.28
N VAL A 242 -10.62 39.79 14.43
CA VAL A 242 -9.23 40.07 14.05
C VAL A 242 -8.94 41.54 14.19
N ALA A 243 -7.67 41.88 14.30
CA ALA A 243 -7.30 43.28 14.43
C ALA A 243 -6.91 43.90 13.11
N ASN A 244 -7.41 45.11 12.86
CA ASN A 244 -7.11 45.85 11.64
C ASN A 244 -7.21 44.90 10.47
N PRO A 246 -10.28 45.10 7.64
CA PRO A 246 -11.59 45.45 7.12
C PRO A 246 -12.11 44.41 6.15
N ALA A 247 -12.61 43.31 6.67
CA ALA A 247 -13.16 42.23 5.84
C ALA A 247 -14.49 42.59 5.20
N ASP A 248 -15.04 43.76 5.54
CA ASP A 248 -16.30 44.18 4.98
C ASP A 248 -17.26 42.98 4.95
N TYR A 249 -17.34 42.26 6.06
CA TYR A 249 -18.22 41.10 6.17
C TYR A 249 -18.91 41.14 7.54
N GLU A 250 -20.21 40.90 7.59
CA GLU A 250 -20.93 40.97 8.86
C GLU A 250 -20.58 39.85 9.83
N GLY A 251 -19.68 38.96 9.42
CA GLY A 251 -19.28 37.87 10.28
C GLY A 251 -17.97 38.10 10.97
N ILE A 252 -17.34 39.25 10.72
CA ILE A 252 -16.06 39.57 11.33
C ILE A 252 -16.10 40.89 12.09
N ILE A 253 -15.46 40.93 13.25
CA ILE A 253 -15.40 42.17 14.02
C ILE A 253 -13.98 42.69 13.76
N ASN A 254 -13.87 43.96 13.36
CA ASN A 254 -12.57 44.54 13.07
C ASN A 254 -12.08 45.40 14.24
N VAL A 255 -11.29 44.83 15.13
CA VAL A 255 -10.78 45.58 16.27
C VAL A 255 -9.81 46.64 15.75
N ARG A 256 -10.00 47.88 16.19
CA ARG A 256 -9.13 48.96 15.74
C ARG A 256 -7.96 49.26 16.65
N ASN A 257 -8.26 49.66 17.87
CA ASN A 257 -7.19 50.00 18.82
C ASN A 257 -7.05 49.03 19.95
N GLY A 258 -6.07 49.25 20.80
CA GLY A 258 -5.82 48.37 21.93
C GLY A 258 -6.08 49.08 23.25
N VAL A 259 -5.59 48.52 24.35
CA VAL A 259 -5.78 49.15 25.65
C VAL A 259 -4.57 48.98 26.54
N THR A 260 -4.62 49.60 27.72
CA THR A 260 -3.56 49.50 28.71
C THR A 260 -4.19 49.11 30.04
N LEU A 261 -3.71 48.02 30.63
CA LEU A 261 -4.24 47.53 31.88
C LEU A 261 -3.70 48.30 33.06
N ARG A 262 -4.35 48.13 34.21
CA ARG A 262 -3.95 48.80 35.42
C ARG A 262 -2.47 48.58 35.76
N ASP A 263 -1.99 47.34 35.62
CA ASP A 263 -0.60 47.05 35.93
C ASP A 263 0.35 47.69 34.93
N GLY A 264 -0.18 48.46 33.99
CA GLY A 264 0.66 49.11 33.00
C GLY A 264 0.92 48.34 31.72
N THR A 265 0.50 47.08 31.70
CA THR A 265 0.71 46.25 30.52
C THR A 265 -0.02 46.85 29.33
N ILE A 266 0.66 46.86 28.18
CA ILE A 266 0.08 47.41 26.96
C ILE A 266 -0.39 46.27 26.08
N LEU A 267 -1.66 46.33 25.67
CA LEU A 267 -2.23 45.30 24.81
C LEU A 267 -2.51 45.87 23.43
N GLU A 268 -1.80 45.34 22.43
CA GLU A 268 -1.99 45.77 21.06
C GLU A 268 -3.34 45.28 20.58
N PRO A 269 -3.94 45.97 19.60
CA PRO A 269 -5.25 45.52 19.13
C PRO A 269 -5.30 44.03 18.81
N HIS A 270 -4.26 43.47 18.21
CA HIS A 270 -4.31 42.06 17.89
C HIS A 270 -4.42 41.20 19.13
N GLN A 271 -4.23 41.82 20.30
CA GLN A 271 -4.33 41.10 21.59
C GLN A 271 -5.70 41.40 22.18
N VAL A 272 -6.15 42.62 22.02
CA VAL A 272 -7.44 43.01 22.52
C VAL A 272 -8.53 42.11 21.95
N VAL A 273 -8.28 41.53 20.76
CA VAL A 273 -9.29 40.65 20.16
C VAL A 273 -9.73 39.57 21.15
N ALA A 274 -8.79 39.08 21.93
CA ALA A 274 -9.09 38.06 22.91
C ALA A 274 -10.25 38.50 23.78
N TRP A 275 -10.18 39.72 24.34
CA TRP A 275 -11.28 40.22 25.16
C TRP A 275 -12.56 40.35 24.31
N VAL A 276 -12.47 41.14 23.24
CA VAL A 276 -13.60 41.39 22.34
C VAL A 276 -14.28 40.09 21.96
N ALA A 277 -13.49 39.03 21.79
CA ALA A 277 -14.07 37.74 21.43
C ALA A 277 -15.02 37.36 22.54
N GLY A 278 -14.52 37.35 23.76
CA GLY A 278 -15.35 36.98 24.88
C GLY A 278 -16.48 37.95 25.04
N ALA A 279 -16.25 39.19 24.68
CA ALA A 279 -17.30 40.19 24.81
C ALA A 279 -18.49 39.88 23.88
N ASP A 280 -18.21 39.52 22.64
CA ASP A 280 -19.24 39.19 21.66
C ASP A 280 -19.87 37.85 21.97
N ALA A 281 -19.06 36.92 22.45
CA ALA A 281 -19.56 35.61 22.75
C ALA A 281 -20.48 35.57 23.96
N SER A 282 -20.31 36.50 24.88
CA SER A 282 -21.14 36.51 26.08
C SER A 282 -22.37 37.39 25.95
N ALA A 283 -22.34 38.31 25.01
CA ALA A 283 -23.46 39.23 24.83
C ALA A 283 -24.82 38.54 24.70
N SER A 284 -25.81 39.11 25.36
CA SER A 284 -27.17 38.60 25.33
C SER A 284 -27.89 39.05 24.06
N LEU A 286 -30.67 40.41 24.06
CA LEU A 286 -31.37 41.64 24.41
C LEU A 286 -30.43 42.82 24.58
N LYS A 287 -29.20 42.56 25.02
CA LYS A 287 -28.22 43.61 25.25
C LYS A 287 -27.07 43.65 24.24
N SER A 288 -26.73 44.85 23.82
CA SER A 288 -25.65 45.10 22.90
C SER A 288 -24.36 45.23 23.72
N ASN A 289 -23.25 45.55 23.05
CA ASN A 289 -21.99 45.72 23.74
C ASN A 289 -21.47 47.18 23.75
N THR A 290 -22.35 48.16 23.40
CA THR A 290 -22.02 49.61 23.37
C THR A 290 -21.93 50.17 24.76
N PHE A 291 -20.87 50.86 25.08
CA PHE A 291 -20.75 51.31 26.45
C PHE A 291 -20.41 50.17 27.40
N VAL A 292 -19.87 49.08 26.88
CA VAL A 292 -19.49 48.01 27.78
C VAL A 292 -18.06 48.30 28.22
N LYS A 293 -17.81 48.25 29.51
CA LYS A 293 -16.49 48.55 30.00
C LYS A 293 -15.52 47.36 29.89
N TYR A 294 -14.27 47.67 29.59
CA TYR A 294 -13.24 46.66 29.49
C TYR A 294 -12.60 46.59 30.87
N ASP A 295 -13.15 45.75 31.75
CA ASP A 295 -12.66 45.61 33.10
C ASP A 295 -11.15 45.42 33.14
N GLY A 296 -10.47 46.20 33.95
CA GLY A 296 -9.02 46.06 34.05
C GLY A 296 -8.20 47.01 33.20
N ALA A 297 -8.85 47.70 32.28
CA ALA A 297 -8.16 48.64 31.41
C ALA A 297 -8.33 50.05 31.92
N ILE A 298 -7.21 50.74 32.05
CA ILE A 298 -7.18 52.11 32.55
C ILE A 298 -7.06 53.13 31.41
N ASP A 299 -6.79 52.67 30.19
CA ASP A 299 -6.70 53.60 29.08
C ASP A 299 -6.69 52.89 27.74
N ALA A 300 -7.26 53.55 26.76
CA ALA A 300 -7.32 52.99 25.42
C ALA A 300 -6.15 53.51 24.62
N THR A 301 -5.24 52.62 24.26
CA THR A 301 -4.09 53.03 23.48
C THR A 301 -4.03 52.35 22.15
N PRO A 302 -4.05 53.14 21.06
CA PRO A 302 -4.10 54.60 21.08
C PRO A 302 -5.53 55.10 21.25
N ARG A 303 -5.67 56.39 21.51
CA ARG A 303 -6.99 57.01 21.65
C ARG A 303 -7.37 57.60 20.30
N LEU A 304 -8.66 57.82 20.07
CA LEU A 304 -9.12 58.40 18.81
C LEU A 304 -9.96 59.65 19.05
N ALA A 305 -9.63 60.72 18.33
CA ALA A 305 -10.33 61.98 18.44
C ALA A 305 -11.75 61.79 17.89
N ASN A 306 -12.65 62.70 18.21
CA ASN A 306 -14.02 62.58 17.74
C ASN A 306 -14.12 62.30 16.24
N ASP A 307 -13.38 63.04 15.45
CA ASP A 307 -13.41 62.86 14.02
C ASP A 307 -12.82 61.51 13.60
N GLU A 308 -11.76 61.06 14.27
CA GLU A 308 -11.16 59.78 13.94
C GLU A 308 -12.12 58.66 14.29
N ALA A 309 -12.75 58.78 15.46
CA ALA A 309 -13.68 57.77 15.92
C ALA A 309 -14.87 57.72 14.99
N GLU A 310 -15.53 58.85 14.82
CA GLU A 310 -16.67 58.91 13.94
C GLU A 310 -16.27 58.31 12.60
N GLU A 311 -15.04 58.61 12.18
CA GLU A 311 -14.50 58.10 10.93
C GLU A 311 -14.45 56.57 11.00
N ALA A 312 -13.77 56.06 12.03
CA ALA A 312 -13.62 54.63 12.24
C ALA A 312 -14.95 53.89 12.20
N LEU A 313 -15.92 54.34 12.98
CA LEU A 313 -17.21 53.70 13.01
C LEU A 313 -17.80 53.63 11.62
N GLN A 314 -17.62 54.70 10.86
CA GLN A 314 -18.14 54.77 9.51
C GLN A 314 -17.57 53.65 8.65
N ASN A 315 -16.37 53.20 9.02
CA ASN A 315 -15.69 52.14 8.27
C ASN A 315 -15.87 50.77 8.89
N GLY A 316 -16.83 50.65 9.80
CA GLY A 316 -17.07 49.37 10.45
C GLY A 316 -15.94 48.91 11.36
N GLU A 317 -15.43 49.80 12.20
CA GLU A 317 -14.35 49.45 13.09
C GLU A 317 -14.80 49.38 14.55
N PHE A 318 -14.36 48.33 15.25
CA PHE A 318 -14.69 48.13 16.65
C PHE A 318 -13.68 48.93 17.46
N VAL A 319 -14.07 50.10 17.95
CA VAL A 319 -13.17 50.96 18.69
C VAL A 319 -13.43 51.09 20.18
N LEU A 320 -12.37 51.27 20.96
CA LEU A 320 -12.51 51.42 22.40
C LEU A 320 -12.16 52.86 22.75
N THR A 321 -12.99 53.51 23.55
CA THR A 321 -12.67 54.89 23.92
C THR A 321 -12.56 55.04 25.45
N PHE A 322 -11.63 55.89 25.86
CA PHE A 322 -11.41 56.12 27.28
C PHE A 322 -12.25 57.29 27.78
N ASP A 323 -13.05 57.07 28.80
CA ASP A 323 -13.87 58.15 29.35
C ASP A 323 -13.15 58.68 30.59
N ALA A 324 -12.50 59.84 30.44
CA ALA A 324 -11.77 60.44 31.55
C ALA A 324 -12.66 60.80 32.73
N ARG A 325 -13.95 60.95 32.47
CA ARG A 325 -14.90 61.28 33.51
C ARG A 325 -14.97 60.17 34.57
N ASP A 326 -15.36 58.98 34.13
CA ASP A 326 -15.51 57.80 34.99
C ASP A 326 -14.18 57.02 35.06
N LYS A 327 -13.19 57.48 34.30
CA LYS A 327 -11.87 56.86 34.22
C LYS A 327 -11.95 55.36 33.97
N ALA A 328 -12.52 55.00 32.82
CA ALA A 328 -12.69 53.61 32.39
C ALA A 328 -12.83 53.56 30.87
N VAL A 329 -12.41 52.47 30.25
CA VAL A 329 -12.53 52.36 28.80
C VAL A 329 -13.72 51.48 28.42
N TYR A 330 -14.41 51.87 27.37
CA TYR A 330 -15.59 51.13 26.93
C TYR A 330 -15.71 51.05 25.42
N VAL A 331 -16.60 50.18 24.97
CA VAL A 331 -16.84 49.97 23.55
C VAL A 331 -17.64 51.12 22.92
N GLU A 332 -17.12 51.73 21.86
CA GLU A 332 -17.84 52.83 21.21
C GLU A 332 -19.12 52.40 20.52
N GLN A 333 -19.10 51.24 19.88
CA GLN A 333 -20.29 50.72 19.21
C GLN A 333 -20.05 49.30 18.76
N ASP A 334 -20.96 48.41 19.12
CA ASP A 334 -20.85 47.01 18.77
C ASP A 334 -21.17 46.79 17.30
N LEU A 335 -20.17 47.01 16.45
CA LEU A 335 -20.30 46.88 14.99
C LEU A 335 -19.39 45.84 14.39
N ASN A 336 -19.62 45.49 13.14
CA ASN A 336 -18.77 44.52 12.47
C ASN A 336 -18.20 45.15 11.19
N SER A 337 -17.26 44.45 10.56
CA SER A 337 -16.59 44.94 9.37
C SER A 337 -17.45 45.28 8.18
N LEU A 338 -18.70 44.83 8.19
CA LEU A 338 -19.59 45.10 7.08
C LEU A 338 -19.83 46.59 6.84
N THR A 339 -19.55 47.06 5.63
CA THR A 339 -19.73 48.45 5.27
C THR A 339 -20.57 48.52 4.00
N THR A 340 -20.18 47.71 3.01
CA THR A 340 -20.88 47.68 1.73
C THR A 340 -22.24 47.04 1.81
N PHE A 341 -23.27 47.83 2.05
CA PHE A 341 -24.61 47.26 2.17
C PHE A 341 -25.36 47.06 0.85
N SER A 342 -26.65 46.74 0.93
CA SER A 342 -27.44 46.50 -0.28
C SER A 342 -28.90 46.18 -0.04
N LYS A 343 -29.58 45.88 -1.12
CA LYS A 343 -30.99 45.53 -1.11
C LYS A 343 -31.19 44.27 -0.29
N GLU A 344 -30.38 43.27 -0.63
CA GLU A 344 -30.34 41.93 -0.03
C GLU A 344 -30.17 41.98 1.51
N LYS A 345 -29.06 42.54 1.95
CA LYS A 345 -28.76 42.68 3.35
C LYS A 345 -28.48 44.14 3.59
N SER A 346 -29.44 44.78 4.27
CA SER A 346 -29.36 46.19 4.57
C SER A 346 -28.21 46.62 5.50
N SER A 347 -28.20 47.90 5.84
CA SER A 347 -27.19 48.42 6.71
C SER A 347 -27.41 47.86 8.07
N LYS A 348 -28.66 47.59 8.41
CA LYS A 348 -28.92 47.06 9.74
C LYS A 348 -27.97 45.93 10.18
N PHE A 349 -27.50 45.15 9.23
CA PHE A 349 -26.61 44.02 9.49
C PHE A 349 -25.24 44.32 10.10
N ARG A 350 -24.86 45.59 10.15
CA ARG A 350 -23.58 45.98 10.70
C ARG A 350 -23.72 46.03 12.21
N LYS A 351 -24.90 46.41 12.70
CA LYS A 351 -25.12 46.48 14.13
C LYS A 351 -25.24 45.07 14.70
N ASN A 352 -24.27 44.70 15.53
CA ASN A 352 -24.22 43.36 16.13
C ASN A 352 -25.45 42.90 16.85
N LYS A 353 -26.16 43.83 17.48
CA LYS A 353 -27.37 43.45 18.21
C LYS A 353 -28.35 42.77 17.26
N ILE A 354 -28.66 43.45 16.17
CA ILE A 354 -29.57 42.94 15.18
C ILE A 354 -29.03 41.63 14.62
N SER A 355 -27.71 41.56 14.44
CA SER A 355 -27.11 40.36 13.89
C SER A 355 -27.16 39.15 14.84
N ARG A 356 -26.83 39.36 16.12
CA ARG A 356 -26.86 38.29 17.15
C ARG A 356 -28.25 37.62 17.18
N ILE A 357 -29.30 38.43 17.05
CA ILE A 357 -30.65 37.88 17.05
C ILE A 357 -30.77 36.98 15.84
N LEU A 358 -30.60 37.58 14.67
CA LEU A 358 -30.69 36.84 13.41
C LEU A 358 -29.79 35.60 13.40
N ASP A 359 -28.47 35.79 13.51
CA ASP A 359 -27.61 34.63 13.52
C ASP A 359 -28.18 33.56 14.47
N GLY A 360 -28.33 33.92 15.73
CA GLY A 360 -28.85 32.99 16.72
C GLY A 360 -30.04 32.21 16.23
N ILE A 361 -31.08 32.94 15.87
CA ILE A 361 -32.33 32.35 15.38
C ILE A 361 -32.02 31.23 14.41
N ASN A 362 -31.40 31.59 13.30
CA ASN A 362 -31.02 30.63 12.28
C ASN A 362 -30.30 29.45 12.87
N ASN A 363 -29.21 29.72 13.59
CA ASN A 363 -28.42 28.67 14.23
C ASN A 363 -29.30 27.71 14.98
N ASP A 364 -30.15 28.23 15.86
CA ASP A 364 -31.03 27.37 16.64
C ASP A 364 -32.04 26.67 15.76
N THR A 365 -32.53 27.35 14.73
CA THR A 365 -33.51 26.74 13.87
C THR A 365 -33.02 25.41 13.33
N ARG A 366 -31.76 25.41 12.90
CA ARG A 366 -31.16 24.21 12.31
C ARG A 366 -30.79 23.14 13.31
N ARG A 367 -30.31 23.54 14.48
CA ARG A 367 -29.92 22.56 15.46
C ARG A 367 -31.14 21.98 16.12
N ASN A 368 -32.12 22.81 16.47
CA ASN A 368 -33.35 22.32 17.12
C ASN A 368 -34.07 21.35 16.23
N ILE A 369 -34.00 21.57 14.93
CA ILE A 369 -34.65 20.65 14.00
C ILE A 369 -33.90 19.34 13.91
N LEU A 370 -32.58 19.42 13.84
CA LEU A 370 -31.75 18.23 13.77
C LEU A 370 -31.92 17.37 15.01
N ASP A 371 -31.98 18.00 16.17
CA ASP A 371 -32.16 17.27 17.42
C ASP A 371 -33.44 16.47 17.38
N ALA A 372 -34.53 17.12 17.00
CA ALA A 372 -35.83 16.47 16.92
C ALA A 372 -35.76 15.31 15.95
N ILE A 373 -35.06 15.50 14.84
CA ILE A 373 -34.91 14.44 13.85
C ILE A 373 -34.27 13.24 14.50
N LYS A 374 -33.01 13.40 14.95
CA LYS A 374 -32.25 12.32 15.56
C LYS A 374 -32.76 11.91 16.93
N GLU A 375 -33.86 12.49 17.36
CA GLU A 375 -34.40 12.12 18.65
C GLU A 375 -35.63 11.28 18.38
N ARG A 376 -36.38 11.67 17.37
CA ARG A 376 -37.58 10.94 16.98
C ARG A 376 -37.15 9.61 16.37
N LYS A 377 -35.91 9.57 15.88
CA LYS A 377 -35.35 8.38 15.28
C LYS A 377 -34.99 7.36 16.37
N ASP A 378 -34.57 7.87 17.54
CA ASP A 378 -34.20 7.03 18.68
C ASP A 378 -35.39 6.37 19.33
N ALA A 379 -36.59 6.85 18.99
CA ALA A 379 -37.80 6.28 19.52
C ALA A 379 -38.45 5.46 18.44
N ASN A 380 -37.77 5.38 17.30
CA ASN A 380 -38.25 4.62 16.15
C ASN A 380 -39.53 5.23 15.57
N THR A 381 -39.61 6.57 15.60
CA THR A 381 -40.77 7.29 15.08
C THR A 381 -40.30 8.39 14.13
N ASP A 382 -39.26 8.09 13.36
CA ASP A 382 -38.69 9.05 12.44
C ASP A 382 -39.70 10.03 11.86
N ILE A 383 -39.35 11.31 11.87
CA ILE A 383 -40.21 12.35 11.34
C ILE A 383 -40.37 12.17 9.83
N PRO A 384 -41.56 11.79 9.37
CA PRO A 384 -41.81 11.58 7.94
C PRO A 384 -41.62 12.81 7.06
N ALA A 385 -41.24 12.58 5.81
CA ALA A 385 -41.02 13.69 4.87
C ALA A 385 -42.30 13.99 4.12
N ASP A 386 -43.41 14.10 4.84
CA ASP A 386 -44.72 14.40 4.24
C ASP A 386 -45.30 15.64 4.87
N GLU A 387 -46.62 15.80 4.82
CA GLU A 387 -47.29 16.97 5.38
C GLU A 387 -47.31 16.92 6.91
N ASN A 388 -47.40 15.72 7.49
CA ASN A 388 -47.42 15.59 8.95
C ASN A 388 -46.07 15.96 9.55
N GLY A 389 -45.01 15.66 8.82
CA GLY A 389 -43.69 15.99 9.29
C GLY A 389 -43.54 17.49 9.31
N VAL A 390 -43.92 18.13 8.21
CA VAL A 390 -43.83 19.59 8.08
C VAL A 390 -44.60 20.27 9.21
N GLN A 391 -45.87 19.94 9.35
CA GLN A 391 -46.69 20.54 10.39
C GLN A 391 -46.02 20.41 11.73
N PHE A 392 -45.52 19.23 12.03
CA PHE A 392 -44.88 19.01 13.31
C PHE A 392 -43.78 20.03 13.54
N ILE A 393 -42.82 20.07 12.63
CA ILE A 393 -41.71 21.01 12.73
C ILE A 393 -42.21 22.44 12.80
N LEU A 394 -43.15 22.79 11.94
CA LEU A 394 -43.71 24.15 11.95
C LEU A 394 -44.21 24.50 13.34
N SER A 395 -45.03 23.62 13.89
CA SER A 395 -45.58 23.84 15.21
C SER A 395 -44.47 24.03 16.22
N GLN A 397 -41.07 25.06 15.70
CA GLN A 397 -40.36 26.31 15.51
C GLN A 397 -41.21 27.46 15.97
N THR A 398 -42.52 27.35 15.73
CA THR A 398 -43.42 28.41 16.14
C THR A 398 -43.30 28.63 17.65
N ALA A 399 -43.33 27.57 18.44
CA ALA A 399 -43.21 27.70 19.88
C ALA A 399 -41.94 28.48 20.18
N TYR A 400 -40.86 28.13 19.50
CA TYR A 400 -39.58 28.79 19.68
C TYR A 400 -39.72 30.27 19.39
N LEU A 401 -40.18 30.59 18.18
CA LEU A 401 -40.37 31.96 17.76
C LEU A 401 -41.18 32.77 18.76
N ASN A 402 -42.33 32.25 19.15
CA ASN A 402 -43.16 32.96 20.12
C ASN A 402 -42.40 33.22 21.40
N GLU A 403 -41.65 32.23 21.86
CA GLU A 403 -40.88 32.39 23.07
C GLU A 403 -39.96 33.59 22.95
N LEU A 404 -39.28 33.72 21.82
CA LEU A 404 -38.39 34.84 21.61
C LEU A 404 -39.14 36.16 21.66
N GLN A 405 -40.40 36.15 21.27
CA GLN A 405 -41.17 37.38 21.29
C GLN A 405 -41.48 37.75 22.73
N ASP A 406 -41.92 36.76 23.49
CA ASP A 406 -42.29 36.96 24.89
C ASP A 406 -41.11 37.43 25.72
N SER A 407 -39.94 36.87 25.45
CA SER A 407 -38.75 37.26 26.19
C SER A 407 -38.29 38.64 25.73
N GLY A 408 -38.94 39.17 24.71
CA GLY A 408 -38.60 40.50 24.21
C GLY A 408 -37.41 40.60 23.28
N ALA A 409 -37.16 39.54 22.51
CA ALA A 409 -36.04 39.51 21.59
C ALA A 409 -36.48 39.95 20.22
N ILE A 410 -37.70 39.59 19.84
CA ILE A 410 -38.25 39.95 18.55
C ILE A 410 -39.68 40.41 18.73
N THR A 411 -40.13 41.30 17.85
CA THR A 411 -41.50 41.82 17.92
C THR A 411 -42.22 41.68 16.59
N ASN A 412 -43.53 41.91 16.63
CA ASN A 412 -44.38 41.84 15.45
C ASN A 412 -44.30 40.49 14.73
N PHE A 413 -44.33 39.42 15.50
CA PHE A 413 -44.27 38.07 14.92
C PHE A 413 -45.67 37.52 14.70
N ASP A 414 -46.05 37.33 13.43
CA ASP A 414 -47.36 36.81 13.10
C ASP A 414 -47.29 35.34 12.71
N SER A 415 -47.70 34.49 13.64
CA SER A 415 -47.69 33.03 13.43
C SER A 415 -48.26 32.66 12.08
N THR A 416 -48.94 33.61 11.44
CA THR A 416 -49.55 33.36 10.14
C THR A 416 -48.60 33.51 8.97
N ALA A 417 -48.37 34.74 8.55
CA ALA A 417 -47.49 34.98 7.40
C ALA A 417 -46.11 35.47 7.81
N ASP A 418 -45.41 34.66 8.58
CA ASP A 418 -44.06 35.00 9.03
C ASP A 418 -43.21 33.74 9.15
N ILE A 419 -43.85 32.59 9.14
CA ILE A 419 -43.14 31.32 9.27
C ILE A 419 -43.82 30.28 8.39
N THR A 420 -43.05 29.61 7.54
CA THR A 420 -43.59 28.57 6.66
C THR A 420 -42.61 27.41 6.52
N VAL A 421 -43.13 26.19 6.44
CA VAL A 421 -42.26 25.02 6.29
C VAL A 421 -42.72 24.15 5.12
N SER A 422 -41.77 23.58 4.39
CA SER A 422 -42.11 22.76 3.26
C SER A 422 -41.11 21.63 3.00
N LEU A 423 -41.29 20.91 1.90
CA LEU A 423 -40.40 19.82 1.56
C LEU A 423 -39.24 20.23 0.64
N ASN A 424 -38.13 19.55 0.83
CA ASN A 424 -36.89 19.78 0.11
C ASN A 424 -36.92 19.56 -1.41
N ASN A 425 -38.11 19.51 -2.01
CA ASN A 425 -38.22 19.27 -3.47
C ASN A 425 -37.78 17.86 -3.85
N ASN A 426 -36.97 17.26 -2.97
CA ASN A 426 -36.46 15.91 -3.13
C ASN A 426 -37.09 15.14 -1.98
N VAL A 427 -38.06 15.79 -1.33
CA VAL A 427 -38.77 15.21 -0.20
C VAL A 427 -37.85 14.39 0.73
N ASP A 428 -36.65 14.93 0.97
CA ASP A 428 -35.68 14.29 1.85
C ASP A 428 -35.19 15.27 2.91
N GLY A 429 -35.86 16.40 3.00
CA GLY A 429 -35.49 17.40 3.98
C GLY A 429 -36.55 18.48 4.11
N PHE A 430 -36.39 19.34 5.11
CA PHE A 430 -37.35 20.42 5.34
C PHE A 430 -36.72 21.77 5.10
N ILE A 431 -37.53 22.67 4.54
CA ILE A 431 -37.08 24.02 4.25
C ILE A 431 -37.93 24.90 5.16
N VAL A 432 -37.27 25.76 5.93
CA VAL A 432 -37.97 26.66 6.84
C VAL A 432 -37.70 28.11 6.52
N ASN A 433 -38.75 28.80 6.06
CA ASN A 433 -38.64 30.20 5.71
C ASN A 433 -39.30 31.02 6.81
N GLN A 434 -38.66 32.12 7.19
CA GLN A 434 -39.20 32.95 8.25
C GLN A 434 -38.74 34.39 8.19
N SER A 435 -39.64 35.31 8.51
CA SER A 435 -39.34 36.74 8.52
C SER A 435 -39.43 37.22 9.95
N ILE A 436 -38.28 37.45 10.55
CA ILE A 436 -38.23 37.89 11.93
C ILE A 436 -37.82 39.35 12.00
N GLU A 437 -38.20 40.03 13.09
CA GLU A 437 -37.86 41.42 13.28
C GLU A 437 -37.25 41.65 14.66
N PRO A 438 -35.93 41.93 14.72
CA PRO A 438 -35.23 42.17 15.99
C PRO A 438 -35.78 43.41 16.67
N VAL A 439 -36.02 43.31 17.97
CA VAL A 439 -36.56 44.41 18.75
C VAL A 439 -36.48 45.80 18.13
N ASP A 440 -35.39 46.50 18.40
CA ASP A 440 -35.23 47.85 17.91
C ASP A 440 -34.66 47.95 16.50
N SER A 441 -35.51 47.83 15.49
CA SER A 441 -35.08 47.92 14.10
C SER A 441 -36.31 47.75 13.24
N GLY A 442 -36.91 48.86 12.82
CA GLY A 442 -38.09 48.77 11.98
C GLY A 442 -37.86 48.08 10.65
N GLU A 443 -37.69 46.76 10.67
CA GLU A 443 -37.48 46.00 9.45
C GLU A 443 -37.48 44.50 9.71
N LYS A 444 -38.33 43.79 8.97
CA LYS A 444 -38.42 42.35 9.11
C LYS A 444 -37.42 41.77 8.13
N PHE A 445 -36.62 40.81 8.59
CA PHE A 445 -35.63 40.20 7.71
C PHE A 445 -36.08 38.82 7.27
N TYR A 446 -35.77 38.46 6.04
CA TYR A 446 -36.16 37.16 5.51
C TYR A 446 -35.02 36.18 5.64
N PHE A 447 -35.32 35.05 6.27
CA PHE A 447 -34.34 34.00 6.50
C PHE A 447 -34.90 32.64 6.10
N THR A 448 -34.10 31.85 5.41
CA THR A 448 -34.53 30.53 4.99
C THR A 448 -33.46 29.50 5.29
N THR A 449 -33.79 28.53 6.14
CA THR A 449 -32.85 27.49 6.51
C THR A 449 -33.33 26.13 6.03
N GLU A 450 -32.43 25.33 5.47
CA GLU A 450 -32.81 24.01 5.01
C GLU A 450 -32.17 22.94 5.89
N VAL A 451 -32.98 21.97 6.31
CA VAL A 451 -32.49 20.90 7.17
C VAL A 451 -32.73 19.56 6.52
N LYS A 452 -31.68 18.78 6.37
CA LYS A 452 -31.79 17.48 5.73
C LYS A 452 -31.87 16.32 6.72
N LEU A 453 -32.92 15.51 6.55
CA LEU A 453 -33.19 14.35 7.40
C LEU A 453 -32.01 13.44 7.67
N GLU A 454 -31.07 13.38 6.73
CA GLU A 454 -29.89 12.55 6.89
C GLU A 454 -28.60 13.26 6.44
N HIS A 455 -27.84 13.77 7.42
CA HIS A 455 -26.58 14.48 7.14
C HIS A 455 -25.36 13.62 7.51
N TYR B 19 47.84 62.53 19.42
CA TYR B 19 48.03 62.86 17.97
C TYR B 19 47.77 61.60 17.16
N THR B 20 48.18 60.46 17.73
CA THR B 20 48.00 59.16 17.10
C THR B 20 46.54 58.75 17.25
N ASN B 21 45.65 59.73 17.35
CA ASN B 21 44.20 59.48 17.48
C ASN B 21 43.33 60.61 16.92
N PHE B 22 43.82 61.85 17.01
CA PHE B 22 43.06 62.98 16.50
C PHE B 22 42.96 62.93 14.95
N LYS B 23 44.11 62.83 14.28
CA LYS B 23 44.12 62.75 12.80
C LYS B 23 43.51 61.44 12.31
N ALA B 24 43.31 60.52 13.25
CA ALA B 24 42.71 59.22 12.95
C ALA B 24 41.20 59.41 12.81
N ALA B 25 40.56 59.83 13.90
CA ALA B 25 39.12 60.05 13.90
C ALA B 25 38.74 60.95 12.73
N ALA B 26 39.63 61.86 12.37
CA ALA B 26 39.39 62.79 11.28
C ALA B 26 39.29 62.05 9.96
N ALA B 27 40.00 60.92 9.90
CA ALA B 27 40.01 60.08 8.71
C ALA B 27 38.79 59.16 8.67
N GLU B 28 38.41 58.61 9.82
CA GLU B 28 37.25 57.73 9.90
C GLU B 28 36.05 58.44 9.29
N ARG B 29 35.90 59.72 9.61
CA ARG B 29 34.79 60.52 9.11
C ARG B 29 34.77 60.71 7.60
N THR B 30 35.83 60.25 6.93
CA THR B 30 35.98 60.36 5.48
C THR B 30 36.31 59.01 4.82
N LYS B 31 36.65 58.03 5.64
CA LYS B 31 36.98 56.69 5.16
C LYS B 31 35.71 55.84 5.12
N ALA B 32 35.60 55.06 4.03
CA ALA B 32 34.46 54.18 3.82
C ALA B 32 34.61 52.94 4.68
N GLY B 33 33.53 52.17 4.79
CA GLY B 33 33.56 50.95 5.58
C GLY B 33 32.90 51.10 6.93
N GLU B 34 32.68 49.96 7.60
CA GLU B 34 32.06 49.90 8.91
C GLU B 34 32.31 51.18 9.70
N ARG B 35 31.24 51.69 10.32
CA ARG B 35 31.31 52.93 11.09
C ARG B 35 30.02 53.25 11.85
N GLY B 36 30.16 53.96 12.96
CA GLY B 36 28.99 54.32 13.72
C GLY B 36 28.40 53.24 14.59
N THR B 37 27.74 53.65 15.65
CA THR B 37 27.10 52.71 16.55
C THR B 37 25.70 53.24 16.90
N VAL B 38 24.69 52.40 16.77
CA VAL B 38 23.32 52.84 17.07
C VAL B 38 22.69 52.09 18.23
N ALA B 39 22.03 52.85 19.11
CA ALA B 39 21.35 52.26 20.25
C ALA B 39 19.97 51.82 19.80
N LEU B 40 19.66 50.59 20.17
CA LEU B 40 18.41 49.94 19.84
C LEU B 40 17.68 49.41 21.05
N PRO B 41 16.44 49.83 21.21
CA PRO B 41 15.64 49.39 22.35
C PRO B 41 14.88 48.17 21.90
N LEU B 42 15.30 47.01 22.37
CA LEU B 42 14.61 45.78 22.00
C LEU B 42 14.17 45.07 23.23
N ALA B 43 13.36 44.05 23.05
CA ALA B 43 12.90 43.29 24.18
C ALA B 43 13.50 41.91 23.99
N ALA B 44 14.33 41.46 24.93
CA ALA B 44 14.93 40.15 24.77
C ALA B 44 14.49 39.17 25.84
N SER B 45 14.82 37.89 25.66
CA SER B 45 14.44 36.90 26.64
C SER B 45 15.61 36.45 27.47
N TRP B 46 16.58 37.34 27.62
CA TRP B 46 17.75 37.03 28.41
C TRP B 46 18.64 38.26 28.46
N GLY B 47 19.24 38.54 29.60
CA GLY B 47 20.09 39.69 29.61
C GLY B 47 20.04 40.50 30.87
N ALA B 48 20.98 41.42 30.96
CA ALA B 48 21.08 42.26 32.11
C ALA B 48 19.77 42.89 32.56
N ALA B 49 18.91 43.28 31.62
CA ALA B 49 17.64 43.89 31.99
C ALA B 49 17.87 45.32 32.50
N LYS B 50 17.31 46.28 31.78
CA LYS B 50 17.47 47.68 32.14
C LYS B 50 18.91 48.10 31.87
N GLU B 51 19.62 47.33 31.06
CA GLU B 51 21.01 47.64 30.73
C GLU B 51 21.33 47.36 29.28
N PHE B 52 22.36 48.02 28.77
CA PHE B 52 22.78 47.87 27.40
C PHE B 52 23.70 46.67 27.19
N VAL B 53 23.86 46.29 25.93
CA VAL B 53 24.70 45.17 25.52
C VAL B 53 25.26 45.57 24.18
N GLU B 54 26.57 45.51 24.09
CA GLU B 54 27.25 45.90 22.88
C GLU B 54 27.50 44.71 21.97
N ILE B 55 27.06 44.79 20.73
CA ILE B 55 27.28 43.69 19.84
C ILE B 55 27.87 44.18 18.54
N ASN B 56 28.88 43.48 18.04
CA ASN B 56 29.57 43.85 16.80
C ASN B 56 29.66 42.63 15.88
N LYS B 57 29.69 41.45 16.48
CA LYS B 57 29.77 40.21 15.72
C LYS B 57 28.57 39.36 16.04
N GLU B 58 28.12 38.59 15.07
CA GLU B 58 26.97 37.72 15.27
C GLU B 58 27.07 36.90 16.56
N GLU B 59 28.25 36.35 16.83
CA GLU B 59 28.49 35.55 18.03
C GLU B 59 28.07 36.30 19.29
N ASP B 60 28.36 37.59 19.32
CA ASP B 60 28.00 38.43 20.46
C ASP B 60 26.53 38.28 20.83
N VAL B 61 25.67 38.28 19.81
CA VAL B 61 24.25 38.16 20.03
C VAL B 61 23.88 36.97 20.88
N GLU B 62 24.27 35.79 20.43
CA GLU B 62 23.95 34.57 21.14
C GLU B 62 24.61 34.49 22.51
N LYS B 63 25.89 34.84 22.57
CA LYS B 63 26.62 34.76 23.82
C LYS B 63 26.09 35.71 24.89
N LYS B 64 25.57 36.85 24.47
CA LYS B 64 25.08 37.86 25.40
C LYS B 64 23.57 37.84 25.61
N LEU B 65 22.83 37.35 24.62
CA LEU B 65 21.38 37.33 24.72
C LEU B 65 20.76 35.95 24.63
N GLY B 66 21.61 34.92 24.61
CA GLY B 66 21.13 33.54 24.57
C GLY B 66 20.50 32.99 23.30
N LEU B 67 20.28 33.81 22.29
CA LEU B 67 19.67 33.31 21.08
C LEU B 67 20.53 33.59 19.88
N SER B 68 20.20 32.97 18.75
CA SER B 68 20.95 33.19 17.51
C SER B 68 20.49 34.48 16.86
N LEU B 69 21.40 35.18 16.22
CA LEU B 69 21.07 36.43 15.56
C LEU B 69 19.99 36.21 14.50
N ALA B 70 19.85 34.97 14.07
CA ALA B 70 18.86 34.61 13.05
C ALA B 70 17.46 34.45 13.64
N HIS B 71 17.38 34.42 14.97
CA HIS B 71 16.11 34.28 15.67
C HIS B 71 15.17 35.43 15.27
N GLN B 72 13.88 35.22 15.49
CA GLN B 72 12.86 36.19 15.15
C GLN B 72 12.86 37.38 16.12
N SER B 73 13.46 37.20 17.28
CA SER B 73 13.50 38.25 18.29
C SER B 73 14.39 39.39 17.84
N PHE B 74 15.33 39.09 16.96
CA PHE B 74 16.27 40.10 16.52
C PHE B 74 16.06 40.67 15.15
N LEU B 75 14.81 40.71 14.71
CA LEU B 75 14.51 41.25 13.39
C LEU B 75 15.12 42.63 13.24
N LEU B 76 14.65 43.56 14.06
CA LEU B 76 15.14 44.93 14.00
C LEU B 76 16.67 45.01 14.15
N LEU B 77 17.24 44.21 15.05
CA LEU B 77 18.67 44.19 15.24
C LEU B 77 19.40 43.93 13.93
N ARG B 78 19.00 42.87 13.23
CA ARG B 78 19.64 42.54 11.95
C ARG B 78 19.56 43.72 10.98
N GLU B 79 18.37 44.32 10.87
CA GLU B 79 18.17 45.45 9.97
C GLU B 79 19.08 46.62 10.32
N THR B 80 19.40 46.77 11.59
CA THR B 80 20.27 47.86 12.02
C THR B 80 21.69 47.54 11.59
N LEU B 81 22.09 46.31 11.86
CA LEU B 81 23.41 45.81 11.54
C LEU B 81 23.70 45.82 10.03
N LYS B 82 22.67 46.00 9.21
CA LYS B 82 22.87 46.02 7.78
C LYS B 82 23.86 47.08 7.36
N LEU B 83 23.93 48.17 8.11
CA LEU B 83 24.86 49.25 7.77
C LEU B 83 25.64 49.73 8.99
N ALA B 84 25.11 49.47 10.18
CA ALA B 84 25.80 49.91 11.40
C ALA B 84 26.90 48.93 11.81
N LYS B 85 28.03 49.46 12.24
CA LYS B 85 29.13 48.63 12.66
C LYS B 85 28.87 48.04 14.03
N THR B 86 28.35 48.87 14.91
CA THR B 86 28.07 48.43 16.27
C THR B 86 26.65 48.78 16.66
N VAL B 87 26.02 47.91 17.44
CA VAL B 87 24.65 48.19 17.89
C VAL B 87 24.60 47.96 19.40
N LEU B 88 24.14 48.99 20.11
CA LEU B 88 24.03 48.94 21.56
C LEU B 88 22.60 48.62 21.87
N VAL B 89 22.29 47.32 21.96
CA VAL B 89 20.94 46.86 22.25
C VAL B 89 20.62 46.97 23.75
N TYR B 90 19.49 47.59 24.05
CA TYR B 90 19.02 47.78 25.42
C TYR B 90 17.85 46.86 25.70
N ARG B 91 17.95 46.05 26.76
CA ARG B 91 16.85 45.16 27.08
C ARG B 91 15.73 45.93 27.75
N LEU B 92 14.63 46.12 27.03
CA LEU B 92 13.46 46.82 27.54
C LEU B 92 12.80 46.04 28.66
N ASN B 93 12.51 44.77 28.43
CA ASN B 93 11.83 43.96 29.41
C ASN B 93 12.71 43.29 30.44
N ASP B 94 12.14 42.25 31.04
CA ASP B 94 12.78 41.44 32.06
C ASP B 94 11.90 40.21 32.25
N GLY B 95 12.14 39.42 33.29
CA GLY B 95 11.29 38.25 33.50
C GLY B 95 11.70 37.36 34.68
N ILE B 96 10.88 36.36 34.96
CA ILE B 96 11.13 35.42 36.05
C ILE B 96 12.39 34.59 35.76
N LYS B 97 13.19 34.31 36.80
CA LYS B 97 14.40 33.52 36.58
C LYS B 97 14.12 32.04 36.76
N ALA B 98 14.50 31.23 35.77
CA ALA B 98 14.29 29.78 35.83
C ALA B 98 15.01 29.22 37.04
N THR B 99 14.41 28.24 37.70
CA THR B 99 15.01 27.64 38.88
C THR B 99 14.93 26.14 38.84
N ALA B 100 15.48 25.51 39.89
CA ALA B 100 15.47 24.06 40.03
C ALA B 100 16.34 23.71 41.24
N THR B 101 16.04 22.58 41.88
CA THR B 101 16.81 22.14 43.04
C THR B 101 17.68 20.94 42.66
N LEU B 102 18.99 21.14 42.69
CA LEU B 102 19.92 20.09 42.33
C LEU B 102 20.16 19.09 43.47
N ALA B 103 20.40 17.83 43.10
CA ALA B 103 20.66 16.75 44.05
C ALA B 103 19.96 16.94 45.39
N THR B 104 20.68 17.48 46.36
CA THR B 104 20.12 17.71 47.69
C THR B 104 20.26 19.15 48.13
N ASP B 105 19.14 19.86 48.15
CA ASP B 105 19.09 21.25 48.56
C ASP B 105 20.22 22.11 47.97
N VAL B 106 20.23 22.22 46.65
CA VAL B 106 21.22 23.00 45.94
C VAL B 106 20.48 23.87 44.92
N VAL B 107 19.77 24.88 45.42
CA VAL B 107 19.01 25.78 44.58
C VAL B 107 19.84 26.38 43.44
N VAL B 108 19.50 26.01 42.21
CA VAL B 108 20.21 26.54 41.05
C VAL B 108 19.27 27.44 40.28
N THR B 109 19.58 28.74 40.27
CA THR B 109 18.74 29.69 39.56
C THR B 109 19.49 30.28 38.38
N ALA B 110 18.77 30.59 37.30
CA ALA B 110 19.38 31.17 36.11
C ALA B 110 19.93 32.55 36.50
N LYS B 111 20.94 33.01 35.78
CA LYS B 111 21.52 34.31 36.09
C LYS B 111 20.54 35.45 35.80
N TYR B 112 20.02 35.50 34.57
CA TYR B 112 19.08 36.55 34.19
C TYR B 112 17.66 36.01 34.11
N GLY B 113 16.70 36.88 33.89
CA GLY B 113 15.31 36.47 33.80
C GLY B 113 14.87 36.29 32.37
N GLY B 114 14.06 35.26 32.11
CA GLY B 114 13.59 35.03 30.75
C GLY B 114 13.52 33.57 30.37
N ILE B 115 12.75 33.27 29.32
CA ILE B 115 12.55 31.90 28.86
C ILE B 115 13.82 31.23 28.44
N VAL B 116 14.90 31.99 28.29
CA VAL B 116 16.13 31.36 27.88
C VAL B 116 16.65 30.49 29.03
N GLY B 117 16.26 30.81 30.26
CA GLY B 117 16.71 30.04 31.39
C GLY B 117 16.13 28.65 31.37
N ASN B 118 15.02 28.45 30.67
CA ASN B 118 14.39 27.13 30.62
C ASN B 118 15.12 26.16 29.72
N SER B 119 16.19 26.63 29.07
CA SER B 119 16.98 25.80 28.18
C SER B 119 18.24 25.37 28.92
N ILE B 120 18.39 25.89 30.13
CA ILE B 120 19.53 25.58 30.97
C ILE B 120 19.29 24.26 31.71
N THR B 121 20.34 23.45 31.80
CA THR B 121 20.22 22.17 32.47
C THR B 121 21.56 21.69 33.06
N ILE B 122 21.56 21.43 34.36
CA ILE B 122 22.77 20.97 35.05
C ILE B 122 22.83 19.47 35.24
N LYS B 123 23.94 18.89 34.82
CA LYS B 123 24.16 17.44 34.93
C LYS B 123 25.41 17.20 35.76
N VAL B 124 25.22 16.70 36.98
CA VAL B 124 26.34 16.44 37.87
C VAL B 124 26.75 14.96 37.92
N ASP B 125 28.00 14.68 37.55
CA ASP B 125 28.53 13.31 37.56
C ASP B 125 29.69 13.20 38.55
N GLU B 126 30.34 12.05 38.57
CA GLU B 126 31.47 11.87 39.47
C GLU B 126 32.77 12.07 38.70
N ASN B 127 33.77 12.64 39.35
CA ASN B 127 35.05 12.90 38.72
C ASN B 127 35.83 11.60 38.50
N VAL B 128 36.32 11.43 37.27
CA VAL B 128 37.10 10.24 36.89
C VAL B 128 38.57 10.33 37.33
N VAL B 129 39.10 11.55 37.38
CA VAL B 129 40.49 11.78 37.77
C VAL B 129 40.59 12.02 39.28
N ASP B 130 39.51 11.72 39.99
CA ASP B 130 39.47 11.91 41.44
C ASP B 130 38.05 11.62 41.93
N SER B 131 37.81 10.35 42.22
CA SER B 131 36.51 9.90 42.67
C SER B 131 35.89 10.72 43.83
N SER B 132 36.70 11.54 44.49
CA SER B 132 36.20 12.34 45.61
C SER B 132 35.46 13.61 45.15
N LYS B 133 35.67 13.96 43.88
CA LYS B 133 35.04 15.14 43.31
C LYS B 133 33.93 14.81 42.31
N LYS B 134 33.17 15.83 41.94
CA LYS B 134 32.06 15.68 41.01
C LYS B 134 32.26 16.57 39.78
N ASP B 135 31.62 16.18 38.70
CA ASP B 135 31.68 16.91 37.44
C ASP B 135 30.35 17.64 37.17
N VAL B 136 30.19 18.80 37.79
CA VAL B 136 28.99 19.60 37.60
C VAL B 136 29.14 20.42 36.32
N THR B 137 28.31 20.13 35.33
CA THR B 137 28.37 20.87 34.06
C THR B 137 27.03 21.53 33.76
N THR B 138 27.08 22.67 33.07
CA THR B 138 25.85 23.36 32.76
C THR B 138 25.66 23.39 31.25
N TYR B 139 24.44 23.09 30.80
CA TYR B 139 24.16 23.08 29.37
C TYR B 139 23.16 24.14 28.97
N LEU B 140 23.23 24.56 27.72
CA LEU B 140 22.30 25.56 27.19
C LEU B 140 21.92 25.07 25.81
N ASN B 141 20.84 24.29 25.73
CA ASN B 141 20.39 23.76 24.46
C ASN B 141 21.24 22.60 24.05
N GLU B 142 21.51 21.72 25.01
CA GLU B 142 22.30 20.52 24.75
C GLU B 142 23.78 20.77 24.45
N VAL B 143 24.24 21.98 24.74
CA VAL B 143 25.66 22.31 24.52
C VAL B 143 26.26 22.88 25.80
N ALA B 144 27.31 22.24 26.29
CA ALA B 144 27.98 22.66 27.50
C ALA B 144 28.45 24.09 27.39
N VAL B 145 28.39 24.82 28.50
CA VAL B 145 28.81 26.21 28.55
C VAL B 145 29.58 26.51 29.82
N ASP B 146 29.62 25.55 30.74
CA ASP B 146 30.35 25.74 32.00
C ASP B 146 30.50 24.43 32.71
N LYS B 147 31.74 24.03 32.98
CA LYS B 147 31.97 22.79 33.69
C LYS B 147 32.88 23.03 34.88
N GLN B 148 32.45 22.58 36.06
CA GLN B 148 33.22 22.77 37.26
C GLN B 148 33.48 21.46 37.98
N VAL B 149 34.75 21.20 38.30
CA VAL B 149 35.14 19.98 39.01
C VAL B 149 35.36 20.34 40.47
N VAL B 150 34.30 20.23 41.27
CA VAL B 150 34.37 20.57 42.68
C VAL B 150 34.12 19.36 43.59
N GLY B 151 34.47 19.51 44.87
CA GLY B 151 34.27 18.44 45.83
C GLY B 151 33.05 18.71 46.68
N THR B 152 32.87 19.97 47.09
CA THR B 152 31.74 20.37 47.91
C THR B 152 30.82 21.38 47.17
N ALA B 153 29.59 21.52 47.65
CA ALA B 153 28.61 22.45 47.06
C ALA B 153 29.13 23.89 47.11
N SER B 154 29.91 24.19 48.14
CA SER B 154 30.46 25.52 48.29
C SER B 154 31.46 25.89 47.19
N GLU B 155 32.23 24.90 46.73
CA GLU B 155 33.24 25.12 45.67
C GLU B 155 32.66 25.54 44.32
N LEU B 156 31.33 25.62 44.26
CA LEU B 156 30.64 26.03 43.04
C LEU B 156 30.61 27.53 42.92
N ILE B 157 31.23 28.03 41.85
CA ILE B 157 31.32 29.45 41.57
C ILE B 157 30.28 29.83 40.51
N ASP B 158 29.47 30.84 40.81
CA ASP B 158 28.44 31.29 39.89
C ASP B 158 29.02 31.58 38.50
N SER B 159 28.25 31.26 37.47
CA SER B 159 28.69 31.50 36.10
C SER B 159 27.73 32.44 35.40
N ASN B 160 27.97 32.69 34.12
CA ASN B 160 27.14 33.58 33.32
C ASN B 160 25.85 32.88 32.91
N TYR B 161 25.56 31.78 33.60
CA TYR B 161 24.39 31.00 33.31
C TYR B 161 23.61 30.61 34.55
N VAL B 162 24.32 30.25 35.61
CA VAL B 162 23.64 29.84 36.84
C VAL B 162 24.12 30.50 38.12
N SER B 163 23.38 30.25 39.20
CA SER B 163 23.72 30.79 40.50
C SER B 163 23.37 29.76 41.55
N PHE B 164 24.40 29.14 42.10
CA PHE B 164 24.23 28.12 43.10
C PHE B 164 24.07 28.72 44.48
N LYS B 165 23.10 28.20 45.25
CA LYS B 165 22.83 28.66 46.61
C LYS B 165 23.12 27.55 47.62
N THR B 166 24.31 27.60 48.20
CA THR B 166 24.74 26.61 49.18
C THR B 166 24.05 26.82 50.54
N THR B 167 23.38 25.78 51.03
CA THR B 167 22.67 25.83 52.31
C THR B 167 23.32 24.86 53.30
N SER B 168 22.67 24.66 54.45
CA SER B 168 23.17 23.76 55.49
C SER B 168 23.14 22.29 55.05
N THR B 169 21.94 21.83 54.67
CA THR B 169 21.71 20.45 54.24
C THR B 169 22.23 20.20 52.82
N SER B 170 23.22 20.97 52.38
CA SER B 170 23.78 20.83 51.04
C SER B 170 24.59 19.57 50.85
N GLU B 171 24.13 18.73 49.93
CA GLU B 171 24.79 17.48 49.61
C GLU B 171 24.73 17.28 48.10
N LEU B 172 25.89 17.28 47.46
CA LEU B 172 25.95 17.13 46.02
C LEU B 172 25.80 15.69 45.55
N GLN B 173 24.55 15.29 45.28
CA GLN B 173 24.27 13.94 44.78
C GLN B 173 24.37 13.94 43.26
N GLN B 174 24.84 12.84 42.69
CA GLN B 174 24.99 12.73 41.25
C GLN B 174 23.60 12.81 40.62
N SER B 175 23.49 13.51 39.49
CA SER B 175 22.23 13.64 38.77
C SER B 175 22.43 13.38 37.28
N SER B 176 21.48 12.65 36.68
CA SER B 176 21.54 12.34 35.26
C SER B 176 21.28 13.60 34.44
N GLY B 177 20.53 14.54 35.02
CA GLY B 177 20.26 15.77 34.32
C GLY B 177 18.99 16.47 34.74
N THR B 178 19.13 17.41 35.65
CA THR B 178 17.98 18.17 36.13
C THR B 178 17.92 19.53 35.42
N THR B 179 16.81 19.80 34.75
CA THR B 179 16.66 21.07 34.03
C THR B 179 15.88 22.18 34.78
N LEU B 180 16.25 23.44 34.55
CA LEU B 180 15.59 24.56 35.20
C LEU B 180 14.24 24.83 34.57
N VAL B 181 13.38 25.50 35.31
CA VAL B 181 12.05 25.80 34.82
C VAL B 181 11.43 27.01 35.54
N GLY B 182 10.44 27.64 34.91
CA GLY B 182 9.78 28.78 35.52
C GLY B 182 10.19 30.07 34.86
N GLY B 183 11.04 29.96 33.85
CA GLY B 183 11.49 31.15 33.17
C GLY B 183 10.41 31.77 32.32
N THR B 184 10.28 33.10 32.42
CA THR B 184 9.28 33.83 31.67
C THR B 184 9.72 35.26 31.45
N ASP B 185 9.21 35.89 30.40
CA ASP B 185 9.53 37.29 30.16
C ASP B 185 8.26 38.10 30.03
N GLN B 186 8.17 39.15 30.85
CA GLN B 186 7.01 40.03 30.86
C GLN B 186 7.06 40.97 29.68
N PRO B 187 5.91 41.15 29.02
CA PRO B 187 5.79 42.02 27.84
C PRO B 187 6.32 43.42 28.08
N VAL B 188 6.75 44.05 26.99
CA VAL B 188 7.32 45.38 27.05
C VAL B 188 6.24 46.42 27.40
N THR B 189 6.48 47.19 28.45
CA THR B 189 5.55 48.23 28.86
C THR B 189 6.07 49.59 28.37
N ASN B 190 5.16 50.54 28.11
CA ASN B 190 5.59 51.86 27.64
C ASN B 190 6.54 52.49 28.64
N LEU B 191 6.51 52.02 29.88
CA LEU B 191 7.41 52.57 30.88
C LEU B 191 8.85 52.22 30.54
N ASP B 192 9.04 51.00 30.05
CA ASP B 192 10.37 50.51 29.69
C ASP B 192 11.06 51.41 28.66
N TYR B 193 10.29 51.94 27.72
CA TYR B 193 10.86 52.80 26.71
C TYR B 193 11.35 54.09 27.34
N THR B 194 10.75 54.47 28.45
CA THR B 194 11.18 55.69 29.10
C THR B 194 12.53 55.40 29.76
N GLN B 195 12.60 54.28 30.46
CA GLN B 195 13.83 53.87 31.11
C GLN B 195 15.00 53.74 30.12
N PHE B 196 14.68 53.32 28.91
CA PHE B 196 15.66 53.15 27.83
C PHE B 196 16.30 54.51 27.57
N LEU B 197 15.49 55.55 27.46
CA LEU B 197 16.01 56.89 27.20
C LEU B 197 16.86 57.40 28.36
N VAL B 198 16.60 56.87 29.53
CA VAL B 198 17.34 57.28 30.71
C VAL B 198 18.72 56.64 30.71
N SER B 199 18.77 55.36 30.38
CA SER B 199 20.03 54.65 30.34
C SER B 199 20.80 55.11 29.13
N ALA B 200 20.08 55.61 28.14
CA ALA B 200 20.73 56.07 26.92
C ALA B 200 21.67 57.22 27.21
N GLU B 201 21.45 57.93 28.33
CA GLU B 201 22.30 59.07 28.66
C GLU B 201 23.72 58.66 28.99
N GLY B 202 23.90 57.46 29.52
CA GLY B 202 25.23 57.03 29.89
C GLY B 202 25.91 56.16 28.86
N GLU B 203 25.57 56.34 27.59
CA GLU B 203 26.14 55.52 26.53
C GLU B 203 26.65 56.38 25.39
N TYR B 204 27.72 55.93 24.76
CA TYR B 204 28.29 56.67 23.63
C TYR B 204 27.83 56.03 22.32
N PHE B 205 26.93 56.70 21.62
CA PHE B 205 26.41 56.18 20.35
C PHE B 205 26.23 57.35 19.39
N ASP B 206 26.11 57.05 18.11
CA ASP B 206 25.93 58.10 17.12
C ASP B 206 24.45 58.38 16.90
N THR B 207 23.68 57.31 16.75
CA THR B 207 22.27 57.44 16.50
C THR B 207 21.47 56.58 17.44
N ILE B 208 20.27 57.02 17.76
CA ILE B 208 19.40 56.27 18.65
C ILE B 208 18.07 56.02 17.94
N ALA B 209 17.64 54.76 17.95
CA ALA B 209 16.40 54.38 17.27
C ALA B 209 15.27 54.26 18.25
N PHE B 210 14.09 54.70 17.82
CA PHE B 210 12.93 54.62 18.68
C PHE B 210 11.82 53.95 17.85
N PRO B 211 11.93 52.62 17.70
CA PRO B 211 10.99 51.80 16.94
C PRO B 211 9.64 51.64 17.65
N VAL B 212 9.20 52.68 18.33
CA VAL B 212 7.92 52.60 19.03
C VAL B 212 6.74 52.61 18.05
N SER B 213 5.73 51.83 18.39
CA SER B 213 4.51 51.74 17.58
C SER B 213 3.87 53.12 17.39
N SER B 214 3.32 53.37 16.20
CA SER B 214 2.71 54.67 15.91
C SER B 214 1.52 55.02 16.82
N SER B 215 1.09 54.07 17.64
CA SER B 215 -0.01 54.27 18.55
C SER B 215 0.26 55.42 19.51
N ASP B 216 0.95 55.12 20.60
CA ASP B 216 1.27 56.12 21.62
C ASP B 216 2.07 57.31 21.14
N VAL B 217 1.40 58.46 21.06
CA VAL B 217 2.03 59.70 20.61
C VAL B 217 2.87 60.31 21.71
N ALA B 218 2.43 60.16 22.95
CA ALA B 218 3.15 60.70 24.09
C ALA B 218 4.61 60.26 24.06
N LEU B 219 4.83 58.96 23.97
CA LEU B 219 6.18 58.41 23.91
C LEU B 219 7.02 59.12 22.86
N LYS B 220 6.55 59.07 21.62
CA LYS B 220 7.25 59.72 20.54
C LYS B 220 7.64 61.13 20.92
N THR B 221 6.75 61.83 21.62
CA THR B 221 7.04 63.20 22.03
C THR B 221 8.12 63.26 23.07
N SER B 222 8.01 62.42 24.08
CA SER B 222 9.02 62.39 25.14
C SER B 222 10.36 61.97 24.55
N PHE B 223 10.32 61.26 23.43
CA PHE B 223 11.54 60.81 22.78
C PHE B 223 12.19 62.01 22.15
N VAL B 224 11.42 62.74 21.36
CA VAL B 224 11.95 63.92 20.71
C VAL B 224 12.55 64.88 21.73
N SER B 225 11.93 64.98 22.91
CA SER B 225 12.43 65.86 23.97
C SER B 225 13.78 65.37 24.43
N PHE B 226 13.86 64.08 24.68
CA PHE B 226 15.11 63.49 25.10
C PHE B 226 16.25 63.90 24.17
N VAL B 227 15.99 63.82 22.86
CA VAL B 227 17.02 64.17 21.89
C VAL B 227 17.35 65.65 21.94
N LYS B 228 16.32 66.46 22.04
CA LYS B 228 16.55 67.90 22.10
C LYS B 228 17.48 68.24 23.26
N ARG B 229 17.25 67.62 24.42
CA ARG B 229 18.11 67.89 25.56
C ARG B 229 19.52 67.46 25.25
N ARG B 231 21.16 67.08 22.82
CA ARG B 231 21.85 67.94 21.85
C ARG B 231 22.04 69.36 22.30
N ASP B 232 20.93 70.08 22.40
CA ASP B 232 20.98 71.48 22.75
C ASP B 232 21.14 71.80 24.22
N GLU B 233 21.24 70.79 25.06
CA GLU B 233 21.37 71.03 26.49
C GLU B 233 22.62 70.39 27.10
N GLN B 234 22.89 69.14 26.72
CA GLN B 234 24.05 68.44 27.24
C GLN B 234 25.23 68.58 26.30
N GLY B 235 24.96 69.09 25.11
CA GLY B 235 26.01 69.29 24.13
C GLY B 235 26.37 68.06 23.31
N VAL B 236 25.66 66.95 23.55
CA VAL B 236 25.91 65.71 22.79
C VAL B 236 25.04 65.66 21.54
N LYS B 237 25.62 66.02 20.40
CA LYS B 237 24.87 66.06 19.15
C LYS B 237 24.59 64.68 18.54
N ILE B 238 23.51 64.04 19.00
CA ILE B 238 23.16 62.71 18.50
C ILE B 238 21.95 62.79 17.58
N LYS B 239 21.64 61.72 16.85
CA LYS B 239 20.49 61.72 15.94
C LYS B 239 19.45 60.73 16.44
N GLY B 240 18.18 61.09 16.27
CA GLY B 240 17.10 60.22 16.70
C GLY B 240 16.28 59.81 15.51
N VAL B 241 15.72 58.61 15.53
CA VAL B 241 14.91 58.15 14.41
C VAL B 241 13.55 57.57 14.85
N VAL B 242 12.46 58.24 14.46
CA VAL B 242 11.12 57.76 14.80
C VAL B 242 10.27 57.76 13.57
N ALA B 243 9.19 56.99 13.61
CA ALA B 243 8.31 56.93 12.45
C ALA B 243 7.12 57.86 12.61
N ASN B 244 6.82 58.59 11.54
CA ASN B 244 5.68 59.52 11.50
C ASN B 244 5.68 60.34 12.78
N PRO B 246 6.66 64.40 12.90
CA PRO B 246 7.24 65.68 12.46
C PRO B 246 7.69 66.54 13.61
N ALA B 247 8.85 66.20 14.19
CA ALA B 247 9.38 66.95 15.31
C ALA B 247 9.91 68.33 14.88
N ASP B 248 9.93 68.58 13.59
CA ASP B 248 10.43 69.85 13.09
C ASP B 248 11.72 70.19 13.85
N TYR B 249 12.62 69.23 13.95
CA TYR B 249 13.88 69.43 14.66
C TYR B 249 15.01 68.78 13.85
N GLU B 250 16.11 69.48 13.64
CA GLU B 250 17.21 68.92 12.85
C GLU B 250 17.90 67.73 13.51
N GLY B 251 17.46 67.39 14.72
CA GLY B 251 18.05 66.28 15.44
C GLY B 251 17.26 64.99 15.31
N ILE B 252 16.12 65.04 14.62
CA ILE B 252 15.28 63.86 14.44
C ILE B 252 15.03 63.54 12.98
N ILE B 253 15.04 62.25 12.63
CA ILE B 253 14.76 61.85 11.26
C ILE B 253 13.33 61.34 11.32
N ASN B 254 12.48 61.82 10.42
CA ASN B 254 11.09 61.40 10.41
C ASN B 254 10.81 60.35 9.33
N VAL B 255 10.87 59.07 9.69
CA VAL B 255 10.63 58.01 8.72
C VAL B 255 9.18 58.03 8.31
N ARG B 256 8.92 58.08 7.01
CA ARG B 256 7.56 58.11 6.49
C ARG B 256 6.92 56.77 6.20
N ASN B 257 7.49 56.05 5.25
CA ASN B 257 6.97 54.75 4.85
C ASN B 257 7.86 53.58 5.27
N GLY B 258 7.39 52.36 5.00
CA GLY B 258 8.14 51.17 5.34
C GLY B 258 8.57 50.43 4.10
N VAL B 259 8.97 49.16 4.25
CA VAL B 259 9.40 48.37 3.10
C VAL B 259 8.98 46.93 3.21
N THR B 260 9.25 46.16 2.15
CA THR B 260 8.94 44.74 2.11
C THR B 260 10.19 44.00 1.69
N LEU B 261 10.63 43.05 2.53
CA LEU B 261 11.84 42.27 2.26
C LEU B 261 11.58 41.16 1.25
N ARG B 262 12.66 40.60 0.74
CA ARG B 262 12.57 39.54 -0.24
C ARG B 262 11.71 38.38 0.24
N ASP B 263 11.89 37.97 1.48
CA ASP B 263 11.10 36.86 2.02
C ASP B 263 9.62 37.20 2.17
N GLY B 264 9.24 38.41 1.76
CA GLY B 264 7.85 38.83 1.85
C GLY B 264 7.48 39.53 3.15
N THR B 265 8.38 39.55 4.11
CA THR B 265 8.10 40.20 5.38
C THR B 265 7.81 41.67 5.16
N ILE B 266 6.79 42.18 5.83
CA ILE B 266 6.43 43.59 5.72
C ILE B 266 6.93 44.33 6.96
N LEU B 267 7.67 45.40 6.72
CA LEU B 267 8.18 46.22 7.80
C LEU B 267 7.51 47.58 7.83
N GLU B 268 6.77 47.84 8.90
CA GLU B 268 6.08 49.11 9.04
C GLU B 268 7.12 50.18 9.27
N PRO B 269 6.79 51.43 8.93
CA PRO B 269 7.78 52.49 9.14
C PRO B 269 8.42 52.48 10.55
N HIS B 270 7.62 52.25 11.58
CA HIS B 270 8.20 52.26 12.91
C HIS B 270 9.26 51.18 13.08
N GLN B 271 9.34 50.27 12.11
CA GLN B 271 10.33 49.17 12.13
C GLN B 271 11.50 49.55 11.23
N VAL B 272 11.16 50.21 10.14
CA VAL B 272 12.18 50.64 9.22
C VAL B 272 13.17 51.56 9.93
N VAL B 273 12.73 52.24 10.98
CA VAL B 273 13.64 53.13 11.71
C VAL B 273 14.91 52.41 12.07
N ALA B 274 14.80 51.16 12.46
CA ALA B 274 15.96 50.37 12.83
C ALA B 274 17.03 50.46 11.73
N TRP B 275 16.64 50.22 10.47
CA TRP B 275 17.60 50.30 9.37
C TRP B 275 18.12 51.73 9.25
N VAL B 276 17.18 52.66 9.05
CA VAL B 276 17.52 54.08 8.90
C VAL B 276 18.48 54.54 10.00
N ALA B 277 18.31 54.03 11.21
CA ALA B 277 19.21 54.43 12.30
C ALA B 277 20.62 54.04 11.88
N GLY B 278 20.80 52.78 11.53
CA GLY B 278 22.10 52.32 11.12
C GLY B 278 22.57 53.03 9.85
N ALA B 279 21.61 53.45 9.04
CA ALA B 279 21.99 54.11 7.83
C ALA B 279 22.64 55.45 8.13
N ASP B 280 22.03 56.20 9.05
CA ASP B 280 22.53 57.52 9.42
C ASP B 280 23.77 57.38 10.27
N ALA B 281 23.81 56.35 11.08
CA ALA B 281 24.96 56.16 11.95
C ALA B 281 26.23 55.76 11.22
N SER B 282 26.07 55.11 10.07
CA SER B 282 27.22 54.65 9.31
C SER B 282 27.67 55.64 8.25
N ALA B 283 26.78 56.54 7.85
CA ALA B 283 27.11 57.51 6.82
C ALA B 283 28.39 58.28 7.07
N SER B 284 29.14 58.47 5.99
CA SER B 284 30.40 59.18 6.02
C SER B 284 30.19 60.69 5.98
N LEU B 286 31.64 62.61 4.05
CA LEU B 286 31.72 62.98 2.64
C LEU B 286 30.53 62.54 1.83
N LYS B 287 29.95 61.40 2.20
CA LYS B 287 28.80 60.84 1.47
C LYS B 287 27.47 60.96 2.22
N SER B 288 26.44 61.29 1.47
CA SER B 288 25.09 61.43 1.97
C SER B 288 24.43 60.06 1.89
N ASN B 289 23.14 60.00 2.22
CA ASN B 289 22.41 58.73 2.16
C ASN B 289 21.30 58.64 1.08
N THR B 290 21.33 59.52 0.08
CA THR B 290 20.36 59.65 -1.03
C THR B 290 20.63 58.61 -2.09
N PHE B 291 19.63 57.93 -2.55
CA PHE B 291 20.01 56.90 -3.48
C PHE B 291 20.76 55.76 -2.79
N VAL B 292 20.65 55.66 -1.47
CA VAL B 292 21.29 54.53 -0.82
C VAL B 292 20.27 53.42 -0.84
N LYS B 293 20.67 52.23 -1.25
CA LYS B 293 19.73 51.13 -1.33
C LYS B 293 19.53 50.41 0.00
N TYR B 294 18.30 49.96 0.23
CA TYR B 294 17.96 49.25 1.44
C TYR B 294 18.12 47.78 1.09
N ASP B 295 19.33 47.25 1.29
CA ASP B 295 19.62 45.87 1.00
C ASP B 295 18.60 44.91 1.59
N GLY B 296 18.05 44.03 0.76
CA GLY B 296 17.08 43.07 1.27
C GLY B 296 15.63 43.44 1.03
N ALA B 297 15.40 44.68 0.65
CA ALA B 297 14.05 45.14 0.40
C ALA B 297 13.72 45.14 -1.10
N ILE B 298 12.60 44.48 -1.43
CA ILE B 298 12.14 44.36 -2.81
C ILE B 298 11.05 45.36 -3.16
N ASP B 299 10.52 46.10 -2.18
CA ASP B 299 9.51 47.10 -2.48
C ASP B 299 9.24 47.99 -1.29
N ALA B 300 8.94 49.26 -1.58
CA ALA B 300 8.65 50.20 -0.53
C ALA B 300 7.15 50.22 -0.30
N THR B 301 6.72 49.79 0.87
CA THR B 301 5.31 49.79 1.17
C THR B 301 4.98 50.70 2.35
N PRO B 302 4.11 51.70 2.13
CA PRO B 302 3.46 52.00 0.86
C PRO B 302 4.37 52.82 -0.03
N ARG B 303 4.00 52.93 -1.31
CA ARG B 303 4.76 53.73 -2.27
C ARG B 303 4.18 55.14 -2.28
N LEU B 304 4.93 56.10 -2.80
CA LEU B 304 4.42 57.45 -2.88
C LEU B 304 4.57 58.01 -4.30
N ALA B 305 3.48 58.59 -4.82
CA ALA B 305 3.48 59.18 -6.15
C ALA B 305 4.40 60.39 -6.16
N ASN B 306 4.76 60.87 -7.34
CA ASN B 306 5.64 62.02 -7.44
C ASN B 306 5.20 63.20 -6.59
N ASP B 307 3.91 63.54 -6.69
CA ASP B 307 3.37 64.64 -5.92
C ASP B 307 3.40 64.35 -4.41
N GLU B 308 3.11 63.11 -4.01
CA GLU B 308 3.13 62.76 -2.59
C GLU B 308 4.54 62.82 -2.06
N ALA B 309 5.49 62.31 -2.85
CA ALA B 309 6.88 62.29 -2.44
C ALA B 309 7.39 63.72 -2.35
N GLU B 310 7.25 64.46 -3.44
CA GLU B 310 7.69 65.84 -3.46
C GLU B 310 7.07 66.55 -2.24
N GLU B 311 5.82 66.22 -1.97
CA GLU B 311 5.09 66.79 -0.84
C GLU B 311 5.83 66.41 0.46
N ALA B 312 6.01 65.11 0.65
CA ALA B 312 6.68 64.57 1.83
C ALA B 312 8.00 65.25 2.09
N LEU B 313 8.86 65.30 1.07
CA LEU B 313 10.18 65.91 1.24
C LEU B 313 10.03 67.34 1.73
N GLN B 314 9.04 68.02 1.17
CA GLN B 314 8.78 69.41 1.54
C GLN B 314 8.51 69.52 3.05
N ASN B 315 7.98 68.45 3.62
CA ASN B 315 7.65 68.42 5.04
C ASN B 315 8.72 67.77 5.90
N GLY B 316 9.92 67.62 5.33
CA GLY B 316 11.03 67.00 6.06
C GLY B 316 10.79 65.54 6.43
N GLU B 317 10.33 64.75 5.46
CA GLU B 317 10.07 63.34 5.71
C GLU B 317 11.09 62.44 5.02
N PHE B 318 11.59 61.44 5.75
CA PHE B 318 12.56 60.50 5.23
C PHE B 318 11.78 59.41 4.49
N VAL B 319 11.76 59.50 3.16
CA VAL B 319 11.00 58.53 2.35
C VAL B 319 11.81 57.54 1.53
N LEU B 320 11.27 56.33 1.38
CA LEU B 320 11.94 55.31 0.59
C LEU B 320 11.15 55.10 -0.68
N THR B 321 11.82 55.12 -1.84
CA THR B 321 11.12 54.89 -3.09
C THR B 321 11.64 53.66 -3.83
N PHE B 322 10.73 52.94 -4.47
CA PHE B 322 11.09 51.73 -5.21
C PHE B 322 11.37 52.04 -6.67
N ASP B 323 12.54 51.66 -7.15
CA ASP B 323 12.88 51.91 -8.54
C ASP B 323 12.65 50.64 -9.32
N ALA B 324 11.55 50.60 -10.05
CA ALA B 324 11.17 49.42 -10.82
C ALA B 324 12.23 49.08 -11.87
N ARG B 325 13.00 50.07 -12.29
CA ARG B 325 14.03 49.86 -13.30
C ARG B 325 15.09 48.85 -12.81
N ASP B 326 15.75 49.21 -11.71
CA ASP B 326 16.80 48.40 -11.10
C ASP B 326 16.21 47.43 -10.06
N LYS B 327 14.90 47.52 -9.85
CA LYS B 327 14.19 46.68 -8.90
C LYS B 327 14.85 46.63 -7.54
N ALA B 328 14.90 47.80 -6.88
CA ALA B 328 15.49 47.96 -5.56
C ALA B 328 14.94 49.22 -4.94
N VAL B 329 14.90 49.27 -3.61
CA VAL B 329 14.39 50.46 -2.95
C VAL B 329 15.52 51.32 -2.38
N TYR B 330 15.39 52.63 -2.48
CA TYR B 330 16.43 53.51 -2.00
C TYR B 330 15.89 54.74 -1.30
N VAL B 331 16.79 55.47 -0.66
CA VAL B 331 16.42 56.67 0.06
C VAL B 331 16.19 57.85 -0.90
N GLU B 332 15.05 58.52 -0.80
CA GLU B 332 14.76 59.66 -1.67
C GLU B 332 15.62 60.87 -1.38
N GLN B 333 15.86 61.14 -0.11
CA GLN B 333 16.71 62.26 0.27
C GLN B 333 17.00 62.20 1.76
N ASP B 334 18.28 62.29 2.10
CA ASP B 334 18.70 62.23 3.49
C ASP B 334 18.37 63.54 4.21
N LEU B 335 17.13 63.66 4.65
CA LEU B 335 16.63 64.87 5.35
C LEU B 335 16.20 64.60 6.79
N ASN B 336 15.99 65.68 7.54
CA ASN B 336 15.50 65.51 8.91
C ASN B 336 14.18 66.26 9.07
N SER B 337 13.55 66.10 10.23
CA SER B 337 12.26 66.73 10.50
C SER B 337 12.20 68.24 10.45
N LEU B 338 13.36 68.88 10.52
CA LEU B 338 13.43 70.34 10.48
C LEU B 338 12.81 70.95 9.22
N THR B 339 11.82 71.81 9.42
CA THR B 339 11.12 72.48 8.32
C THR B 339 11.17 74.01 8.51
N THR B 340 10.90 74.45 9.73
CA THR B 340 10.91 75.86 10.05
C THR B 340 12.35 76.44 10.05
N PHE B 341 12.61 77.43 9.21
CA PHE B 341 13.94 78.04 9.13
C PHE B 341 13.97 79.51 9.55
N SER B 342 15.17 79.99 9.84
CA SER B 342 15.41 81.37 10.26
C SER B 342 16.83 81.78 9.88
N LYS B 343 17.46 82.58 10.75
CA LYS B 343 18.84 83.06 10.57
C LYS B 343 19.79 82.26 11.46
N GLU B 344 19.29 81.85 12.63
CA GLU B 344 20.08 81.04 13.56
C GLU B 344 20.46 79.73 12.85
N LYS B 345 19.45 79.04 12.32
CA LYS B 345 19.62 77.79 11.59
C LYS B 345 18.74 77.80 10.32
N SER B 346 19.38 78.09 9.19
CA SER B 346 18.72 78.17 7.89
C SER B 346 18.41 76.81 7.28
N SER B 347 17.72 76.85 6.16
CA SER B 347 17.35 75.64 5.43
C SER B 347 18.53 74.70 5.19
N LYS B 348 19.74 75.20 5.33
CA LYS B 348 20.91 74.37 5.10
C LYS B 348 20.96 73.20 6.09
N PHE B 349 20.12 73.26 7.12
CA PHE B 349 20.10 72.19 8.13
C PHE B 349 19.11 71.10 7.81
N ARG B 350 18.16 71.43 6.95
CA ARG B 350 17.14 70.48 6.54
C ARG B 350 17.85 69.23 6.00
N LYS B 351 19.05 69.42 5.45
CA LYS B 351 19.85 68.33 4.88
C LYS B 351 20.77 67.68 5.92
N ASN B 352 20.66 66.36 6.10
CA ASN B 352 21.49 65.69 7.09
C ASN B 352 22.95 65.67 6.72
N LYS B 353 23.23 65.91 5.44
CA LYS B 353 24.61 65.90 5.00
C LYS B 353 25.38 66.94 5.82
N ILE B 354 24.92 68.18 5.77
CA ILE B 354 25.56 69.26 6.51
C ILE B 354 25.55 68.95 8.02
N SER B 355 24.36 68.69 8.55
CA SER B 355 24.17 68.36 9.96
C SER B 355 25.21 67.35 10.43
N ARG B 356 25.35 66.26 9.68
CA ARG B 356 26.28 65.20 10.03
C ARG B 356 27.68 65.72 10.27
N ILE B 357 28.15 66.63 9.41
CA ILE B 357 29.49 67.21 9.57
C ILE B 357 29.62 67.99 10.88
N LEU B 358 28.68 68.90 11.13
CA LEU B 358 28.70 69.69 12.35
C LEU B 358 28.69 68.78 13.60
N ASP B 359 27.59 68.05 13.80
CA ASP B 359 27.47 67.12 14.94
C ASP B 359 28.66 66.15 14.98
N GLY B 360 29.15 65.79 13.79
CA GLY B 360 30.27 64.89 13.69
C GLY B 360 31.48 65.50 14.36
N ILE B 361 31.82 66.73 13.99
CA ILE B 361 32.96 67.38 14.60
C ILE B 361 32.72 67.51 16.10
N ASN B 362 31.71 68.28 16.46
CA ASN B 362 31.35 68.53 17.86
C ASN B 362 31.53 67.32 18.73
N ASN B 363 30.90 66.22 18.35
CA ASN B 363 30.97 65.01 19.14
C ASN B 363 32.38 64.46 19.25
N ASP B 364 33.11 64.52 18.15
CA ASP B 364 34.50 64.04 18.11
C ASP B 364 35.40 64.94 18.95
N THR B 365 35.18 66.25 18.89
CA THR B 365 35.96 67.21 19.65
C THR B 365 35.99 66.82 21.10
N ARG B 366 34.83 66.50 21.65
CA ARG B 366 34.77 66.14 23.05
C ARG B 366 35.20 64.71 23.31
N ARG B 367 34.70 63.78 22.51
CA ARG B 367 35.05 62.37 22.68
C ARG B 367 36.57 62.20 22.60
N ASN B 368 37.21 62.97 21.72
CA ASN B 368 38.66 62.95 21.53
C ASN B 368 39.34 63.45 22.79
N ILE B 369 39.02 64.69 23.17
CA ILE B 369 39.62 65.31 24.34
C ILE B 369 39.55 64.33 25.48
N LEU B 370 38.35 63.77 25.69
CA LEU B 370 38.17 62.81 26.77
C LEU B 370 39.19 61.68 26.72
N ASP B 371 39.41 61.13 25.52
CA ASP B 371 40.39 60.06 25.35
C ASP B 371 41.77 60.55 25.81
N ALA B 372 42.18 61.70 25.28
CA ALA B 372 43.47 62.28 25.64
C ALA B 372 43.55 62.49 27.15
N ILE B 373 42.47 62.98 27.75
CA ILE B 373 42.44 63.20 29.19
C ILE B 373 42.75 61.89 29.93
N LYS B 374 41.86 60.91 29.76
CA LYS B 374 41.99 59.61 30.41
C LYS B 374 43.13 58.75 29.87
N GLU B 375 43.91 59.30 28.95
CA GLU B 375 45.02 58.55 28.42
C GLU B 375 46.27 59.14 29.04
N ARG B 376 46.28 60.47 29.17
CA ARG B 376 47.41 61.17 29.76
C ARG B 376 47.44 60.84 31.24
N LYS B 377 46.28 60.46 31.77
CA LYS B 377 46.16 60.11 33.18
C LYS B 377 46.75 58.72 33.45
N ASP B 378 46.68 57.85 32.44
CA ASP B 378 47.21 56.48 32.53
C ASP B 378 48.73 56.47 32.48
N ALA B 379 49.31 57.58 32.05
CA ALA B 379 50.76 57.70 31.98
C ALA B 379 51.22 58.55 33.17
N ASN B 380 50.25 58.93 34.01
CA ASN B 380 50.51 59.75 35.19
C ASN B 380 50.99 61.16 34.81
N THR B 381 50.49 61.67 33.68
CA THR B 381 50.86 63.00 33.19
C THR B 381 49.60 63.81 32.91
N ASP B 382 48.60 63.65 33.78
CA ASP B 382 47.33 64.35 33.65
C ASP B 382 47.45 65.74 33.02
N ILE B 383 46.61 66.00 32.02
CA ILE B 383 46.60 67.29 31.34
C ILE B 383 46.19 68.40 32.33
N PRO B 384 47.12 69.28 32.70
CA PRO B 384 46.86 70.38 33.62
C PRO B 384 45.77 71.36 33.18
N ALA B 385 45.07 71.97 34.13
CA ALA B 385 44.01 72.92 33.82
C ALA B 385 44.57 74.32 33.77
N ASP B 386 45.70 74.48 33.10
CA ASP B 386 46.36 75.79 32.96
C ASP B 386 46.50 76.16 31.47
N GLU B 387 47.47 77.02 31.15
CA GLU B 387 47.70 77.45 29.77
C GLU B 387 48.34 76.34 28.94
N ASN B 388 49.20 75.53 29.56
CA ASN B 388 49.86 74.44 28.84
C ASN B 388 48.87 73.37 28.45
N GLY B 389 47.86 73.17 29.29
CA GLY B 389 46.86 72.18 28.99
C GLY B 389 46.07 72.64 27.79
N VAL B 390 45.63 73.89 27.85
CA VAL B 390 44.84 74.49 26.77
C VAL B 390 45.57 74.39 25.43
N GLN B 391 46.79 74.92 25.39
CA GLN B 391 47.59 74.87 24.17
C GLN B 391 47.66 73.45 23.61
N PHE B 392 47.92 72.49 24.49
CA PHE B 392 48.03 71.11 24.07
C PHE B 392 46.79 70.69 23.29
N ILE B 393 45.65 70.79 23.94
CA ILE B 393 44.37 70.43 23.34
C ILE B 393 44.14 71.22 22.05
N LEU B 394 44.36 72.53 22.08
CA LEU B 394 44.19 73.37 20.91
C LEU B 394 44.99 72.81 19.75
N SER B 395 46.26 72.56 20.00
CA SER B 395 47.14 72.01 18.97
C SER B 395 46.60 70.68 18.44
N GLN B 397 43.20 69.48 18.51
CA GLN B 397 41.99 69.69 17.75
C GLN B 397 42.33 70.28 16.41
N THR B 398 43.32 71.17 16.40
CA THR B 398 43.73 71.81 15.17
C THR B 398 44.13 70.75 14.14
N ALA B 399 44.95 69.79 14.56
CA ALA B 399 45.38 68.72 13.67
C ALA B 399 44.14 68.06 13.07
N TYR B 400 43.19 67.74 13.94
CA TYR B 400 41.92 67.12 13.54
C TYR B 400 41.25 68.00 12.48
N LEU B 401 40.97 69.25 12.84
CA LEU B 401 40.33 70.20 11.95
C LEU B 401 41.00 70.28 10.56
N ASN B 402 42.32 70.46 10.54
CA ASN B 402 43.03 70.53 9.26
C ASN B 402 42.83 69.25 8.46
N GLU B 403 42.86 68.12 9.14
CA GLU B 403 42.67 66.84 8.48
C GLU B 403 41.34 66.85 7.72
N LEU B 404 40.29 67.31 8.39
CA LEU B 404 38.98 67.37 7.76
C LEU B 404 38.98 68.28 6.54
N GLN B 405 39.84 69.30 6.56
CA GLN B 405 39.89 70.20 5.42
C GLN B 405 40.55 69.51 4.25
N ASP B 406 41.66 68.82 4.53
CA ASP B 406 42.43 68.10 3.51
C ASP B 406 41.62 66.98 2.87
N SER B 407 40.83 66.28 3.68
CA SER B 407 40.00 65.20 3.15
C SER B 407 38.81 65.77 2.38
N GLY B 408 38.66 67.10 2.42
CA GLY B 408 37.59 67.75 1.69
C GLY B 408 36.24 67.76 2.37
N ALA B 409 36.23 67.77 3.70
CA ALA B 409 34.98 67.77 4.46
C ALA B 409 34.57 69.20 4.80
N ILE B 410 35.56 70.03 5.08
CA ILE B 410 35.31 71.43 5.42
C ILE B 410 36.32 72.30 4.69
N THR B 411 35.92 73.54 4.41
CA THR B 411 36.78 74.49 3.70
C THR B 411 36.88 75.81 4.44
N ASN B 412 37.83 76.63 3.99
CA ASN B 412 38.05 77.95 4.58
C ASN B 412 38.30 77.90 6.08
N PHE B 413 39.14 76.96 6.50
CA PHE B 413 39.45 76.85 7.92
C PHE B 413 40.72 77.62 8.24
N ASP B 414 40.59 78.66 9.07
CA ASP B 414 41.73 79.48 9.46
C ASP B 414 42.21 79.13 10.86
N SER B 415 43.31 78.39 10.93
CA SER B 415 43.90 77.98 12.19
C SER B 415 43.96 79.14 13.17
N THR B 416 43.83 80.35 12.66
CA THR B 416 43.88 81.56 13.48
C THR B 416 42.59 81.91 14.19
N ALA B 417 41.67 82.57 13.49
CA ALA B 417 40.41 82.96 14.10
C ALA B 417 39.25 82.04 13.73
N ASP B 418 39.36 80.78 14.09
CA ASP B 418 38.32 79.81 13.79
C ASP B 418 38.27 78.73 14.88
N ILE B 419 39.31 78.67 15.70
CA ILE B 419 39.39 77.68 16.76
C ILE B 419 40.05 78.32 17.98
N THR B 420 39.40 78.21 19.14
CA THR B 420 39.96 78.76 20.37
C THR B 420 39.67 77.86 21.55
N VAL B 421 40.61 77.74 22.49
CA VAL B 421 40.40 76.90 23.65
C VAL B 421 40.70 77.68 24.95
N SER B 422 39.91 77.42 25.99
CA SER B 422 40.09 78.13 27.25
C SER B 422 39.71 77.30 28.48
N LEU B 423 39.74 77.93 29.64
CA LEU B 423 39.40 77.25 30.90
C LEU B 423 37.93 77.40 31.29
N ASN B 424 37.42 76.33 31.90
CA ASN B 424 36.04 76.22 32.34
C ASN B 424 35.56 77.23 33.39
N ASN B 425 36.26 78.35 33.57
CA ASN B 425 35.89 79.38 34.56
C ASN B 425 36.03 78.87 35.98
N ASN B 426 36.01 77.54 36.10
CA ASN B 426 36.16 76.84 37.37
C ASN B 426 37.48 76.09 37.22
N VAL B 427 38.21 76.44 36.16
CA VAL B 427 39.51 75.82 35.85
C VAL B 427 39.53 74.30 36.13
N ASP B 428 38.44 73.63 35.79
CA ASP B 428 38.30 72.19 35.99
C ASP B 428 37.88 71.50 34.68
N GLY B 429 37.91 72.28 33.61
CA GLY B 429 37.55 71.74 32.31
C GLY B 429 37.95 72.68 31.17
N PHE B 430 37.86 72.18 29.94
CA PHE B 430 38.20 72.97 28.77
C PHE B 430 37.00 73.31 27.93
N ILE B 431 37.01 74.52 27.39
CA ILE B 431 35.92 74.98 26.54
C ILE B 431 36.55 75.15 25.18
N VAL B 432 35.94 74.54 24.16
CA VAL B 432 36.44 74.64 22.80
C VAL B 432 35.44 75.27 21.86
N ASN B 433 35.76 76.46 21.38
CA ASN B 433 34.90 77.18 20.46
C ASN B 433 35.50 77.08 19.07
N GLN B 434 34.65 76.84 18.08
CA GLN B 434 35.11 76.72 16.72
C GLN B 434 34.05 77.07 15.68
N SER B 435 34.47 77.70 14.60
CA SER B 435 33.58 78.06 13.50
C SER B 435 34.00 77.27 12.29
N ILE B 436 33.23 76.26 11.95
CA ILE B 436 33.55 75.42 10.82
C ILE B 436 32.57 75.67 9.68
N GLU B 437 33.01 75.36 8.46
CA GLU B 437 32.18 75.55 7.28
C GLU B 437 32.16 74.27 6.43
N PRO B 438 31.01 73.57 6.40
CA PRO B 438 30.86 72.33 5.62
C PRO B 438 30.99 72.64 4.14
N VAL B 439 31.75 71.81 3.43
CA VAL B 439 31.99 71.97 2.01
C VAL B 439 31.04 72.89 1.25
N ASP B 440 29.97 72.34 0.73
CA ASP B 440 29.04 73.12 -0.05
C ASP B 440 27.96 73.83 0.77
N SER B 441 28.30 75.01 1.30
CA SER B 441 27.34 75.80 2.10
C SER B 441 28.03 77.08 2.51
N GLY B 442 27.84 78.15 1.75
CA GLY B 442 28.49 79.40 2.07
C GLY B 442 28.10 79.96 3.43
N GLU B 443 28.56 79.33 4.50
CA GLU B 443 28.24 79.79 5.85
C GLU B 443 29.04 79.03 6.90
N LYS B 444 29.77 79.78 7.72
CA LYS B 444 30.54 79.19 8.79
C LYS B 444 29.62 79.10 10.00
N PHE B 445 29.60 77.95 10.65
CA PHE B 445 28.76 77.79 11.82
C PHE B 445 29.57 77.84 13.10
N TYR B 446 28.98 78.41 14.14
CA TYR B 446 29.68 78.52 15.42
C TYR B 446 29.28 77.39 16.34
N PHE B 447 30.29 76.67 16.84
CA PHE B 447 30.08 75.54 17.73
C PHE B 447 30.99 75.64 18.95
N THR B 448 30.42 75.37 20.12
CA THR B 448 31.19 75.43 21.34
C THR B 448 30.95 74.20 22.17
N THR B 449 31.99 73.43 22.42
CA THR B 449 31.88 72.21 23.22
C THR B 449 32.70 72.31 24.49
N GLU B 450 32.12 71.89 25.60
CA GLU B 450 32.84 71.92 26.87
C GLU B 450 33.12 70.49 27.36
N VAL B 451 34.34 70.24 27.80
CA VAL B 451 34.71 68.92 28.30
C VAL B 451 35.34 69.13 29.67
N LYS B 452 34.98 68.29 30.65
CA LYS B 452 35.55 68.43 31.99
C LYS B 452 36.47 67.26 32.34
N LEU B 453 37.19 67.44 33.46
CA LEU B 453 38.15 66.46 33.99
C LEU B 453 37.46 65.25 34.66
N GLY C 17 2.45 44.31 -24.52
CA GLY C 17 1.41 45.33 -24.16
C GLY C 17 0.28 44.72 -23.34
N ILE C 18 -0.71 45.54 -22.97
CA ILE C 18 -1.89 45.12 -22.16
C ILE C 18 -3.10 44.88 -23.09
N TYR C 19 -3.34 45.84 -23.97
CA TYR C 19 -4.44 45.80 -24.94
C TYR C 19 -4.45 44.45 -25.68
N THR C 20 -3.25 43.93 -25.92
CA THR C 20 -3.08 42.66 -26.62
C THR C 20 -3.62 41.49 -25.79
N ASN C 21 -3.39 41.51 -24.47
CA ASN C 21 -3.88 40.45 -23.60
C ASN C 21 -5.41 40.43 -23.51
N PHE C 22 -5.99 41.56 -23.15
CA PHE C 22 -7.44 41.63 -23.06
C PHE C 22 -8.03 41.05 -24.32
N LYS C 23 -7.29 41.12 -25.43
CA LYS C 23 -7.79 40.56 -26.68
C LYS C 23 -7.34 39.10 -26.75
N ALA C 24 -6.14 38.83 -26.26
CA ALA C 24 -5.57 37.49 -26.25
C ALA C 24 -6.43 36.54 -25.42
N ALA C 25 -7.61 37.02 -25.03
CA ALA C 25 -8.53 36.20 -24.24
C ALA C 25 -9.83 36.00 -25.00
N ALA C 26 -10.45 37.10 -25.43
CA ALA C 26 -11.70 37.01 -26.16
C ALA C 26 -11.57 36.15 -27.40
N ALA C 27 -10.38 36.20 -28.00
CA ALA C 27 -10.10 35.41 -29.19
C ALA C 27 -9.71 34.01 -28.72
N GLU C 28 -9.43 33.86 -27.44
CA GLU C 28 -9.07 32.56 -26.89
C GLU C 28 -10.35 31.72 -26.71
N ARG C 29 -11.29 32.23 -25.93
CA ARG C 29 -12.54 31.53 -25.66
C ARG C 29 -13.23 31.01 -26.90
N THR C 30 -12.87 31.56 -28.07
CA THR C 30 -13.46 31.13 -29.33
C THR C 30 -12.50 30.27 -30.17
N LYS C 31 -11.20 30.39 -29.94
CA LYS C 31 -10.24 29.59 -30.70
C LYS C 31 -10.41 28.12 -30.31
N ALA C 32 -10.15 27.24 -31.27
CA ALA C 32 -10.24 25.80 -31.06
C ALA C 32 -8.86 25.34 -30.61
N GLY C 33 -8.80 24.15 -30.02
CA GLY C 33 -7.53 23.66 -29.55
C GLY C 33 -7.58 23.36 -28.07
N GLU C 34 -6.43 23.12 -27.46
CA GLU C 34 -6.41 22.83 -26.05
C GLU C 34 -7.05 24.01 -25.29
N ARG C 35 -7.81 23.70 -24.25
CA ARG C 35 -8.45 24.75 -23.50
C ARG C 35 -8.38 24.43 -22.01
N GLY C 36 -9.20 25.14 -21.25
CA GLY C 36 -9.31 25.03 -19.78
C GLY C 36 -8.57 24.08 -18.84
N THR C 37 -8.56 24.45 -17.56
CA THR C 37 -7.91 23.63 -16.56
C THR C 37 -8.89 23.24 -15.45
N VAL C 38 -8.85 21.98 -15.01
CA VAL C 38 -9.77 21.52 -13.97
C VAL C 38 -9.05 21.13 -12.68
N ALA C 39 -9.75 21.17 -11.55
CA ALA C 39 -9.14 20.78 -10.30
C ALA C 39 -9.56 19.34 -10.00
N LEU C 40 -8.57 18.46 -9.79
CA LEU C 40 -8.84 17.06 -9.52
C LEU C 40 -8.30 16.61 -8.18
N PRO C 41 -9.15 16.05 -7.33
CA PRO C 41 -8.71 15.58 -6.03
C PRO C 41 -8.44 14.09 -6.17
N LEU C 42 -7.17 13.73 -6.10
CA LEU C 42 -6.75 12.34 -6.21
C LEU C 42 -6.03 11.92 -4.96
N ALA C 43 -5.57 10.68 -4.94
CA ALA C 43 -4.84 10.14 -3.79
C ALA C 43 -3.56 9.57 -4.38
N ALA C 44 -2.46 10.28 -4.19
CA ALA C 44 -1.18 9.82 -4.71
C ALA C 44 -0.32 9.23 -3.60
N SER C 45 0.71 8.52 -4.01
CA SER C 45 1.62 7.84 -3.10
C SER C 45 2.99 8.55 -3.03
N TRP C 46 2.99 9.84 -3.33
CA TRP C 46 4.21 10.63 -3.34
C TRP C 46 3.88 12.01 -3.85
N GLY C 47 4.03 13.00 -3.01
CA GLY C 47 3.70 14.32 -3.44
C GLY C 47 3.64 15.23 -2.25
N ALA C 48 3.48 16.50 -2.53
CA ALA C 48 3.42 17.50 -1.49
C ALA C 48 2.43 17.19 -0.39
N ALA C 49 1.30 16.56 -0.69
CA ALA C 49 0.34 16.24 0.36
C ALA C 49 -0.34 17.50 0.86
N LYS C 50 -1.65 17.56 0.67
CA LYS C 50 -2.45 18.71 1.04
C LYS C 50 -2.12 19.88 0.12
N GLU C 51 -1.51 19.60 -1.03
CA GLU C 51 -1.18 20.65 -1.99
C GLU C 51 -1.42 20.18 -3.42
N PHE C 52 -1.57 21.16 -4.30
CA PHE C 52 -1.83 20.90 -5.70
C PHE C 52 -0.56 20.63 -6.51
N VAL C 53 -0.74 20.07 -7.69
CA VAL C 53 0.36 19.78 -8.59
C VAL C 53 -0.21 20.03 -9.96
N GLU C 54 0.49 20.84 -10.74
CA GLU C 54 0.04 21.18 -12.08
C GLU C 54 0.65 20.26 -13.11
N ILE C 55 -0.17 19.62 -13.93
CA ILE C 55 0.38 18.74 -14.93
C ILE C 55 -0.23 19.06 -16.31
N ASN C 56 0.62 19.13 -17.33
CA ASN C 56 0.19 19.44 -18.70
C ASN C 56 0.75 18.40 -19.66
N LYS C 57 1.86 17.79 -19.29
CA LYS C 57 2.50 16.78 -20.12
C LYS C 57 2.61 15.50 -19.33
N GLU C 58 2.54 14.38 -20.03
CA GLU C 58 2.65 13.07 -19.37
C GLU C 58 3.86 13.00 -18.41
N GLU C 59 5.00 13.52 -18.86
CA GLU C 59 6.21 13.53 -18.07
C GLU C 59 5.99 14.14 -16.70
N ASP C 60 5.20 15.20 -16.66
CA ASP C 60 4.90 15.90 -15.40
C ASP C 60 4.38 14.93 -14.35
N VAL C 61 3.51 14.03 -14.79
CA VAL C 61 2.92 13.08 -13.88
C VAL C 61 3.97 12.30 -13.12
N GLU C 62 4.83 11.61 -13.85
CA GLU C 62 5.86 10.81 -13.21
C GLU C 62 6.86 11.63 -12.41
N LYS C 63 7.29 12.75 -12.98
CA LYS C 63 8.26 13.61 -12.32
C LYS C 63 7.77 14.23 -11.01
N LYS C 64 6.48 14.51 -10.95
CA LYS C 64 5.89 15.14 -9.78
C LYS C 64 5.19 14.16 -8.82
N LEU C 65 4.72 13.03 -9.34
CA LEU C 65 4.01 12.07 -8.51
C LEU C 65 4.67 10.70 -8.43
N GLY C 66 5.85 10.55 -9.03
CA GLY C 66 6.58 9.30 -8.97
C GLY C 66 6.11 8.10 -9.77
N LEU C 67 4.96 8.19 -10.41
CA LEU C 67 4.48 7.07 -11.20
C LEU C 67 4.20 7.45 -12.64
N SER C 68 4.03 6.45 -13.50
CA SER C 68 3.74 6.72 -14.89
C SER C 68 2.25 7.05 -15.04
N LEU C 69 1.96 7.96 -15.97
CA LEU C 69 0.58 8.35 -16.23
C LEU C 69 -0.30 7.15 -16.59
N ALA C 70 0.35 6.07 -17.03
CA ALA C 70 -0.33 4.86 -17.42
C ALA C 70 -0.70 4.01 -16.21
N HIS C 71 -0.16 4.38 -15.05
CA HIS C 71 -0.43 3.63 -13.82
C HIS C 71 -1.93 3.64 -13.52
N GLN C 72 -2.37 2.69 -12.71
CA GLN C 72 -3.77 2.53 -12.34
C GLN C 72 -4.22 3.65 -11.39
N SER C 73 -3.26 4.28 -10.72
CA SER C 73 -3.56 5.34 -9.78
C SER C 73 -4.12 6.58 -10.47
N PHE C 74 -3.80 6.74 -11.74
CA PHE C 74 -4.24 7.91 -12.46
C PHE C 74 -5.36 7.70 -13.44
N LEU C 75 -6.23 6.75 -13.15
CA LEU C 75 -7.33 6.48 -14.05
C LEU C 75 -8.07 7.78 -14.33
N LEU C 76 -8.66 8.35 -13.28
CA LEU C 76 -9.43 9.58 -13.41
C LEU C 76 -8.63 10.68 -14.08
N LEU C 77 -7.36 10.81 -13.72
CA LEU C 77 -6.50 11.82 -14.31
C LEU C 77 -6.49 11.73 -15.84
N ARG C 78 -6.23 10.53 -16.36
CA ARG C 78 -6.20 10.35 -17.80
C ARG C 78 -7.53 10.77 -18.45
N GLU C 79 -8.64 10.34 -17.86
CA GLU C 79 -9.94 10.68 -18.40
C GLU C 79 -10.17 12.19 -18.42
N THR C 80 -9.55 12.89 -17.49
CA THR C 80 -9.73 14.33 -17.45
C THR C 80 -8.93 14.94 -18.58
N LEU C 81 -7.68 14.49 -18.69
CA LEU C 81 -6.77 14.95 -19.73
C LEU C 81 -7.26 14.66 -21.14
N LYS C 82 -8.28 13.83 -21.28
CA LYS C 82 -8.79 13.52 -22.59
C LYS C 82 -9.25 14.77 -23.34
N LEU C 83 -9.69 15.79 -22.61
CA LEU C 83 -10.14 17.05 -23.25
C LEU C 83 -9.57 18.29 -22.57
N ALA C 84 -9.12 18.14 -21.32
CA ALA C 84 -8.58 19.26 -20.59
C ALA C 84 -7.11 19.47 -20.91
N LYS C 85 -6.71 20.73 -21.06
CA LYS C 85 -5.32 21.03 -21.38
C LYS C 85 -4.45 20.90 -20.15
N THR C 86 -4.98 21.36 -19.03
CA THR C 86 -4.23 21.32 -17.79
C THR C 86 -5.07 20.73 -16.69
N VAL C 87 -4.44 19.97 -15.81
CA VAL C 87 -5.16 19.40 -14.68
C VAL C 87 -4.38 19.69 -13.43
N LEU C 88 -5.06 20.28 -12.46
CA LEU C 88 -4.45 20.62 -11.20
C LEU C 88 -4.84 19.54 -10.20
N VAL C 89 -4.00 18.50 -10.10
CA VAL C 89 -4.25 17.37 -9.21
C VAL C 89 -3.89 17.71 -7.77
N TYR C 90 -4.81 17.45 -6.85
CA TYR C 90 -4.62 17.70 -5.44
C TYR C 90 -4.44 16.40 -4.69
N ARG C 91 -3.35 16.24 -3.95
CA ARG C 91 -3.15 15.01 -3.22
C ARG C 91 -4.01 14.99 -1.97
N LEU C 92 -5.05 14.15 -1.99
CA LEU C 92 -5.96 14.01 -0.88
C LEU C 92 -5.26 13.39 0.33
N ASN C 93 -4.57 12.27 0.14
CA ASN C 93 -3.91 11.57 1.22
C ASN C 93 -2.50 12.03 1.53
N ASP C 94 -1.79 11.15 2.22
CA ASP C 94 -0.40 11.36 2.65
C ASP C 94 0.12 9.99 3.11
N GLY C 95 1.27 9.97 3.76
CA GLY C 95 1.80 8.68 4.20
C GLY C 95 3.15 8.72 4.90
N ILE C 96 3.54 7.58 5.45
CA ILE C 96 4.81 7.46 6.15
C ILE C 96 5.96 7.66 5.17
N LYS C 97 7.02 8.35 5.59
CA LYS C 97 8.17 8.57 4.70
C LYS C 97 9.21 7.46 4.79
N ALA C 98 9.54 6.84 3.67
CA ALA C 98 10.52 5.76 3.67
C ALA C 98 11.84 6.25 4.27
N THR C 99 12.52 5.40 5.02
CA THR C 99 13.80 5.78 5.63
C THR C 99 14.84 4.68 5.45
N ALA C 100 16.03 4.96 5.97
CA ALA C 100 17.15 4.02 5.90
C ALA C 100 18.37 4.74 6.45
N THR C 101 19.32 3.98 7.00
CA THR C 101 20.55 4.57 7.53
C THR C 101 21.71 4.22 6.61
N LEU C 102 22.30 5.24 5.99
CA LEU C 102 23.39 5.03 5.07
C LEU C 102 24.73 4.90 5.80
N ALA C 103 25.64 4.10 5.22
CA ALA C 103 26.98 3.85 5.75
C ALA C 103 27.04 3.94 7.25
N THR C 104 27.44 5.10 7.77
CA THR C 104 27.53 5.29 9.23
C THR C 104 26.74 6.50 9.70
N ASP C 105 25.64 6.22 10.38
CA ASP C 105 24.77 7.27 10.92
C ASP C 105 24.49 8.41 9.95
N VAL C 106 23.86 8.07 8.82
CA VAL C 106 23.50 9.04 7.80
C VAL C 106 22.04 8.82 7.45
N VAL C 107 21.15 9.17 8.36
CA VAL C 107 19.72 8.99 8.14
C VAL C 107 19.24 9.61 6.82
N VAL C 108 18.78 8.74 5.92
CA VAL C 108 18.28 9.19 4.63
C VAL C 108 16.78 8.92 4.58
N THR C 109 16.00 10.00 4.55
CA THR C 109 14.55 9.86 4.50
C THR C 109 14.01 10.38 3.16
N ALA C 110 12.96 9.75 2.66
CA ALA C 110 12.34 10.16 1.41
C ALA C 110 11.79 11.56 1.62
N LYS C 111 11.67 12.34 0.54
CA LYS C 111 11.16 13.70 0.66
C LYS C 111 9.69 13.74 1.04
N TYR C 112 8.85 13.00 0.31
CA TYR C 112 7.42 12.96 0.59
C TYR C 112 7.02 11.64 1.19
N GLY C 113 5.75 11.51 1.61
CA GLY C 113 5.28 10.29 2.22
C GLY C 113 4.58 9.40 1.20
N GLY C 114 4.77 8.08 1.27
CA GLY C 114 4.13 7.20 0.32
C GLY C 114 4.99 6.05 -0.12
N ILE C 115 4.36 5.00 -0.61
CA ILE C 115 5.06 3.81 -1.07
C ILE C 115 6.07 4.08 -2.20
N VAL C 116 6.00 5.25 -2.80
CA VAL C 116 6.95 5.53 -3.84
C VAL C 116 8.33 5.64 -3.24
N GLY C 117 8.41 6.00 -1.96
CA GLY C 117 9.70 6.12 -1.32
C GLY C 117 10.44 4.80 -1.20
N ASN C 118 9.70 3.70 -1.24
CA ASN C 118 10.32 2.38 -1.13
C ASN C 118 11.02 1.93 -2.40
N SER C 119 10.95 2.76 -3.44
CA SER C 119 11.60 2.42 -4.69
C SER C 119 12.92 3.20 -4.76
N ILE C 120 13.12 4.04 -3.75
CA ILE C 120 14.31 4.87 -3.65
C ILE C 120 15.46 4.08 -3.06
N THR C 121 16.64 4.25 -3.64
CA THR C 121 17.81 3.53 -3.17
C THR C 121 19.12 4.29 -3.42
N ILE C 122 19.88 4.55 -2.35
CA ILE C 122 21.14 5.27 -2.46
C ILE C 122 22.35 4.36 -2.52
N LYS C 123 23.19 4.58 -3.52
CA LYS C 123 24.40 3.78 -3.71
C LYS C 123 25.60 4.72 -3.69
N VAL C 124 26.39 4.63 -2.63
CA VAL C 124 27.56 5.49 -2.49
C VAL C 124 28.88 4.79 -2.82
N ASP C 125 29.60 5.33 -3.80
CA ASP C 125 30.88 4.78 -4.23
C ASP C 125 32.01 5.80 -4.01
N GLU C 126 33.19 5.48 -4.49
CA GLU C 126 34.31 6.40 -4.34
C GLU C 126 34.52 7.15 -5.65
N ASN C 127 34.89 8.41 -5.53
CA ASN C 127 35.11 9.24 -6.71
C ASN C 127 36.38 8.84 -7.46
N VAL C 128 36.26 8.65 -8.77
CA VAL C 128 37.38 8.26 -9.62
C VAL C 128 38.28 9.44 -10.00
N VAL C 129 37.69 10.62 -10.09
CA VAL C 129 38.44 11.82 -10.45
C VAL C 129 38.96 12.54 -9.19
N ASP C 130 38.91 11.84 -8.06
CA ASP C 130 39.36 12.41 -6.80
C ASP C 130 39.03 11.41 -5.69
N SER C 131 39.95 10.48 -5.48
CA SER C 131 39.75 9.45 -4.48
C SER C 131 39.35 9.97 -3.09
N SER C 132 39.48 11.26 -2.83
CA SER C 132 39.10 11.82 -1.52
C SER C 132 37.58 12.02 -1.38
N LYS C 133 36.88 12.01 -2.51
CA LYS C 133 35.44 12.21 -2.53
C LYS C 133 34.67 10.92 -2.84
N LYS C 134 33.37 10.96 -2.61
CA LYS C 134 32.50 9.81 -2.85
C LYS C 134 31.43 10.16 -3.88
N ASP C 135 30.91 9.12 -4.52
CA ASP C 135 29.87 9.26 -5.54
C ASP C 135 28.52 8.80 -5.00
N VAL C 136 27.84 9.67 -4.25
CA VAL C 136 26.52 9.33 -3.70
C VAL C 136 25.45 9.57 -4.75
N THR C 137 24.81 8.50 -5.20
CA THR C 137 23.76 8.64 -6.20
C THR C 137 22.43 8.07 -5.69
N THR C 138 21.32 8.66 -6.12
CA THR C 138 20.01 8.21 -5.70
C THR C 138 19.26 7.61 -6.87
N TYR C 139 18.65 6.46 -6.66
CA TYR C 139 17.90 5.80 -7.73
C TYR C 139 16.42 5.70 -7.42
N LEU C 140 15.61 5.64 -8.47
CA LEU C 140 14.16 5.52 -8.31
C LEU C 140 13.72 4.50 -9.32
N ASN C 141 13.69 3.24 -8.92
CA ASN C 141 13.29 2.17 -9.82
C ASN C 141 14.44 1.84 -10.75
N GLU C 142 15.64 1.73 -10.19
CA GLU C 142 16.82 1.39 -10.97
C GLU C 142 17.28 2.47 -11.96
N VAL C 143 16.77 3.68 -11.79
CA VAL C 143 17.18 4.77 -12.67
C VAL C 143 17.64 5.96 -11.83
N ALA C 144 18.86 6.40 -12.08
CA ALA C 144 19.45 7.52 -11.36
C ALA C 144 18.60 8.76 -11.51
N VAL C 145 18.50 9.54 -10.44
CA VAL C 145 17.73 10.77 -10.46
C VAL C 145 18.46 11.89 -9.75
N ASP C 146 19.58 11.56 -9.11
CA ASP C 146 20.36 12.59 -8.41
C ASP C 146 21.71 12.02 -8.02
N LYS C 147 22.78 12.67 -8.49
CA LYS C 147 24.11 12.22 -8.16
C LYS C 147 24.92 13.38 -7.60
N GLN C 148 25.51 13.16 -6.43
CA GLN C 148 26.30 14.20 -5.79
C GLN C 148 27.71 13.69 -5.51
N VAL C 149 28.72 14.48 -5.89
CA VAL C 149 30.11 14.12 -5.63
C VAL C 149 30.61 14.99 -4.48
N VAL C 150 30.45 14.46 -3.27
CA VAL C 150 30.86 15.17 -2.06
C VAL C 150 31.99 14.48 -1.32
N GLY C 151 32.61 15.22 -0.40
CA GLY C 151 33.70 14.66 0.41
C GLY C 151 33.22 14.32 1.81
N THR C 152 32.38 15.19 2.38
CA THR C 152 31.83 14.96 3.72
C THR C 152 30.29 14.79 3.67
N ALA C 153 29.74 14.20 4.73
CA ALA C 153 28.30 13.98 4.82
C ALA C 153 27.56 15.30 4.76
N SER C 154 28.18 16.34 5.30
CA SER C 154 27.58 17.67 5.31
C SER C 154 27.38 18.24 3.91
N GLU C 155 28.30 17.93 2.99
CA GLU C 155 28.22 18.42 1.61
C GLU C 155 27.02 17.88 0.81
N LEU C 156 26.23 17.03 1.46
CA LEU C 156 25.04 16.46 0.82
C LEU C 156 23.86 17.41 0.92
N ILE C 157 23.39 17.83 -0.25
CA ILE C 157 22.26 18.75 -0.35
C ILE C 157 20.97 17.99 -0.67
N ASP C 158 19.94 18.19 0.14
CA ASP C 158 18.67 17.52 -0.06
C ASP C 158 18.18 17.67 -1.50
N SER C 159 17.56 16.63 -2.02
CA SER C 159 17.03 16.64 -3.38
C SER C 159 15.53 16.39 -3.35
N ASN C 160 14.95 16.31 -4.55
CA ASN C 160 13.52 16.08 -4.71
C ASN C 160 13.18 14.62 -4.48
N TYR C 161 14.11 13.91 -3.86
CA TYR C 161 13.93 12.50 -3.58
C TYR C 161 14.37 12.10 -2.18
N VAL C 162 15.42 12.72 -1.68
CA VAL C 162 15.88 12.37 -0.33
C VAL C 162 16.21 13.54 0.58
N SER C 163 16.46 13.22 1.84
CA SER C 163 16.80 14.22 2.84
C SER C 163 17.82 13.61 3.77
N PHE C 164 19.05 14.09 3.64
CA PHE C 164 20.14 13.60 4.45
C PHE C 164 20.20 14.32 5.78
N LYS C 165 20.39 13.57 6.87
CA LYS C 165 20.50 14.13 8.22
C LYS C 165 21.89 13.88 8.80
N THR C 166 22.75 14.89 8.67
CA THR C 166 24.12 14.84 9.15
C THR C 166 24.18 14.95 10.69
N THR C 167 24.79 13.95 11.33
CA THR C 167 24.94 13.91 12.79
C THR C 167 26.42 13.99 13.16
N SER C 168 26.72 13.79 14.44
CA SER C 168 28.10 13.85 14.96
C SER C 168 28.96 12.70 14.42
N THR C 169 28.50 11.49 14.69
CA THR C 169 29.18 10.28 14.28
C THR C 169 29.03 10.01 12.78
N SER C 170 28.81 11.06 12.00
CA SER C 170 28.63 10.91 10.55
C SER C 170 29.90 10.54 9.81
N GLU C 171 29.88 9.37 9.18
CA GLU C 171 31.01 8.87 8.41
C GLU C 171 30.47 8.24 7.14
N LEU C 172 30.82 8.81 5.99
CA LEU C 172 30.34 8.29 4.72
C LEU C 172 31.10 7.07 4.23
N GLN C 173 30.62 5.89 4.58
CA GLN C 173 31.25 4.64 4.16
C GLN C 173 30.64 4.22 2.84
N GLN C 174 31.45 3.60 1.99
CA GLN C 174 30.98 3.16 0.67
C GLN C 174 29.93 2.08 0.86
N SER C 175 28.89 2.12 0.04
CA SER C 175 27.81 1.15 0.12
C SER C 175 27.46 0.64 -1.27
N SER C 176 27.24 -0.66 -1.38
CA SER C 176 26.89 -1.29 -2.66
C SER C 176 25.47 -0.89 -3.07
N GLY C 177 24.63 -0.57 -2.09
CA GLY C 177 23.28 -0.17 -2.40
C GLY C 177 22.28 -0.40 -1.29
N THR C 178 22.08 0.61 -0.46
CA THR C 178 21.12 0.51 0.63
C THR C 178 19.79 1.16 0.23
N THR C 179 18.71 0.39 0.26
CA THR C 179 17.39 0.91 -0.12
C THR C 179 16.49 1.37 1.04
N LEU C 180 15.68 2.39 0.81
CA LEU C 180 14.77 2.91 1.84
C LEU C 180 13.57 2.01 2.04
N VAL C 181 12.97 2.11 3.21
CA VAL C 181 11.83 1.28 3.51
C VAL C 181 10.94 1.88 4.59
N GLY C 182 9.68 1.44 4.64
CA GLY C 182 8.75 1.96 5.63
C GLY C 182 7.73 2.89 5.02
N GLY C 183 7.83 3.06 3.71
CA GLY C 183 6.91 3.93 3.01
C GLY C 183 5.51 3.36 2.93
N THR C 184 4.52 4.19 3.26
CA THR C 184 3.12 3.78 3.24
C THR C 184 2.22 4.96 3.01
N ASP C 185 1.04 4.72 2.44
CA ASP C 185 0.08 5.80 2.24
C ASP C 185 -1.24 5.45 2.88
N GLN C 186 -1.70 6.32 3.78
CA GLN C 186 -2.95 6.15 4.48
C GLN C 186 -4.12 6.43 3.57
N PRO C 187 -5.14 5.57 3.60
CA PRO C 187 -6.34 5.70 2.77
C PRO C 187 -6.99 7.07 2.86
N VAL C 188 -7.70 7.44 1.80
CA VAL C 188 -8.36 8.73 1.72
C VAL C 188 -9.53 8.81 2.67
N THR C 189 -9.51 9.81 3.54
CA THR C 189 -10.60 10.04 4.49
C THR C 189 -11.53 11.15 4.00
N ASN C 190 -12.81 11.08 4.31
CA ASN C 190 -13.74 12.12 3.88
C ASN C 190 -13.30 13.50 4.31
N LEU C 191 -12.42 13.55 5.29
CA LEU C 191 -11.90 14.83 5.76
C LEU C 191 -11.04 15.45 4.71
N ASP C 192 -10.26 14.61 4.03
CA ASP C 192 -9.36 15.04 2.97
C ASP C 192 -10.10 15.81 1.87
N TYR C 193 -11.29 15.34 1.49
CA TYR C 193 -12.05 16.01 0.46
C TYR C 193 -12.46 17.39 0.89
N THR C 194 -12.60 17.59 2.19
CA THR C 194 -12.98 18.90 2.66
C THR C 194 -11.79 19.82 2.49
N GLN C 195 -10.61 19.33 2.90
CA GLN C 195 -9.38 20.10 2.78
C GLN C 195 -9.06 20.46 1.33
N PHE C 196 -9.47 19.60 0.41
CA PHE C 196 -9.29 19.81 -1.02
C PHE C 196 -10.06 21.07 -1.42
N LEU C 197 -11.30 21.18 -0.96
CA LEU C 197 -12.10 22.34 -1.31
C LEU C 197 -11.51 23.60 -0.72
N VAL C 198 -10.79 23.46 0.39
CA VAL C 198 -10.18 24.61 1.03
C VAL C 198 -8.95 25.11 0.24
N SER C 199 -8.13 24.17 -0.23
CA SER C 199 -6.98 24.54 -0.98
C SER C 199 -7.44 24.99 -2.34
N ALA C 200 -8.59 24.51 -2.76
CA ALA C 200 -9.10 24.89 -4.06
C ALA C 200 -9.33 26.39 -4.16
N GLU C 201 -9.49 27.04 -3.03
CA GLU C 201 -9.74 28.48 -3.04
C GLU C 201 -8.54 29.26 -3.55
N GLY C 202 -7.34 28.73 -3.34
CA GLY C 202 -6.17 29.45 -3.77
C GLY C 202 -5.61 29.01 -5.11
N GLU C 203 -6.46 28.48 -5.97
CA GLU C 203 -6.02 28.00 -7.27
C GLU C 203 -6.88 28.57 -8.39
N TYR C 204 -6.25 28.78 -9.55
CA TYR C 204 -6.97 29.31 -10.71
C TYR C 204 -7.29 28.18 -11.65
N PHE C 205 -8.56 27.80 -11.70
CA PHE C 205 -9.00 26.71 -12.56
C PHE C 205 -10.36 27.05 -13.14
N ASP C 206 -10.74 26.38 -14.21
CA ASP C 206 -12.05 26.63 -14.82
C ASP C 206 -13.14 25.75 -14.22
N THR C 207 -12.84 24.47 -14.09
CA THR C 207 -13.79 23.53 -13.54
C THR C 207 -13.17 22.72 -12.41
N ILE C 208 -13.99 22.30 -11.46
CA ILE C 208 -13.51 21.51 -10.36
C ILE C 208 -14.34 20.24 -10.31
N ALA C 209 -13.67 19.09 -10.21
CA ALA C 209 -14.33 17.80 -10.19
C ALA C 209 -14.42 17.27 -8.77
N PHE C 210 -15.53 16.63 -8.46
CA PHE C 210 -15.71 16.06 -7.14
C PHE C 210 -16.16 14.61 -7.37
N PRO C 211 -15.21 13.74 -7.71
CA PRO C 211 -15.44 12.31 -7.96
C PRO C 211 -15.74 11.51 -6.71
N VAL C 212 -16.44 12.13 -5.78
CA VAL C 212 -16.75 11.46 -4.53
C VAL C 212 -17.81 10.37 -4.73
N SER C 213 -17.65 9.28 -3.99
CA SER C 213 -18.55 8.14 -4.07
C SER C 213 -19.97 8.58 -3.74
N SER C 214 -20.95 7.97 -4.41
CA SER C 214 -22.35 8.33 -4.21
C SER C 214 -22.85 8.06 -2.80
N SER C 215 -22.01 7.42 -1.99
CA SER C 215 -22.35 7.09 -0.60
C SER C 215 -22.62 8.35 0.20
N ASP C 216 -21.55 8.98 0.69
CA ASP C 216 -21.69 10.18 1.49
C ASP C 216 -22.36 11.37 0.82
N VAL C 217 -23.59 11.64 1.24
CA VAL C 217 -24.37 12.75 0.69
C VAL C 217 -23.91 14.07 1.28
N ALA C 218 -23.50 14.06 2.54
CA ALA C 218 -23.04 15.27 3.21
C ALA C 218 -21.97 15.95 2.36
N LEU C 219 -20.93 15.19 2.00
CA LEU C 219 -19.84 15.72 1.19
C LEU C 219 -20.35 16.41 -0.05
N LYS C 220 -21.12 15.68 -0.85
CA LYS C 220 -21.67 16.26 -2.06
C LYS C 220 -22.35 17.59 -1.75
N THR C 221 -23.05 17.67 -0.62
CA THR C 221 -23.71 18.91 -0.27
C THR C 221 -22.71 20.01 0.04
N SER C 222 -21.74 19.70 0.89
CA SER C 222 -20.74 20.69 1.26
C SER C 222 -19.96 21.11 0.01
N PHE C 223 -19.95 20.26 -1.01
CA PHE C 223 -19.24 20.57 -2.25
C PHE C 223 -20.03 21.63 -2.99
N VAL C 224 -21.32 21.37 -3.15
CA VAL C 224 -22.20 22.30 -3.82
C VAL C 224 -22.17 23.68 -3.15
N SER C 225 -22.06 23.70 -1.83
CA SER C 225 -21.99 24.95 -1.09
C SER C 225 -20.71 25.66 -1.49
N PHE C 226 -19.60 24.93 -1.46
CA PHE C 226 -18.32 25.50 -1.81
C PHE C 226 -18.42 26.23 -3.11
N VAL C 227 -19.05 25.59 -4.10
CA VAL C 227 -19.19 26.19 -5.42
C VAL C 227 -20.08 27.41 -5.38
N LYS C 228 -21.16 27.34 -4.63
CA LYS C 228 -22.06 28.47 -4.52
C LYS C 228 -21.36 29.69 -3.98
N ARG C 229 -20.50 29.51 -2.98
CA ARG C 229 -19.77 30.65 -2.44
C ARG C 229 -18.83 31.18 -3.50
N ARG C 231 -18.72 31.25 -6.44
CA ARG C 231 -19.39 31.99 -7.51
C ARG C 231 -20.13 33.21 -7.07
N ASP C 232 -21.22 32.99 -6.34
CA ASP C 232 -22.07 34.07 -5.88
C ASP C 232 -21.60 34.84 -4.65
N GLU C 233 -20.42 34.52 -4.11
CA GLU C 233 -19.94 35.22 -2.94
C GLU C 233 -18.54 35.80 -3.16
N GLN C 234 -17.65 35.04 -3.78
CA GLN C 234 -16.31 35.51 -4.00
C GLN C 234 -16.20 36.12 -5.41
N GLY C 235 -17.22 35.86 -6.23
CA GLY C 235 -17.23 36.38 -7.58
C GLY C 235 -16.49 35.54 -8.59
N VAL C 236 -15.98 34.39 -8.16
CA VAL C 236 -15.25 33.51 -9.06
C VAL C 236 -16.21 32.50 -9.68
N LYS C 237 -16.61 32.76 -10.91
CA LYS C 237 -17.57 31.89 -11.58
C LYS C 237 -16.95 30.59 -12.11
N ILE C 238 -16.87 29.59 -11.25
CA ILE C 238 -16.30 28.31 -11.64
C ILE C 238 -17.41 27.25 -11.79
N LYS C 239 -17.10 26.09 -12.38
CA LYS C 239 -18.08 25.02 -12.55
C LYS C 239 -17.71 23.81 -11.72
N GLY C 240 -18.73 23.17 -11.15
CA GLY C 240 -18.49 21.99 -10.34
C GLY C 240 -19.14 20.79 -10.98
N VAL C 241 -18.57 19.61 -10.79
CA VAL C 241 -19.12 18.40 -11.39
C VAL C 241 -19.20 17.26 -10.39
N VAL C 242 -20.42 16.85 -10.05
CA VAL C 242 -20.62 15.74 -9.12
C VAL C 242 -21.60 14.78 -9.73
N ALA C 243 -21.60 13.55 -9.25
CA ALA C 243 -22.51 12.54 -9.77
C ALA C 243 -23.77 12.40 -8.91
N ASN C 244 -24.92 12.37 -9.58
CA ASN C 244 -26.20 12.22 -8.90
C ASN C 244 -26.28 13.17 -7.73
N PRO C 246 -28.69 16.58 -7.63
CA PRO C 246 -29.50 17.67 -8.16
C PRO C 246 -29.39 18.93 -7.31
N ALA C 247 -28.29 19.65 -7.47
CA ALA C 247 -28.07 20.87 -6.71
C ALA C 247 -28.97 22.00 -7.17
N ASP C 248 -29.71 21.78 -8.25
CA ASP C 248 -30.59 22.81 -8.79
C ASP C 248 -29.84 24.16 -8.77
N TYR C 249 -28.61 24.17 -9.26
CA TYR C 249 -27.80 25.37 -9.30
C TYR C 249 -27.06 25.42 -10.64
N GLU C 250 -27.07 26.56 -11.32
CA GLU C 250 -26.41 26.66 -12.61
C GLU C 250 -24.90 26.53 -12.56
N GLY C 251 -24.35 26.38 -11.36
CA GLY C 251 -22.91 26.27 -11.22
C GLY C 251 -22.45 24.84 -11.06
N ILE C 252 -23.40 23.91 -11.03
CA ILE C 252 -23.07 22.49 -10.88
C ILE C 252 -23.60 21.63 -12.01
N ILE C 253 -22.79 20.69 -12.49
CA ILE C 253 -23.22 19.78 -13.55
C ILE C 253 -23.55 18.50 -12.80
N ASN C 254 -24.74 17.97 -13.06
CA ASN C 254 -25.18 16.75 -12.39
C ASN C 254 -25.03 15.52 -13.29
N VAL C 255 -23.90 14.82 -13.17
CA VAL C 255 -23.67 13.64 -14.00
C VAL C 255 -24.63 12.56 -13.59
N ARG C 256 -25.34 11.98 -14.57
CA ARG C 256 -26.34 10.95 -14.29
C ARG C 256 -25.81 9.54 -14.36
N ASN C 257 -25.40 9.13 -15.56
CA ASN C 257 -24.89 7.77 -15.77
C ASN C 257 -23.38 7.71 -16.01
N GLY C 258 -22.86 6.49 -16.14
CA GLY C 258 -21.43 6.29 -16.37
C GLY C 258 -21.19 5.70 -17.74
N VAL C 259 -19.99 5.19 -17.97
CA VAL C 259 -19.65 4.60 -19.26
C VAL C 259 -18.75 3.38 -19.13
N THR C 260 -18.51 2.71 -20.25
CA THR C 260 -17.67 1.52 -20.28
C THR C 260 -16.63 1.72 -21.38
N LEU C 261 -15.37 1.64 -20.99
CA LEU C 261 -14.27 1.84 -21.93
C LEU C 261 -14.04 0.63 -22.80
N ARG C 262 -13.25 0.82 -23.87
CA ARG C 262 -12.95 -0.26 -24.80
C ARG C 262 -12.34 -1.47 -24.11
N ASP C 263 -11.42 -1.25 -23.19
CA ASP C 263 -10.79 -2.34 -22.46
C ASP C 263 -11.77 -3.05 -21.52
N GLY C 264 -13.03 -2.64 -21.54
CA GLY C 264 -14.03 -3.26 -20.69
C GLY C 264 -14.19 -2.65 -19.31
N THR C 265 -13.31 -1.71 -18.95
CA THR C 265 -13.39 -1.05 -17.66
C THR C 265 -14.71 -0.29 -17.51
N ILE C 266 -15.35 -0.46 -16.36
CA ILE C 266 -16.61 0.20 -16.07
C ILE C 266 -16.37 1.43 -15.20
N LEU C 267 -16.87 2.57 -15.66
CA LEU C 267 -16.74 3.81 -14.92
C LEU C 267 -18.09 4.27 -14.40
N GLU C 268 -18.21 4.30 -13.08
CA GLU C 268 -19.43 4.74 -12.43
C GLU C 268 -19.58 6.23 -12.64
N PRO C 269 -20.81 6.73 -12.62
CA PRO C 269 -20.97 8.16 -12.84
C PRO C 269 -20.02 8.99 -12.00
N HIS C 270 -19.83 8.63 -10.74
CA HIS C 270 -18.95 9.44 -9.91
C HIS C 270 -17.53 9.49 -10.45
N GLN C 271 -17.23 8.61 -11.40
CA GLN C 271 -15.90 8.57 -12.01
C GLN C 271 -15.96 9.34 -13.32
N VAL C 272 -17.07 9.20 -14.03
CA VAL C 272 -17.24 9.90 -15.28
C VAL C 272 -17.09 11.40 -15.07
N VAL C 273 -17.37 11.90 -13.86
CA VAL C 273 -17.23 13.34 -13.64
C VAL C 273 -15.87 13.83 -14.08
N ALA C 274 -14.85 13.03 -13.83
CA ALA C 274 -13.50 13.40 -14.23
C ALA C 274 -13.49 13.83 -15.68
N TRP C 275 -14.02 13.01 -16.57
CA TRP C 275 -14.06 13.38 -17.98
C TRP C 275 -14.89 14.64 -18.19
N VAL C 276 -16.16 14.57 -17.77
CA VAL C 276 -17.08 15.69 -17.90
C VAL C 276 -16.44 17.01 -17.42
N ALA C 277 -15.64 16.93 -16.37
CA ALA C 277 -14.98 18.12 -15.87
C ALA C 277 -14.15 18.69 -17.00
N GLY C 278 -13.27 17.86 -17.53
CA GLY C 278 -12.40 18.28 -18.61
C GLY C 278 -13.20 18.68 -19.83
N ALA C 279 -14.37 18.07 -19.98
CA ALA C 279 -15.20 18.39 -21.13
C ALA C 279 -15.71 19.82 -21.03
N ASP C 280 -16.22 20.19 -19.86
CA ASP C 280 -16.73 21.54 -19.64
C ASP C 280 -15.61 22.55 -19.58
N ALA C 281 -14.47 22.15 -19.02
CA ALA C 281 -13.36 23.07 -18.91
C ALA C 281 -12.71 23.39 -20.26
N SER C 282 -12.83 22.48 -21.22
CA SER C 282 -12.21 22.72 -22.52
C SER C 282 -13.15 23.33 -23.53
N ALA C 283 -14.43 23.22 -23.28
CA ALA C 283 -15.42 23.77 -24.21
C ALA C 283 -15.18 25.22 -24.58
N SER C 284 -15.39 25.52 -25.85
CA SER C 284 -15.22 26.86 -26.38
C SER C 284 -16.46 27.71 -26.12
N LEU C 286 -17.92 29.34 -28.30
CA LEU C 286 -18.76 29.22 -29.50
C LEU C 286 -19.41 27.83 -29.64
N LYS C 287 -18.74 26.80 -29.15
CA LYS C 287 -19.24 25.44 -29.23
C LYS C 287 -19.71 24.88 -27.90
N SER C 288 -20.82 24.15 -27.96
CA SER C 288 -21.42 23.51 -26.79
C SER C 288 -20.79 22.13 -26.67
N ASN C 289 -21.26 21.33 -25.72
CA ASN C 289 -20.74 19.99 -25.53
C ASN C 289 -21.77 18.96 -25.89
N THR C 290 -22.91 19.46 -26.38
CA THR C 290 -23.92 18.63 -26.87
C THR C 290 -23.27 17.90 -28.04
N PHE C 291 -23.58 16.56 -28.18
CA PHE C 291 -23.11 15.57 -29.20
C PHE C 291 -21.62 15.37 -29.20
N VAL C 292 -21.00 15.62 -28.05
CA VAL C 292 -19.57 15.43 -27.97
C VAL C 292 -19.30 14.01 -27.60
N LYS C 293 -18.41 13.37 -28.35
CA LYS C 293 -18.11 11.97 -28.07
C LYS C 293 -17.11 11.78 -26.91
N TYR C 294 -17.34 10.73 -26.12
CA TYR C 294 -16.47 10.42 -25.00
C TYR C 294 -15.47 9.44 -25.54
N ASP C 295 -14.36 9.97 -26.05
CA ASP C 295 -13.31 9.13 -26.63
C ASP C 295 -12.91 7.96 -25.72
N GLY C 296 -12.90 6.74 -26.24
CA GLY C 296 -12.50 5.60 -25.44
C GLY C 296 -13.65 4.80 -24.86
N ALA C 297 -14.85 5.34 -24.94
CA ALA C 297 -16.00 4.67 -24.39
C ALA C 297 -16.78 3.97 -25.47
N ILE C 298 -17.07 2.70 -25.23
CA ILE C 298 -17.82 1.87 -26.17
C ILE C 298 -19.28 1.70 -25.78
N ASP C 299 -19.66 2.15 -24.58
CA ASP C 299 -21.06 2.03 -24.19
C ASP C 299 -21.37 2.82 -22.94
N ALA C 300 -22.58 3.35 -22.88
CA ALA C 300 -23.00 4.15 -21.75
C ALA C 300 -23.69 3.24 -20.74
N THR C 301 -23.07 3.02 -19.60
CA THR C 301 -23.69 2.18 -18.61
C THR C 301 -24.04 2.93 -17.33
N PRO C 302 -25.31 2.94 -16.96
CA PRO C 302 -26.42 2.31 -17.67
C PRO C 302 -26.92 3.16 -18.83
N ARG C 303 -27.79 2.58 -19.65
CA ARG C 303 -28.40 3.29 -20.78
C ARG C 303 -29.75 3.85 -20.34
N LEU C 304 -30.26 4.86 -21.03
CA LEU C 304 -31.54 5.41 -20.67
C LEU C 304 -32.46 5.42 -21.89
N ALA C 305 -33.71 4.97 -21.68
CA ALA C 305 -34.72 4.94 -22.75
C ALA C 305 -35.13 6.35 -23.08
N ASN C 306 -35.74 6.54 -24.23
CA ASN C 306 -36.16 7.87 -24.63
C ASN C 306 -36.91 8.64 -23.54
N ASP C 307 -37.86 7.97 -22.90
CA ASP C 307 -38.64 8.59 -21.84
C ASP C 307 -37.76 8.89 -20.61
N GLU C 308 -36.85 7.99 -20.27
CA GLU C 308 -35.96 8.22 -19.13
C GLU C 308 -35.04 9.40 -19.40
N ALA C 309 -34.48 9.42 -20.60
CA ALA C 309 -33.57 10.48 -20.99
C ALA C 309 -34.32 11.79 -20.99
N GLU C 310 -35.41 11.85 -21.76
CA GLU C 310 -36.20 13.06 -21.83
C GLU C 310 -36.52 13.50 -20.42
N GLU C 311 -36.80 12.52 -19.57
CA GLU C 311 -37.11 12.78 -18.17
C GLU C 311 -35.90 13.41 -17.51
N ALA C 312 -34.76 12.73 -17.61
CA ALA C 312 -33.51 13.21 -17.03
C ALA C 312 -33.20 14.64 -17.40
N LEU C 313 -33.20 14.92 -18.69
CA LEU C 313 -32.91 16.26 -19.14
C LEU C 313 -33.82 17.27 -18.49
N GLN C 314 -35.08 16.91 -18.35
CA GLN C 314 -36.08 17.77 -17.75
C GLN C 314 -35.69 18.12 -16.32
N ASN C 315 -34.91 17.24 -15.70
CA ASN C 315 -34.46 17.42 -14.34
C ASN C 315 -33.03 17.97 -14.25
N GLY C 316 -32.54 18.51 -15.35
CA GLY C 316 -31.20 19.08 -15.37
C GLY C 316 -30.11 18.05 -15.13
N GLU C 317 -30.19 16.91 -15.80
CA GLU C 317 -29.17 15.89 -15.62
C GLU C 317 -28.25 15.74 -16.85
N PHE C 318 -26.94 15.62 -16.60
CA PHE C 318 -25.95 15.47 -17.67
C PHE C 318 -25.88 14.00 -18.03
N VAL C 319 -26.54 13.61 -19.11
CA VAL C 319 -26.57 12.21 -19.52
C VAL C 319 -25.78 11.84 -20.75
N LEU C 320 -25.27 10.62 -20.76
CA LEU C 320 -24.50 10.12 -21.89
C LEU C 320 -25.31 9.04 -22.58
N THR C 321 -25.44 9.12 -23.90
CA THR C 321 -26.19 8.12 -24.62
C THR C 321 -25.30 7.42 -25.64
N PHE C 322 -25.53 6.13 -25.82
CA PHE C 322 -24.76 5.34 -26.77
C PHE C 322 -25.47 5.29 -28.11
N ASP C 323 -24.78 5.66 -29.17
CA ASP C 323 -25.38 5.62 -30.51
C ASP C 323 -24.91 4.36 -31.19
N ALA C 324 -25.79 3.37 -31.25
CA ALA C 324 -25.45 2.09 -31.86
C ALA C 324 -25.07 2.21 -33.34
N ARG C 325 -25.58 3.26 -33.98
CA ARG C 325 -25.31 3.51 -35.40
C ARG C 325 -23.82 3.68 -35.64
N ASP C 326 -23.27 4.72 -35.03
CA ASP C 326 -21.85 5.07 -35.14
C ASP C 326 -21.01 4.34 -34.08
N LYS C 327 -21.69 3.61 -33.21
CA LYS C 327 -21.04 2.87 -32.13
C LYS C 327 -20.06 3.72 -31.33
N ALA C 328 -20.61 4.73 -30.65
CA ALA C 328 -19.85 5.65 -29.82
C ALA C 328 -20.80 6.33 -28.84
N VAL C 329 -20.27 6.76 -27.69
CA VAL C 329 -21.13 7.42 -26.71
C VAL C 329 -20.90 8.93 -26.72
N TYR C 330 -21.97 9.69 -26.58
CA TYR C 330 -21.88 11.13 -26.61
C TYR C 330 -22.78 11.82 -25.59
N VAL C 331 -22.56 13.11 -25.40
CA VAL C 331 -23.34 13.90 -24.47
C VAL C 331 -24.74 14.23 -25.02
N GLU C 332 -25.80 13.91 -24.28
CA GLU C 332 -27.14 14.22 -24.75
C GLU C 332 -27.44 15.73 -24.80
N GLN C 333 -26.96 16.48 -23.82
CA GLN C 333 -27.18 17.91 -23.79
C GLN C 333 -26.35 18.53 -22.69
N ASP C 334 -25.58 19.55 -23.05
CA ASP C 334 -24.71 20.24 -22.11
C ASP C 334 -25.55 21.11 -21.18
N LEU C 335 -26.09 20.51 -20.11
CA LEU C 335 -26.94 21.21 -19.14
C LEU C 335 -26.37 21.19 -17.74
N ASN C 336 -26.96 21.98 -16.85
CA ASN C 336 -26.51 21.99 -15.47
C ASN C 336 -27.70 21.65 -14.57
N SER C 337 -27.43 21.46 -13.29
CA SER C 337 -28.46 21.10 -12.32
C SER C 337 -29.62 22.07 -12.15
N LEU C 338 -29.46 23.30 -12.63
CA LEU C 338 -30.50 24.33 -12.51
C LEU C 338 -31.80 23.91 -13.15
N THR C 339 -32.87 23.92 -12.37
CA THR C 339 -34.19 23.53 -12.88
C THR C 339 -35.22 24.63 -12.53
N THR C 340 -35.32 24.94 -11.25
CA THR C 340 -36.23 25.93 -10.77
C THR C 340 -35.95 27.30 -11.37
N PHE C 341 -36.72 27.64 -12.40
CA PHE C 341 -36.59 28.92 -13.08
C PHE C 341 -37.44 30.02 -12.49
N SER C 342 -37.13 31.26 -12.86
CA SER C 342 -37.86 32.40 -12.35
C SER C 342 -37.71 33.61 -13.26
N LYS C 343 -38.39 34.69 -12.88
CA LYS C 343 -38.34 35.93 -13.63
C LYS C 343 -36.89 36.26 -13.99
N GLU C 344 -36.07 36.42 -12.97
CA GLU C 344 -34.67 36.75 -13.19
C GLU C 344 -33.84 35.57 -13.66
N LYS C 345 -33.80 34.50 -12.87
CA LYS C 345 -33.04 33.30 -13.26
C LYS C 345 -33.84 32.59 -14.36
N SER C 346 -33.70 33.04 -15.60
CA SER C 346 -34.44 32.47 -16.73
C SER C 346 -34.11 31.01 -16.91
N SER C 347 -34.83 30.35 -17.81
CA SER C 347 -34.58 28.95 -18.04
C SER C 347 -33.35 28.76 -18.92
N LYS C 348 -32.97 29.80 -19.63
CA LYS C 348 -31.83 29.75 -20.55
C LYS C 348 -30.53 29.37 -19.86
N PHE C 349 -30.53 29.48 -18.53
CA PHE C 349 -29.39 29.19 -17.71
C PHE C 349 -29.12 27.68 -17.63
N ARG C 350 -30.18 26.88 -17.77
CA ARG C 350 -30.07 25.44 -17.71
C ARG C 350 -28.99 25.00 -18.70
N LYS C 351 -28.88 25.73 -19.81
CA LYS C 351 -27.89 25.38 -20.82
C LYS C 351 -26.50 25.91 -20.44
N ASN C 352 -25.48 25.09 -20.65
CA ASN C 352 -24.13 25.51 -20.33
C ASN C 352 -23.59 26.34 -21.42
N LYS C 353 -24.25 26.29 -22.57
CA LYS C 353 -23.72 27.07 -23.67
C LYS C 353 -23.78 28.50 -23.20
N ILE C 354 -24.83 28.88 -22.50
CA ILE C 354 -24.92 30.25 -22.03
C ILE C 354 -24.03 30.39 -20.83
N SER C 355 -24.22 29.48 -19.89
CA SER C 355 -23.42 29.51 -18.68
C SER C 355 -21.93 29.78 -19.00
N ARG C 356 -21.27 28.91 -19.76
CA ARG C 356 -19.86 29.15 -20.03
C ARG C 356 -19.50 30.52 -20.60
N ILE C 357 -20.47 31.17 -21.24
CA ILE C 357 -20.23 32.49 -21.83
C ILE C 357 -20.31 33.55 -20.75
N LEU C 358 -21.42 33.60 -20.03
CA LEU C 358 -21.56 34.60 -18.98
C LEU C 358 -20.44 34.50 -17.95
N ASP C 359 -20.13 33.28 -17.55
CA ASP C 359 -19.05 33.06 -16.60
C ASP C 359 -17.74 33.55 -17.19
N GLY C 360 -17.30 32.91 -18.26
CA GLY C 360 -16.06 33.31 -18.90
C GLY C 360 -15.85 34.80 -18.92
N ILE C 361 -16.83 35.52 -19.47
CA ILE C 361 -16.77 36.99 -19.57
C ILE C 361 -16.51 37.58 -18.21
N ASN C 362 -17.24 37.07 -17.22
CA ASN C 362 -17.09 37.56 -15.87
C ASN C 362 -15.71 37.22 -15.34
N ASN C 363 -15.27 36.01 -15.60
CA ASN C 363 -13.97 35.61 -15.12
C ASN C 363 -12.86 36.40 -15.73
N ASP C 364 -12.86 36.52 -17.05
CA ASP C 364 -11.82 37.27 -17.73
C ASP C 364 -11.85 38.72 -17.29
N THR C 365 -13.04 39.23 -17.03
CA THR C 365 -13.17 40.60 -16.59
C THR C 365 -12.29 40.81 -15.37
N ARG C 366 -12.38 39.89 -14.41
CA ARG C 366 -11.61 40.04 -13.17
C ARG C 366 -10.15 39.68 -13.29
N ARG C 367 -9.88 38.48 -13.77
CA ARG C 367 -8.52 38.00 -13.94
C ARG C 367 -7.73 39.00 -14.79
N ASN C 368 -8.30 39.49 -15.90
CA ASN C 368 -7.59 40.43 -16.76
C ASN C 368 -7.20 41.73 -16.13
N ILE C 369 -8.15 42.34 -15.44
CA ILE C 369 -7.89 43.61 -14.77
C ILE C 369 -6.85 43.39 -13.70
N LEU C 370 -6.94 42.27 -13.00
CA LEU C 370 -5.93 41.99 -11.99
C LEU C 370 -4.55 41.96 -12.62
N ASP C 371 -4.45 41.32 -13.78
CA ASP C 371 -3.17 41.24 -14.49
C ASP C 371 -2.64 42.63 -14.79
N ALA C 372 -3.50 43.47 -15.36
CA ALA C 372 -3.14 44.84 -15.70
C ALA C 372 -2.69 45.58 -14.45
N ILE C 373 -3.39 45.36 -13.35
CA ILE C 373 -3.06 46.01 -12.08
C ILE C 373 -1.63 45.64 -11.70
N LYS C 374 -1.40 44.35 -11.43
CA LYS C 374 -0.09 43.85 -11.01
C LYS C 374 0.95 43.89 -12.11
N GLU C 375 0.60 44.42 -13.27
CA GLU C 375 1.57 44.50 -14.34
C GLU C 375 1.99 45.95 -14.43
N ARG C 376 1.04 46.85 -14.24
CA ARG C 376 1.32 48.28 -14.29
C ARG C 376 2.13 48.63 -13.04
N LYS C 377 2.02 47.78 -12.02
CA LYS C 377 2.73 47.98 -10.76
C LYS C 377 4.21 47.60 -10.92
N ASP C 378 4.47 46.63 -11.78
CA ASP C 378 5.82 46.15 -12.04
C ASP C 378 6.63 47.16 -12.87
N ALA C 379 5.92 48.12 -13.47
CA ALA C 379 6.58 49.14 -14.27
C ALA C 379 6.59 50.42 -13.44
N ASN C 380 6.09 50.31 -12.21
CA ASN C 380 6.05 51.45 -11.30
C ASN C 380 5.09 52.54 -11.81
N THR C 381 4.01 52.11 -12.45
CA THR C 381 3.01 53.03 -13.00
C THR C 381 1.62 52.60 -12.54
N ASP C 382 1.53 52.16 -11.29
CA ASP C 382 0.29 51.69 -10.71
C ASP C 382 -0.95 52.43 -11.23
N ILE C 383 -1.97 51.67 -11.63
CA ILE C 383 -3.20 52.23 -12.13
C ILE C 383 -3.90 53.01 -11.02
N PRO C 384 -3.95 54.35 -11.14
CA PRO C 384 -4.58 55.21 -10.14
C PRO C 384 -6.07 54.94 -9.91
N ALA C 385 -6.54 55.19 -8.69
CA ALA C 385 -7.94 54.98 -8.36
C ALA C 385 -8.77 56.25 -8.62
N ASP C 386 -8.54 56.86 -9.78
CA ASP C 386 -9.24 58.08 -10.16
C ASP C 386 -10.00 57.87 -11.47
N GLU C 387 -10.27 58.96 -12.18
CA GLU C 387 -10.98 58.90 -13.46
C GLU C 387 -10.10 58.33 -14.57
N ASN C 388 -8.80 58.63 -14.53
CA ASN C 388 -7.88 58.12 -15.54
C ASN C 388 -7.74 56.61 -15.45
N GLY C 389 -7.79 56.10 -14.22
CA GLY C 389 -7.68 54.67 -14.01
C GLY C 389 -8.92 54.00 -14.58
N VAL C 390 -10.08 54.53 -14.25
CA VAL C 390 -11.34 53.98 -14.73
C VAL C 390 -11.36 53.91 -16.24
N GLN C 391 -11.13 55.06 -16.88
CA GLN C 391 -11.14 55.13 -18.35
C GLN C 391 -10.22 54.07 -18.95
N PHE C 392 -9.02 53.96 -18.38
CA PHE C 392 -8.05 53.00 -18.89
C PHE C 392 -8.68 51.60 -18.94
N ILE C 393 -9.12 51.13 -17.78
CA ILE C 393 -9.74 49.82 -17.66
C ILE C 393 -10.95 49.72 -18.61
N LEU C 394 -11.82 50.72 -18.59
CA LEU C 394 -12.98 50.71 -19.46
C LEU C 394 -12.54 50.46 -20.90
N SER C 395 -11.57 51.24 -21.36
CA SER C 395 -11.08 51.11 -22.72
C SER C 395 -10.56 49.70 -22.98
N GLN C 397 -11.39 46.67 -21.24
CA GLN C 397 -12.46 45.71 -21.26
C GLN C 397 -13.25 45.83 -22.55
N THR C 398 -13.41 47.05 -23.02
CA THR C 398 -14.17 47.28 -24.26
C THR C 398 -13.52 46.51 -25.40
N ALA C 399 -12.19 46.61 -25.53
CA ALA C 399 -11.47 45.88 -26.58
C ALA C 399 -11.83 44.42 -26.50
N TYR C 400 -11.80 43.88 -25.28
CA TYR C 400 -12.14 42.49 -24.99
C TYR C 400 -13.54 42.20 -25.49
N LEU C 401 -14.52 42.94 -24.98
CA LEU C 401 -15.91 42.78 -25.37
C LEU C 401 -16.11 42.79 -26.86
N ASN C 402 -15.56 43.79 -27.56
CA ASN C 402 -15.71 43.87 -29.02
C ASN C 402 -15.15 42.63 -29.67
N GLU C 403 -14.00 42.17 -29.18
CA GLU C 403 -13.39 40.97 -29.72
C GLU C 403 -14.35 39.79 -29.67
N LEU C 404 -15.03 39.62 -28.53
CA LEU C 404 -15.99 38.53 -28.41
C LEU C 404 -17.13 38.68 -29.39
N GLN C 405 -17.45 39.92 -29.77
CA GLN C 405 -18.53 40.11 -30.72
C GLN C 405 -18.07 39.71 -32.12
N ASP C 406 -16.87 40.13 -32.47
CA ASP C 406 -16.29 39.82 -33.77
C ASP C 406 -16.11 38.32 -33.97
N SER C 407 -15.67 37.63 -32.91
CA SER C 407 -15.47 36.20 -32.98
C SER C 407 -16.84 35.50 -33.00
N GLY C 408 -17.91 36.27 -32.82
CA GLY C 408 -19.26 35.72 -32.86
C GLY C 408 -19.74 35.05 -31.59
N ALA C 409 -19.25 35.49 -30.44
CA ALA C 409 -19.63 34.91 -29.16
C ALA C 409 -20.81 35.67 -28.58
N ILE C 410 -20.81 36.98 -28.77
CA ILE C 410 -21.89 37.82 -28.28
C ILE C 410 -22.31 38.80 -29.37
N THR C 411 -23.56 39.22 -29.34
CA THR C 411 -24.10 40.15 -30.32
C THR C 411 -24.78 41.34 -29.67
N ASN C 412 -25.07 42.35 -30.49
CA ASN C 412 -25.75 43.56 -30.04
C ASN C 412 -25.01 44.25 -28.89
N PHE C 413 -23.70 44.38 -29.02
CA PHE C 413 -22.93 45.03 -27.98
C PHE C 413 -22.71 46.50 -28.31
N ASP C 414 -23.30 47.37 -27.49
CA ASP C 414 -23.17 48.80 -27.69
C ASP C 414 -22.16 49.42 -26.73
N SER C 415 -20.97 49.71 -27.27
CA SER C 415 -19.87 50.31 -26.51
C SER C 415 -20.37 51.46 -25.64
N THR C 416 -21.57 51.95 -25.94
CA THR C 416 -22.14 53.07 -25.19
C THR C 416 -22.82 52.66 -23.90
N ALA C 417 -24.08 52.21 -23.98
CA ALA C 417 -24.82 51.83 -22.79
C ALA C 417 -24.87 50.33 -22.56
N ASP C 418 -23.70 49.71 -22.42
CA ASP C 418 -23.62 48.27 -22.19
C ASP C 418 -22.44 47.94 -21.29
N ILE C 419 -21.52 48.89 -21.14
CA ILE C 419 -20.33 48.70 -20.32
C ILE C 419 -20.03 49.99 -19.58
N THR C 420 -19.87 49.91 -18.26
CA THR C 420 -19.54 51.08 -17.45
C THR C 420 -18.57 50.73 -16.32
N VAL C 421 -17.64 51.63 -16.03
CA VAL C 421 -16.68 51.38 -14.97
C VAL C 421 -16.65 52.55 -13.97
N SER C 422 -16.49 52.24 -12.68
CA SER C 422 -16.47 53.28 -11.66
C SER C 422 -15.58 52.94 -10.46
N LEU C 423 -15.63 53.80 -9.44
CA LEU C 423 -14.83 53.58 -8.24
C LEU C 423 -15.56 52.82 -7.16
N ASN C 424 -14.78 52.04 -6.42
CA ASN C 424 -15.25 51.18 -5.35
C ASN C 424 -15.90 51.87 -4.14
N ASN C 425 -16.31 53.13 -4.31
CA ASN C 425 -16.92 53.90 -3.21
C ASN C 425 -15.92 54.18 -2.08
N ASN C 426 -14.87 53.38 -2.04
CA ASN C 426 -13.79 53.48 -1.07
C ASN C 426 -12.58 53.83 -1.94
N VAL C 427 -12.87 54.18 -3.19
CA VAL C 427 -11.83 54.54 -4.16
C VAL C 427 -10.56 53.70 -4.02
N ASP C 428 -10.74 52.39 -3.78
CA ASP C 428 -9.62 51.46 -3.61
C ASP C 428 -9.79 50.26 -4.56
N GLY C 429 -10.76 50.37 -5.47
CA GLY C 429 -11.02 49.30 -6.42
C GLY C 429 -11.93 49.75 -7.53
N PHE C 430 -12.05 48.93 -8.56
CA PHE C 430 -12.92 49.26 -9.69
C PHE C 430 -14.14 48.35 -9.78
N ILE C 431 -15.26 48.94 -10.17
CA ILE C 431 -16.49 48.19 -10.32
C ILE C 431 -16.80 48.23 -11.80
N VAL C 432 -17.03 47.05 -12.38
CA VAL C 432 -17.34 46.97 -13.80
C VAL C 432 -18.70 46.35 -14.05
N ASN C 433 -19.61 47.17 -14.55
CA ASN C 433 -20.96 46.71 -14.86
C ASN C 433 -21.08 46.55 -16.37
N GLN C 434 -21.70 45.47 -16.79
CA GLN C 434 -21.88 45.20 -18.21
C GLN C 434 -23.08 44.32 -18.53
N SER C 435 -23.75 44.63 -19.63
CA SER C 435 -24.89 43.84 -20.08
C SER C 435 -24.49 43.19 -21.39
N ILE C 436 -24.26 41.89 -21.33
CA ILE C 436 -23.86 41.16 -22.53
C ILE C 436 -24.98 40.26 -22.99
N GLU C 437 -24.95 39.91 -24.27
CA GLU C 437 -25.97 39.03 -24.83
C GLU C 437 -25.33 37.90 -25.62
N PRO C 438 -25.44 36.67 -25.10
CA PRO C 438 -24.88 35.48 -25.76
C PRO C 438 -25.58 35.23 -27.09
N VAL C 439 -24.80 34.95 -28.12
CA VAL C 439 -25.31 34.72 -29.46
C VAL C 439 -26.80 34.39 -29.58
N ASP C 440 -27.14 33.11 -29.49
CA ASP C 440 -28.52 32.68 -29.63
C ASP C 440 -29.32 32.72 -28.33
N SER C 441 -29.86 33.89 -28.00
CA SER C 441 -30.66 34.03 -26.79
C SER C 441 -31.12 35.48 -26.72
N GLY C 442 -32.32 35.75 -27.19
CA GLY C 442 -32.82 37.12 -27.17
C GLY C 442 -32.96 37.70 -25.78
N GLU C 443 -31.84 38.02 -25.14
CA GLU C 443 -31.87 38.60 -23.81
C GLU C 443 -30.50 39.03 -23.37
N LYS C 444 -30.40 40.29 -22.95
CA LYS C 444 -29.14 40.83 -22.48
C LYS C 444 -29.09 40.58 -20.98
N PHE C 445 -27.96 40.06 -20.48
CA PHE C 445 -27.84 39.79 -19.06
C PHE C 445 -26.97 40.83 -18.39
N TYR C 446 -27.33 41.18 -17.15
CA TYR C 446 -26.59 42.20 -16.40
C TYR C 446 -25.59 41.54 -15.49
N PHE C 447 -24.35 41.95 -15.62
CA PHE C 447 -23.26 41.40 -14.83
C PHE C 447 -22.41 42.53 -14.24
N THR C 448 -22.07 42.39 -12.97
CA THR C 448 -21.24 43.39 -12.31
C THR C 448 -20.11 42.72 -11.54
N THR C 449 -18.89 43.03 -11.92
CA THR C 449 -17.71 42.47 -11.26
C THR C 449 -16.88 43.56 -10.58
N GLU C 450 -16.46 43.31 -9.35
CA GLU C 450 -15.64 44.27 -8.62
C GLU C 450 -14.23 43.72 -8.44
N VAL C 451 -13.26 44.59 -8.68
CA VAL C 451 -11.86 44.24 -8.58
C VAL C 451 -11.20 45.29 -7.71
N LYS C 452 -10.90 44.92 -6.46
CA LYS C 452 -10.25 45.81 -5.51
C LYS C 452 -8.81 46.09 -5.95
N LEU C 453 -8.44 47.36 -6.06
CA LEU C 453 -7.09 47.73 -6.48
C LEU C 453 -6.03 47.19 -5.51
N GLU C 454 -5.74 45.89 -5.58
CA GLU C 454 -4.73 45.25 -4.69
C GLU C 454 -4.47 43.77 -5.00
N THR D 20 -18.56 -44.70 21.54
CA THR D 20 -19.11 -43.38 21.13
C THR D 20 -18.50 -42.91 19.83
N ASN D 21 -19.11 -43.32 18.74
CA ASN D 21 -18.64 -42.94 17.41
C ASN D 21 -19.60 -41.88 16.87
N PHE D 22 -20.86 -42.28 16.72
CA PHE D 22 -21.92 -41.41 16.24
C PHE D 22 -22.33 -40.38 17.29
N LYS D 23 -23.00 -40.84 18.35
CA LYS D 23 -23.43 -39.96 19.41
C LYS D 23 -22.26 -39.17 19.97
N ALA D 24 -21.03 -39.53 19.57
CA ALA D 24 -19.83 -38.84 20.02
C ALA D 24 -19.79 -37.43 19.42
N ALA D 25 -20.87 -37.07 18.73
CA ALA D 25 -20.97 -35.77 18.08
C ALA D 25 -22.42 -35.52 17.70
N ALA D 26 -23.31 -36.31 18.26
CA ALA D 26 -24.73 -36.17 17.98
C ALA D 26 -25.29 -35.06 18.86
N ALA D 27 -24.79 -34.98 20.10
CA ALA D 27 -25.24 -33.96 21.04
C ALA D 27 -24.47 -32.65 20.86
N GLU D 28 -23.46 -32.65 20.00
CA GLU D 28 -22.69 -31.43 19.76
C GLU D 28 -23.50 -30.44 18.93
N ARG D 29 -24.46 -30.94 18.16
CA ARG D 29 -25.30 -30.06 17.35
C ARG D 29 -26.46 -29.51 18.18
N THR D 30 -26.76 -30.18 19.28
CA THR D 30 -27.85 -29.76 20.15
C THR D 30 -27.35 -28.97 21.34
N LYS D 31 -26.14 -29.30 21.80
CA LYS D 31 -25.52 -28.63 22.95
C LYS D 31 -25.50 -27.12 22.77
N ALA D 32 -25.23 -26.38 23.83
CA ALA D 32 -25.15 -24.93 23.73
C ALA D 32 -23.70 -24.51 24.00
N GLY D 33 -23.30 -23.34 23.50
CA GLY D 33 -21.93 -22.89 23.71
C GLY D 33 -21.22 -22.57 22.41
N GLU D 34 -19.98 -23.02 22.24
CA GLU D 34 -19.26 -22.73 21.00
C GLU D 34 -19.58 -23.78 19.93
N ARG D 35 -20.18 -23.33 18.83
CA ARG D 35 -20.58 -24.21 17.74
C ARG D 35 -19.81 -24.03 16.43
N GLY D 36 -20.50 -24.36 15.35
CA GLY D 36 -20.01 -24.32 13.96
C GLY D 36 -18.84 -23.48 13.48
N THR D 37 -18.38 -23.81 12.28
CA THR D 37 -17.28 -23.09 11.69
C THR D 37 -17.75 -22.59 10.35
N VAL D 38 -17.11 -21.55 9.87
CA VAL D 38 -17.46 -20.95 8.59
C VAL D 38 -16.22 -20.66 7.74
N ALA D 39 -16.42 -20.64 6.43
CA ALA D 39 -15.34 -20.37 5.51
C ALA D 39 -15.55 -18.91 5.09
N LEU D 40 -14.50 -18.12 5.31
CA LEU D 40 -14.49 -16.70 5.03
C LEU D 40 -13.39 -16.37 4.05
N PRO D 41 -13.72 -15.64 2.97
CA PRO D 41 -12.80 -15.21 1.91
C PRO D 41 -12.31 -13.82 2.24
N LEU D 42 -11.09 -13.74 2.74
CA LEU D 42 -10.47 -12.47 3.08
C LEU D 42 -9.31 -12.15 2.18
N ALA D 43 -8.75 -10.97 2.39
CA ALA D 43 -7.65 -10.55 1.56
C ALA D 43 -6.41 -10.26 2.39
N ALA D 44 -5.75 -11.31 2.86
CA ALA D 44 -4.55 -11.15 3.70
C ALA D 44 -3.32 -10.49 3.02
N SER D 45 -2.37 -10.10 3.85
CA SER D 45 -1.14 -9.47 3.36
C SER D 45 0.03 -10.41 3.60
N TRP D 46 -0.25 -11.56 4.20
CA TRP D 46 0.76 -12.58 4.51
C TRP D 46 0.10 -13.94 4.72
N GLY D 47 0.53 -14.94 3.96
CA GLY D 47 -0.12 -16.22 4.14
C GLY D 47 0.07 -17.11 2.95
N ALA D 48 -0.37 -18.35 3.12
CA ALA D 48 -0.24 -19.35 2.09
C ALA D 48 -0.66 -18.91 0.70
N ALA D 49 -1.69 -18.07 0.59
CA ALA D 49 -2.12 -17.62 -0.74
C ALA D 49 -2.79 -18.75 -1.49
N LYS D 50 -4.07 -18.58 -1.80
CA LYS D 50 -4.85 -19.59 -2.49
C LYS D 50 -5.09 -20.79 -1.57
N GLU D 51 -4.90 -20.59 -0.27
CA GLU D 51 -5.11 -21.65 0.71
C GLU D 51 -5.80 -21.13 1.95
N PHE D 52 -6.42 -22.05 2.68
CA PHE D 52 -7.14 -21.72 3.90
C PHE D 52 -6.26 -21.65 5.13
N VAL D 53 -6.78 -21.02 6.18
CA VAL D 53 -6.07 -20.89 7.43
C VAL D 53 -7.12 -21.01 8.50
N GLU D 54 -6.90 -21.91 9.44
CA GLU D 54 -7.87 -22.13 10.49
C GLU D 54 -7.54 -21.30 11.71
N ILE D 55 -8.50 -20.52 12.19
CA ILE D 55 -8.23 -19.73 13.36
C ILE D 55 -9.35 -19.90 14.38
N ASN D 56 -8.96 -20.10 15.64
CA ASN D 56 -9.92 -20.29 16.74
C ASN D 56 -9.62 -19.35 17.88
N LYS D 57 -8.36 -18.94 17.99
CA LYS D 57 -7.92 -18.04 19.04
C LYS D 57 -7.31 -16.82 18.39
N GLU D 58 -7.44 -15.67 19.05
CA GLU D 58 -6.88 -14.43 18.55
C GLU D 58 -5.41 -14.59 18.13
N GLU D 59 -4.63 -15.28 18.95
CA GLU D 59 -3.23 -15.50 18.67
C GLU D 59 -3.02 -16.11 17.29
N ASP D 60 -3.90 -17.02 16.91
CA ASP D 60 -3.82 -17.68 15.61
C ASP D 60 -3.73 -16.67 14.49
N VAL D 61 -4.56 -15.63 14.58
CA VAL D 61 -4.58 -14.61 13.56
C VAL D 61 -3.21 -14.06 13.27
N GLU D 62 -2.56 -13.51 14.31
CA GLU D 62 -1.24 -12.91 14.14
C GLU D 62 -0.16 -13.89 13.76
N LYS D 63 -0.18 -15.06 14.37
CA LYS D 63 0.84 -16.07 14.08
C LYS D 63 0.76 -16.61 12.65
N LYS D 64 -0.46 -16.67 12.12
CA LYS D 64 -0.69 -17.22 10.80
C LYS D 64 -0.80 -16.18 9.69
N LEU D 65 -1.21 -14.97 10.04
CA LEU D 65 -1.38 -13.93 9.03
C LEU D 65 -0.52 -12.69 9.24
N GLY D 66 0.36 -12.74 10.24
CA GLY D 66 1.25 -11.63 10.52
C GLY D 66 0.73 -10.35 11.15
N LEU D 67 -0.59 -10.23 11.32
CA LEU D 67 -1.14 -9.02 11.92
C LEU D 67 -2.00 -9.32 13.13
N SER D 68 -2.31 -8.28 13.90
CA SER D 68 -3.15 -8.47 15.06
C SER D 68 -4.59 -8.55 14.63
N LEU D 69 -5.37 -9.34 15.36
CA LEU D 69 -6.79 -9.50 15.06
C LEU D 69 -7.51 -8.16 15.12
N ALA D 70 -6.91 -7.21 15.83
CA ALA D 70 -7.48 -5.87 16.00
C ALA D 70 -7.21 -4.99 14.77
N HIS D 71 -6.35 -5.47 13.87
CA HIS D 71 -6.01 -4.74 12.66
C HIS D 71 -7.27 -4.48 11.84
N GLN D 72 -7.21 -3.49 10.95
CA GLN D 72 -8.33 -3.13 10.10
C GLN D 72 -8.58 -4.17 9.01
N SER D 73 -7.56 -4.97 8.73
CA SER D 73 -7.64 -5.99 7.68
C SER D 73 -8.63 -7.09 8.06
N PHE D 74 -8.84 -7.26 9.35
CA PHE D 74 -9.70 -8.33 9.81
C PHE D 74 -11.05 -7.90 10.32
N LEU D 75 -11.58 -6.83 9.76
CA LEU D 75 -12.88 -6.37 10.19
C LEU D 75 -13.89 -7.51 10.12
N LEU D 76 -14.12 -8.00 8.91
CA LEU D 76 -15.08 -9.07 8.70
C LEU D 76 -14.77 -10.29 9.56
N LEU D 77 -13.50 -10.65 9.68
CA LEU D 77 -13.12 -11.79 10.50
C LEU D 77 -13.66 -11.66 11.92
N ARG D 78 -13.40 -10.52 12.55
CA ARG D 78 -13.88 -10.29 13.92
C ARG D 78 -15.41 -10.47 14.01
N GLU D 79 -16.13 -9.88 13.06
CA GLU D 79 -17.56 -9.95 13.03
C GLU D 79 -18.04 -11.38 12.91
N THR D 80 -17.25 -12.22 12.25
CA THR D 80 -17.65 -13.61 12.08
C THR D 80 -17.45 -14.32 13.41
N LEU D 81 -16.30 -14.06 14.02
CA LEU D 81 -15.90 -14.64 15.30
C LEU D 81 -16.82 -14.25 16.46
N LYS D 82 -17.68 -13.25 16.24
CA LYS D 82 -18.59 -12.85 17.27
C LYS D 82 -19.51 -13.99 17.74
N LEU D 83 -19.80 -14.92 16.85
CA LEU D 83 -20.65 -16.05 17.21
C LEU D 83 -20.06 -17.39 16.75
N ALA D 84 -19.16 -17.33 15.78
CA ALA D 84 -18.58 -18.55 15.27
C ALA D 84 -17.40 -19.01 16.12
N LYS D 85 -17.31 -20.31 16.35
CA LYS D 85 -16.22 -20.85 17.15
C LYS D 85 -14.96 -20.90 16.34
N THR D 86 -15.10 -21.31 15.09
CA THR D 86 -13.94 -21.42 14.22
C THR D 86 -14.19 -20.74 12.89
N VAL D 87 -13.16 -20.11 12.35
CA VAL D 87 -13.28 -19.44 11.06
C VAL D 87 -12.15 -19.89 10.17
N LEU D 88 -12.52 -20.38 8.98
CA LEU D 88 -11.54 -20.85 8.00
C LEU D 88 -11.35 -19.74 6.99
N VAL D 89 -10.39 -18.86 7.28
CA VAL D 89 -10.09 -17.73 6.42
C VAL D 89 -9.24 -18.16 5.21
N TYR D 90 -9.69 -17.78 4.02
CA TYR D 90 -9.02 -18.10 2.75
C TYR D 90 -8.36 -16.84 2.20
N ARG D 91 -7.07 -16.90 1.94
CA ARG D 91 -6.41 -15.72 1.38
C ARG D 91 -6.77 -15.56 -0.09
N LEU D 92 -7.56 -14.56 -0.41
CA LEU D 92 -7.95 -14.30 -1.80
C LEU D 92 -6.77 -13.86 -2.66
N ASN D 93 -6.02 -12.88 -2.17
CA ASN D 93 -4.89 -12.32 -2.90
C ASN D 93 -3.57 -13.02 -2.69
N ASP D 94 -2.51 -12.29 -3.01
CA ASP D 94 -1.14 -12.74 -2.91
C ASP D 94 -0.27 -11.50 -3.11
N GLY D 95 1.04 -11.67 -3.30
CA GLY D 95 1.89 -10.50 -3.48
C GLY D 95 3.37 -10.80 -3.59
N ILE D 96 4.16 -9.77 -3.89
CA ILE D 96 5.60 -9.90 -4.04
C ILE D 96 6.24 -10.27 -2.71
N LYS D 97 7.26 -11.12 -2.75
CA LYS D 97 7.92 -11.51 -1.50
C LYS D 97 9.08 -10.58 -1.18
N ALA D 98 9.07 -10.02 0.02
CA ALA D 98 10.15 -9.11 0.44
C ALA D 98 11.50 -9.84 0.37
N THR D 99 12.55 -9.14 -0.05
CA THR D 99 13.87 -9.75 -0.16
C THR D 99 14.95 -8.85 0.45
N ALA D 100 16.18 -9.34 0.41
CA ALA D 100 17.33 -8.62 0.93
C ALA D 100 18.54 -9.55 0.87
N THR D 101 19.73 -8.98 0.70
CA THR D 101 20.95 -9.80 0.64
C THR D 101 21.73 -9.63 1.95
N LEU D 102 21.84 -10.71 2.71
CA LEU D 102 22.52 -10.67 3.98
C LEU D 102 24.04 -10.78 3.81
N ALA D 103 24.78 -10.13 4.71
CA ALA D 103 26.24 -10.13 4.72
C ALA D 103 26.87 -10.26 3.32
N THR D 104 27.24 -11.48 2.94
CA THR D 104 27.85 -11.73 1.64
C THR D 104 27.10 -12.79 0.85
N ASP D 105 26.37 -12.34 -0.19
CA ASP D 105 25.61 -13.23 -1.06
C ASP D 105 24.80 -14.28 -0.31
N VAL D 106 23.86 -13.82 0.51
CA VAL D 106 23.00 -14.70 1.29
C VAL D 106 21.56 -14.21 1.09
N VAL D 107 21.02 -14.45 -0.10
CA VAL D 107 19.66 -14.03 -0.42
C VAL D 107 18.62 -14.51 0.60
N VAL D 108 18.02 -13.56 1.30
CA VAL D 108 17.00 -13.87 2.30
C VAL D 108 15.67 -13.33 1.81
N THR D 109 14.76 -14.25 1.49
CA THR D 109 13.45 -13.87 0.99
C THR D 109 12.38 -14.26 2.01
N ALA D 110 11.32 -13.46 2.11
CA ALA D 110 10.22 -13.75 3.02
C ALA D 110 9.57 -15.04 2.56
N LYS D 111 8.94 -15.75 3.48
CA LYS D 111 8.29 -17.01 3.13
C LYS D 111 7.08 -16.80 2.20
N TYR D 112 6.16 -15.93 2.61
CA TYR D 112 4.98 -15.63 1.83
C TYR D 112 5.07 -14.25 1.17
N GLY D 113 4.10 -13.94 0.31
CA GLY D 113 4.10 -12.64 -0.34
C GLY D 113 3.23 -11.64 0.38
N GLY D 114 3.66 -10.38 0.42
CA GLY D 114 2.85 -9.37 1.08
C GLY D 114 3.67 -8.37 1.88
N ILE D 115 3.07 -7.22 2.16
CA ILE D 115 3.73 -6.15 2.90
C ILE D 115 4.19 -6.56 4.29
N VAL D 116 3.72 -7.72 4.76
CA VAL D 116 4.14 -8.14 6.08
C VAL D 116 5.61 -8.51 6.03
N GLY D 117 6.09 -8.89 4.86
CA GLY D 117 7.49 -9.24 4.75
C GLY D 117 8.42 -8.07 4.98
N ASN D 118 7.91 -6.86 4.78
CA ASN D 118 8.73 -5.66 4.96
C ASN D 118 8.97 -5.32 6.40
N SER D 119 8.39 -6.08 7.31
CA SER D 119 8.57 -5.83 8.74
C SER D 119 9.61 -6.82 9.28
N ILE D 120 10.03 -7.72 8.39
CA ILE D 120 11.02 -8.75 8.70
C ILE D 120 12.42 -8.18 8.61
N THR D 121 13.25 -8.52 9.58
CA THR D 121 14.62 -8.03 9.60
C THR D 121 15.59 -9.00 10.28
N ILE D 122 16.64 -9.41 9.55
CA ILE D 122 17.62 -10.34 10.09
C ILE D 122 18.86 -9.64 10.64
N LYS D 123 19.22 -9.98 11.88
CA LYS D 123 20.38 -9.41 12.55
C LYS D 123 21.33 -10.54 12.93
N VAL D 124 22.45 -10.63 12.22
CA VAL D 124 23.44 -11.68 12.49
C VAL D 124 24.64 -11.19 13.32
N ASP D 125 24.84 -11.82 14.49
CA ASP D 125 25.94 -11.48 15.39
C ASP D 125 26.86 -12.68 15.56
N GLU D 126 27.83 -12.56 16.45
CA GLU D 126 28.76 -13.66 16.69
C GLU D 126 28.33 -14.41 17.94
N ASN D 127 28.52 -15.73 17.92
CA ASN D 127 28.14 -16.56 19.06
C ASN D 127 29.09 -16.35 20.23
N VAL D 128 28.51 -16.11 21.41
CA VAL D 128 29.28 -15.89 22.64
C VAL D 128 29.76 -17.20 23.27
N VAL D 129 28.97 -18.27 23.10
CA VAL D 129 29.32 -19.58 23.66
C VAL D 129 30.14 -20.41 22.64
N ASP D 130 30.65 -19.73 21.61
CA ASP D 130 31.44 -20.38 20.58
C ASP D 130 31.71 -19.38 19.47
N SER D 131 32.79 -18.63 19.66
CA SER D 131 33.18 -17.61 18.70
C SER D 131 33.23 -18.06 17.23
N SER D 132 33.21 -19.37 17.00
CA SER D 132 33.27 -19.89 15.62
C SER D 132 31.91 -19.84 14.93
N LYS D 133 30.85 -19.66 15.71
CA LYS D 133 29.48 -19.61 15.19
C LYS D 133 28.90 -18.21 15.25
N LYS D 134 27.78 -18.03 14.55
CA LYS D 134 27.09 -16.75 14.49
C LYS D 134 25.67 -16.89 15.05
N ASP D 135 25.12 -15.77 15.49
CA ASP D 135 23.76 -15.70 16.04
C ASP D 135 22.79 -15.02 15.05
N VAL D 136 22.32 -15.77 14.06
CA VAL D 136 21.39 -15.24 13.07
C VAL D 136 19.99 -15.27 13.64
N THR D 137 19.41 -14.09 13.87
CA THR D 137 18.06 -14.03 14.40
C THR D 137 17.14 -13.25 13.47
N THR D 138 15.87 -13.63 13.43
CA THR D 138 14.90 -12.96 12.58
C THR D 138 13.88 -12.22 13.41
N TYR D 139 13.61 -10.97 13.04
CA TYR D 139 12.62 -10.17 13.77
C TYR D 139 11.40 -9.85 12.92
N LEU D 140 10.29 -9.60 13.59
CA LEU D 140 9.06 -9.24 12.91
C LEU D 140 8.42 -8.15 13.73
N ASN D 141 8.77 -6.90 13.41
CA ASN D 141 8.23 -5.75 14.13
C ASN D 141 8.97 -5.58 15.43
N GLU D 142 10.30 -5.72 15.37
CA GLU D 142 11.16 -5.57 16.56
C GLU D 142 11.04 -6.69 17.59
N VAL D 143 10.43 -7.80 17.21
CA VAL D 143 10.29 -8.91 18.13
C VAL D 143 10.82 -10.18 17.47
N ALA D 144 11.78 -10.82 18.13
CA ALA D 144 12.39 -12.04 17.61
C ALA D 144 11.33 -13.11 17.38
N VAL D 145 11.53 -13.89 16.32
CA VAL D 145 10.61 -14.97 16.00
C VAL D 145 11.36 -16.22 15.56
N ASP D 146 12.67 -16.12 15.41
CA ASP D 146 13.48 -17.26 15.00
C ASP D 146 14.94 -16.95 15.18
N LYS D 147 15.62 -17.76 15.97
CA LYS D 147 17.05 -17.56 16.19
C LYS D 147 17.80 -18.85 15.92
N GLN D 148 18.80 -18.77 15.05
CA GLN D 148 19.60 -19.94 14.71
C GLN D 148 21.08 -19.71 14.98
N VAL D 149 21.70 -20.64 15.70
CA VAL D 149 23.13 -20.55 16.00
C VAL D 149 23.87 -21.49 15.07
N VAL D 150 24.28 -20.97 13.91
CA VAL D 150 24.97 -21.78 12.91
C VAL D 150 26.41 -21.31 12.66
N GLY D 151 27.20 -22.18 12.02
CA GLY D 151 28.58 -21.86 11.70
C GLY D 151 28.72 -21.43 10.25
N THR D 152 28.04 -22.15 9.35
CA THR D 152 28.07 -21.86 7.93
C THR D 152 26.68 -21.42 7.41
N ALA D 153 26.67 -20.77 6.25
CA ALA D 153 25.43 -20.30 5.62
C ALA D 153 24.50 -21.48 5.34
N SER D 154 25.09 -22.63 5.04
CA SER D 154 24.32 -23.83 4.75
C SER D 154 23.52 -24.32 5.95
N GLU D 155 24.08 -24.19 7.17
CA GLU D 155 23.40 -24.63 8.39
C GLU D 155 22.11 -23.86 8.70
N LEU D 156 21.76 -22.90 7.86
CA LEU D 156 20.55 -22.12 8.02
C LEU D 156 19.34 -22.86 7.45
N ILE D 157 18.40 -23.15 8.34
CA ILE D 157 17.18 -23.86 7.99
C ILE D 157 16.03 -22.87 7.84
N ASP D 158 15.35 -22.92 6.70
CA ASP D 158 14.23 -22.03 6.43
C ASP D 158 13.21 -22.06 7.58
N SER D 159 12.62 -20.91 7.86
CA SER D 159 11.62 -20.79 8.93
C SER D 159 10.30 -20.29 8.35
N ASN D 160 9.34 -20.09 9.25
CA ASN D 160 8.02 -19.62 8.86
C ASN D 160 8.04 -18.14 8.58
N TYR D 161 9.24 -17.61 8.41
CA TYR D 161 9.43 -16.19 8.15
C TYR D 161 10.39 -15.91 7.01
N VAL D 162 11.46 -16.69 6.91
CA VAL D 162 12.43 -16.46 5.86
C VAL D 162 12.87 -17.70 5.08
N SER D 163 13.63 -17.47 4.02
CA SER D 163 14.15 -18.52 3.17
C SER D 163 15.54 -18.12 2.71
N PHE D 164 16.53 -18.77 3.29
CA PHE D 164 17.92 -18.51 2.96
C PHE D 164 18.34 -19.28 1.72
N LYS D 165 19.05 -18.60 0.81
CA LYS D 165 19.56 -19.20 -0.43
C LYS D 165 21.08 -19.22 -0.44
N THR D 166 21.64 -20.36 -0.04
CA THR D 166 23.08 -20.55 0.01
C THR D 166 23.69 -20.70 -1.41
N THR D 167 24.65 -19.84 -1.72
CA THR D 167 25.33 -19.86 -3.02
C THR D 167 26.81 -20.21 -2.83
N SER D 168 27.60 -20.09 -3.90
CA SER D 168 29.04 -20.40 -3.87
C SER D 168 29.83 -19.40 -3.00
N THR D 169 29.70 -18.13 -3.34
CA THR D 169 30.38 -17.04 -2.65
C THR D 169 29.74 -16.71 -1.30
N SER D 170 29.07 -17.69 -0.69
CA SER D 170 28.40 -17.49 0.59
C SER D 170 29.34 -17.32 1.77
N GLU D 171 29.28 -16.14 2.38
CA GLU D 171 30.09 -15.82 3.53
C GLU D 171 29.23 -15.06 4.55
N LEU D 172 29.02 -15.67 5.71
CA LEU D 172 28.19 -15.06 6.73
C LEU D 172 28.91 -13.98 7.53
N GLN D 173 28.81 -12.74 7.06
CA GLN D 173 29.43 -11.61 7.75
C GLN D 173 28.45 -11.06 8.79
N GLN D 174 28.98 -10.59 9.91
CA GLN D 174 28.14 -10.04 10.97
C GLN D 174 27.42 -8.80 10.44
N SER D 175 26.16 -8.64 10.80
CA SER D 175 25.38 -7.49 10.38
C SER D 175 24.62 -6.89 11.56
N SER D 176 24.59 -5.56 11.63
CA SER D 176 23.90 -4.87 12.71
C SER D 176 22.38 -5.02 12.55
N GLY D 177 21.93 -5.21 11.32
CA GLY D 177 20.51 -5.37 11.08
C GLY D 177 20.04 -4.99 9.70
N THR D 178 20.02 -5.96 8.80
CA THR D 178 19.58 -5.71 7.43
C THR D 178 18.10 -6.12 7.27
N THR D 179 17.26 -5.17 6.87
CA THR D 179 15.82 -5.45 6.72
C THR D 179 15.36 -5.76 5.30
N LEU D 180 14.36 -6.64 5.17
CA LEU D 180 13.81 -7.02 3.85
C LEU D 180 12.95 -5.92 3.28
N VAL D 181 12.83 -5.94 1.95
CA VAL D 181 12.03 -4.92 1.26
C VAL D 181 11.52 -5.40 -0.10
N GLY D 182 10.47 -4.75 -0.59
CA GLY D 182 9.91 -5.13 -1.87
C GLY D 182 8.60 -5.86 -1.72
N GLY D 183 8.17 -6.01 -0.46
CA GLY D 183 6.93 -6.69 -0.18
C GLY D 183 5.73 -5.89 -0.63
N THR D 184 4.80 -6.55 -1.32
CA THR D 184 3.59 -5.90 -1.80
C THR D 184 2.47 -6.92 -1.98
N ASP D 185 1.23 -6.46 -1.88
CA ASP D 185 0.09 -7.35 -2.10
C ASP D 185 -0.81 -6.78 -3.19
N GLN D 186 -1.05 -7.60 -4.22
CA GLN D 186 -1.90 -7.22 -5.33
C GLN D 186 -3.37 -7.28 -4.93
N PRO D 187 -4.12 -6.25 -5.30
CA PRO D 187 -5.55 -6.14 -4.98
C PRO D 187 -6.33 -7.39 -5.37
N VAL D 188 -7.45 -7.60 -4.68
CA VAL D 188 -8.30 -8.75 -4.91
C VAL D 188 -9.04 -8.67 -6.25
N THR D 189 -8.86 -9.67 -7.09
CA THR D 189 -9.52 -9.71 -8.39
C THR D 189 -10.74 -10.62 -8.29
N ASN D 190 -11.77 -10.36 -9.08
CA ASN D 190 -12.96 -11.22 -9.04
C ASN D 190 -12.61 -12.68 -9.31
N LEU D 191 -11.47 -12.91 -9.94
CA LEU D 191 -11.03 -14.25 -10.23
C LEU D 191 -10.75 -15.00 -8.94
N ASP D 192 -10.15 -14.30 -7.98
CA ASP D 192 -9.79 -14.85 -6.68
C ASP D 192 -11.00 -15.44 -5.97
N TYR D 193 -12.15 -14.76 -6.06
CA TYR D 193 -13.36 -15.26 -5.42
C TYR D 193 -13.79 -16.59 -6.03
N THR D 194 -13.48 -16.78 -7.31
CA THR D 194 -13.85 -18.01 -7.93
C THR D 194 -12.96 -19.11 -7.36
N GLN D 195 -11.67 -18.83 -7.28
CA GLN D 195 -10.73 -19.80 -6.73
C GLN D 195 -11.05 -20.19 -5.29
N PHE D 196 -11.63 -19.25 -4.56
CA PHE D 196 -12.03 -19.45 -3.17
C PHE D 196 -13.07 -20.55 -3.14
N LEU D 197 -14.06 -20.47 -4.03
CA LEU D 197 -15.12 -21.47 -4.07
C LEU D 197 -14.59 -22.84 -4.48
N VAL D 198 -13.47 -22.84 -5.18
CA VAL D 198 -12.86 -24.09 -5.62
C VAL D 198 -12.14 -24.76 -4.45
N SER D 199 -11.40 -23.96 -3.68
CA SER D 199 -10.69 -24.50 -2.54
C SER D 199 -11.69 -24.82 -1.47
N ALA D 200 -12.84 -24.16 -1.52
CA ALA D 200 -13.85 -24.40 -0.53
C ALA D 200 -14.33 -25.82 -0.57
N GLU D 201 -14.16 -26.49 -1.70
CA GLU D 201 -14.63 -27.88 -1.82
C GLU D 201 -13.88 -28.84 -0.95
N GLY D 202 -12.62 -28.55 -0.69
CA GLY D 202 -11.84 -29.45 0.13
C GLY D 202 -11.72 -29.07 1.60
N GLU D 203 -12.75 -28.40 2.12
CA GLU D 203 -12.75 -27.96 3.51
C GLU D 203 -14.03 -28.33 4.20
N TYR D 204 -13.92 -28.60 5.49
CA TYR D 204 -15.11 -28.97 6.26
C TYR D 204 -15.56 -27.77 7.05
N PHE D 205 -16.68 -27.18 6.64
CA PHE D 205 -17.22 -26.02 7.33
C PHE D 205 -18.74 -26.11 7.34
N ASP D 206 -19.38 -25.35 8.24
CA ASP D 206 -20.84 -25.39 8.31
C ASP D 206 -21.45 -24.36 7.37
N THR D 207 -20.91 -23.14 7.40
CA THR D 207 -21.43 -22.06 6.58
C THR D 207 -20.31 -21.43 5.81
N ILE D 208 -20.63 -20.88 4.64
CA ILE D 208 -19.63 -20.21 3.83
C ILE D 208 -20.18 -18.81 3.54
N ALA D 209 -19.31 -17.81 3.73
CA ALA D 209 -19.71 -16.43 3.53
C ALA D 209 -19.19 -15.91 2.22
N PHE D 210 -20.00 -15.11 1.54
CA PHE D 210 -19.58 -14.54 0.29
C PHE D 210 -19.81 -13.03 0.38
N PRO D 211 -18.91 -12.32 1.09
CA PRO D 211 -18.98 -10.88 1.29
C PRO D 211 -18.66 -10.07 0.05
N VAL D 212 -19.04 -10.58 -1.11
CA VAL D 212 -18.74 -9.89 -2.35
C VAL D 212 -19.59 -8.62 -2.51
N SER D 213 -18.98 -7.59 -3.09
CA SER D 213 -19.65 -6.33 -3.32
C SER D 213 -20.92 -6.53 -4.15
N SER D 214 -21.95 -5.74 -3.88
CA SER D 214 -23.21 -5.86 -4.60
C SER D 214 -23.09 -5.53 -6.09
N SER D 215 -21.93 -5.03 -6.49
CA SER D 215 -21.66 -4.70 -7.89
C SER D 215 -21.81 -5.92 -8.78
N ASP D 216 -20.75 -6.73 -8.89
CA ASP D 216 -20.78 -7.91 -9.73
C ASP D 216 -21.84 -8.96 -9.39
N VAL D 217 -22.85 -9.04 -10.25
CA VAL D 217 -23.95 -9.97 -10.09
C VAL D 217 -23.54 -11.37 -10.52
N ALA D 218 -22.68 -11.44 -11.53
CA ALA D 218 -22.21 -12.72 -12.03
C ALA D 218 -21.67 -13.56 -10.89
N LEU D 219 -20.74 -12.98 -10.12
CA LEU D 219 -20.13 -13.67 -8.98
C LEU D 219 -21.18 -14.24 -8.05
N LYS D 220 -22.07 -13.38 -7.58
CA LYS D 220 -23.11 -13.82 -6.69
C LYS D 220 -23.83 -15.02 -7.27
N THR D 221 -24.08 -15.00 -8.57
CA THR D 221 -24.75 -16.13 -9.21
C THR D 221 -23.90 -17.41 -9.19
N SER D 222 -22.65 -17.30 -9.62
CA SER D 222 -21.77 -18.44 -9.60
C SER D 222 -21.59 -18.96 -8.18
N PHE D 223 -21.82 -18.10 -7.19
CA PHE D 223 -21.69 -18.49 -5.79
C PHE D 223 -22.86 -19.37 -5.43
N VAL D 224 -24.05 -18.90 -5.78
CA VAL D 224 -25.26 -19.65 -5.49
C VAL D 224 -25.21 -21.02 -6.16
N SER D 225 -24.59 -21.08 -7.33
CA SER D 225 -24.46 -22.36 -8.06
C SER D 225 -23.56 -23.28 -7.25
N PHE D 226 -22.41 -22.74 -6.86
CA PHE D 226 -21.48 -23.51 -6.07
C PHE D 226 -22.22 -24.18 -4.93
N VAL D 227 -23.02 -23.41 -4.20
CA VAL D 227 -23.74 -23.96 -3.06
C VAL D 227 -24.75 -25.02 -3.49
N LYS D 228 -25.46 -24.76 -4.58
CA LYS D 228 -26.44 -25.73 -5.05
C LYS D 228 -25.78 -27.07 -5.33
N ARG D 229 -24.62 -27.05 -5.97
CA ARG D 229 -23.92 -28.30 -6.24
C ARG D 229 -23.55 -28.98 -4.92
N ARG D 231 -24.58 -29.00 -2.14
CA ARG D 231 -25.71 -29.57 -1.43
C ARG D 231 -26.45 -30.65 -2.17
N ASP D 232 -27.10 -30.26 -3.25
CA ASP D 232 -27.87 -31.19 -4.04
C ASP D 232 -27.12 -32.06 -5.04
N GLU D 233 -25.80 -31.97 -5.07
CA GLU D 233 -25.03 -32.78 -6.01
C GLU D 233 -23.93 -33.59 -5.30
N GLN D 234 -23.22 -32.96 -4.38
CA GLN D 234 -22.16 -33.66 -3.68
C GLN D 234 -22.69 -34.24 -2.36
N GLY D 235 -23.88 -33.80 -1.98
CA GLY D 235 -24.47 -34.29 -0.75
C GLY D 235 -24.04 -33.56 0.51
N VAL D 236 -23.20 -32.53 0.34
CA VAL D 236 -22.74 -31.76 1.50
C VAL D 236 -23.68 -30.58 1.75
N LYS D 237 -24.57 -30.74 2.72
CA LYS D 237 -25.55 -29.70 3.03
C LYS D 237 -24.96 -28.51 3.80
N ILE D 238 -24.42 -27.54 3.08
CA ILE D 238 -23.82 -26.37 3.72
C ILE D 238 -24.72 -25.14 3.50
N LYS D 239 -24.44 -24.05 4.20
CA LYS D 239 -25.21 -22.82 4.03
C LYS D 239 -24.34 -21.73 3.44
N GLY D 240 -24.94 -20.94 2.55
CA GLY D 240 -24.20 -19.83 1.95
C GLY D 240 -24.85 -18.51 2.34
N VAL D 241 -24.06 -17.45 2.44
CA VAL D 241 -24.62 -16.16 2.82
C VAL D 241 -24.14 -15.05 1.91
N VAL D 242 -25.05 -14.46 1.16
CA VAL D 242 -24.72 -13.33 0.28
C VAL D 242 -25.68 -12.19 0.53
N ALA D 243 -25.28 -11.00 0.14
CA ALA D 243 -26.13 -9.83 0.32
C ALA D 243 -26.94 -9.49 -0.93
N ASN D 244 -28.24 -9.26 -0.75
CA ASN D 244 -29.13 -8.90 -1.84
C ASN D 244 -28.92 -9.84 -3.00
N PRO D 246 -31.66 -12.79 -4.15
CA PRO D 246 -32.77 -13.73 -4.01
C PRO D 246 -32.58 -15.01 -4.80
N ALA D 247 -31.74 -15.91 -4.29
CA ALA D 247 -31.46 -17.16 -4.97
C ALA D 247 -32.65 -18.11 -4.90
N ASP D 248 -33.69 -17.73 -4.17
CA ASP D 248 -34.86 -18.60 -4.05
C ASP D 248 -34.39 -20.05 -3.84
N TYR D 249 -33.45 -20.25 -2.92
CA TYR D 249 -32.92 -21.58 -2.63
C TYR D 249 -32.77 -21.73 -1.11
N GLU D 250 -33.20 -22.86 -0.55
CA GLU D 250 -33.10 -23.03 0.89
C GLU D 250 -31.68 -23.16 1.41
N GLY D 251 -30.71 -23.12 0.50
CA GLY D 251 -29.33 -23.25 0.91
C GLY D 251 -28.61 -21.93 1.02
N ILE D 252 -29.31 -20.84 0.67
CA ILE D 252 -28.72 -19.52 0.72
C ILE D 252 -29.49 -18.55 1.64
N ILE D 253 -28.76 -17.73 2.39
CA ILE D 253 -29.40 -16.74 3.26
C ILE D 253 -29.22 -15.46 2.49
N ASN D 254 -30.32 -14.72 2.31
CA ASN D 254 -30.25 -13.47 1.57
C ASN D 254 -30.24 -12.28 2.52
N VAL D 255 -29.04 -11.77 2.85
CA VAL D 255 -28.96 -10.62 3.76
C VAL D 255 -29.51 -9.37 3.06
N ARG D 256 -30.44 -8.69 3.71
CA ARG D 256 -31.06 -7.51 3.14
C ARG D 256 -30.35 -6.20 3.49
N ASN D 257 -30.36 -5.85 4.77
CA ASN D 257 -29.77 -4.61 5.21
C ASN D 257 -28.47 -4.79 5.99
N GLY D 258 -27.83 -3.67 6.35
CA GLY D 258 -26.59 -3.72 7.10
C GLY D 258 -26.77 -3.13 8.49
N VAL D 259 -25.67 -2.84 9.19
CA VAL D 259 -25.76 -2.27 10.53
C VAL D 259 -24.70 -1.22 10.79
N THR D 260 -24.79 -0.58 11.94
CA THR D 260 -23.82 0.44 12.35
C THR D 260 -23.34 0.08 13.74
N LEU D 261 -22.02 -0.07 13.88
CA LEU D 261 -21.41 -0.44 15.15
C LEU D 261 -21.29 0.74 16.08
N ARG D 262 -21.01 0.45 17.34
CA ARG D 262 -20.89 1.48 18.35
C ARG D 262 -19.88 2.56 17.97
N ASP D 263 -18.73 2.15 17.46
CA ASP D 263 -17.70 3.10 17.07
C ASP D 263 -18.11 3.96 15.87
N GLY D 264 -19.34 3.78 15.40
CA GLY D 264 -19.80 4.55 14.25
C GLY D 264 -19.57 3.93 12.88
N THR D 265 -18.79 2.85 12.84
CA THR D 265 -18.49 2.18 11.58
C THR D 265 -19.76 1.66 10.93
N ILE D 266 -19.90 1.90 9.63
CA ILE D 266 -21.07 1.47 8.90
C ILE D 266 -20.74 0.21 8.12
N LEU D 267 -21.55 -0.82 8.31
CA LEU D 267 -21.35 -2.09 7.62
C LEU D 267 -22.46 -2.32 6.61
N GLU D 268 -22.07 -2.37 5.34
CA GLU D 268 -23.03 -2.61 4.28
C GLU D 268 -23.49 -4.05 4.36
N PRO D 269 -24.68 -4.32 3.86
CA PRO D 269 -25.15 -5.70 3.93
C PRO D 269 -24.12 -6.73 3.46
N HIS D 270 -23.42 -6.43 2.37
CA HIS D 270 -22.43 -7.40 1.89
C HIS D 270 -21.33 -7.67 2.91
N GLN D 271 -21.27 -6.86 3.97
CA GLN D 271 -20.28 -7.02 5.03
C GLN D 271 -20.94 -7.72 6.21
N VAL D 272 -22.19 -7.38 6.43
CA VAL D 272 -22.93 -8.00 7.50
C VAL D 272 -22.98 -9.53 7.29
N VAL D 273 -22.86 -9.98 6.05
CA VAL D 273 -22.89 -11.42 5.82
C VAL D 273 -21.91 -12.13 6.74
N ALA D 274 -20.74 -11.53 6.91
CA ALA D 274 -19.71 -12.11 7.77
C ALA D 274 -20.31 -12.51 9.11
N TRP D 275 -21.00 -11.58 9.76
CA TRP D 275 -21.63 -11.90 11.04
C TRP D 275 -22.68 -12.99 10.87
N VAL D 276 -23.64 -12.74 9.98
CA VAL D 276 -24.72 -13.67 9.72
C VAL D 276 -24.20 -15.07 9.45
N ALA D 277 -23.06 -15.15 8.80
CA ALA D 277 -22.48 -16.46 8.54
C ALA D 277 -22.23 -17.13 9.88
N GLY D 278 -21.46 -16.44 10.74
CA GLY D 278 -21.15 -16.95 12.06
C GLY D 278 -22.42 -17.19 12.83
N ALA D 279 -23.44 -16.39 12.57
CA ALA D 279 -24.68 -16.56 13.30
C ALA D 279 -25.35 -17.90 12.98
N ASP D 280 -25.42 -18.22 11.69
CA ASP D 280 -26.05 -19.45 11.26
C ASP D 280 -25.19 -20.64 11.59
N ALA D 281 -23.88 -20.45 11.52
CA ALA D 281 -22.98 -21.54 11.77
C ALA D 281 -22.96 -21.94 13.23
N SER D 282 -23.24 -21.01 14.12
CA SER D 282 -23.19 -21.31 15.56
C SER D 282 -24.53 -21.74 16.12
N ALA D 283 -25.60 -21.40 15.42
CA ALA D 283 -26.92 -21.75 15.89
C ALA D 283 -27.09 -23.24 16.25
N SER D 284 -27.80 -23.47 17.35
CA SER D 284 -28.08 -24.82 17.84
C SER D 284 -29.27 -25.45 17.10
N LEU D 286 -31.66 -26.73 18.50
CA LEU D 286 -32.83 -26.43 19.32
C LEU D 286 -33.26 -24.96 19.25
N LYS D 287 -32.28 -24.07 19.10
CA LYS D 287 -32.55 -22.63 19.04
C LYS D 287 -32.41 -22.01 17.66
N SER D 288 -33.35 -21.14 17.32
CA SER D 288 -33.35 -20.43 16.07
C SER D 288 -32.50 -19.17 16.25
N ASN D 289 -32.44 -18.32 15.24
CA ASN D 289 -31.65 -17.10 15.33
C ASN D 289 -32.49 -15.84 15.35
N THR D 290 -33.77 -15.97 15.64
CA THR D 290 -34.56 -14.80 15.66
C THR D 290 -34.49 -14.10 17.04
N PHE D 291 -34.54 -12.80 16.95
CA PHE D 291 -34.45 -12.03 18.13
C PHE D 291 -33.04 -12.23 18.61
N VAL D 292 -32.12 -12.62 17.75
CA VAL D 292 -30.75 -12.75 18.21
C VAL D 292 -30.12 -11.41 18.01
N LYS D 293 -29.46 -10.92 19.05
CA LYS D 293 -28.86 -9.59 18.95
C LYS D 293 -27.51 -9.59 18.24
N TYR D 294 -27.25 -8.55 17.46
CA TYR D 294 -25.98 -8.41 16.77
C TYR D 294 -25.09 -7.58 17.70
N ASP D 295 -24.35 -8.29 18.55
CA ASP D 295 -23.47 -7.64 19.52
C ASP D 295 -22.56 -6.59 18.89
N GLY D 296 -22.59 -5.37 19.41
CA GLY D 296 -21.72 -4.33 18.88
C GLY D 296 -22.41 -3.36 17.94
N ALA D 297 -23.61 -3.71 17.53
CA ALA D 297 -24.35 -2.86 16.62
C ALA D 297 -25.36 -2.00 17.36
N ILE D 298 -25.31 -0.70 17.10
CA ILE D 298 -26.20 0.28 17.73
C ILE D 298 -27.36 0.69 16.82
N ASP D 299 -27.33 0.28 15.57
CA ASP D 299 -28.43 0.62 14.68
C ASP D 299 -28.37 -0.15 13.38
N ALA D 300 -29.55 -0.47 12.85
CA ALA D 300 -29.63 -1.19 11.61
C ALA D 300 -29.76 -0.20 10.46
N THR D 301 -28.75 -0.13 9.62
CA THR D 301 -28.81 0.80 8.49
C THR D 301 -28.77 0.08 7.16
N PRO D 302 -29.79 0.27 6.34
CA PRO D 302 -30.97 1.10 6.61
C PRO D 302 -32.00 0.37 7.44
N ARG D 303 -32.98 1.09 7.96
CA ARG D 303 -34.05 0.49 8.75
C ARG D 303 -35.20 0.19 7.81
N LEU D 304 -36.11 -0.68 8.23
CA LEU D 304 -37.27 -1.02 7.39
C LEU D 304 -38.57 -0.85 8.16
N ALA D 305 -39.53 -0.16 7.55
CA ALA D 305 -40.83 0.07 8.15
C ALA D 305 -41.57 -1.24 8.25
N ASN D 306 -42.62 -1.28 9.05
CA ASN D 306 -43.34 -2.53 9.21
C ASN D 306 -43.74 -3.17 7.89
N ASP D 307 -44.26 -2.37 6.98
CA ASP D 307 -44.68 -2.88 5.68
C ASP D 307 -43.48 -3.37 4.85
N GLU D 308 -42.37 -2.64 4.91
CA GLU D 308 -41.18 -3.05 4.16
C GLU D 308 -40.63 -4.34 4.71
N ALA D 309 -40.58 -4.44 6.03
CA ALA D 309 -40.07 -5.63 6.70
C ALA D 309 -40.98 -6.81 6.38
N GLU D 310 -42.26 -6.67 6.68
CA GLU D 310 -43.21 -7.73 6.42
C GLU D 310 -43.05 -8.14 4.95
N GLU D 311 -42.86 -7.15 4.09
CA GLU D 311 -42.65 -7.38 2.67
C GLU D 311 -41.40 -8.23 2.47
N ALA D 312 -40.28 -7.76 3.00
CA ALA D 312 -39.00 -8.44 2.90
C ALA D 312 -39.07 -9.90 3.33
N LEU D 313 -39.61 -10.15 4.51
CA LEU D 313 -39.73 -11.51 5.00
C LEU D 313 -40.50 -12.37 4.01
N GLN D 314 -41.53 -11.78 3.43
CA GLN D 314 -42.37 -12.48 2.46
C GLN D 314 -41.51 -12.94 1.28
N ASN D 315 -40.44 -12.20 1.00
CA ASN D 315 -39.55 -12.51 -0.10
C ASN D 315 -38.32 -13.30 0.32
N GLY D 316 -38.37 -13.88 1.52
CA GLY D 316 -37.26 -14.67 1.99
C GLY D 316 -36.00 -13.84 2.22
N GLU D 317 -36.13 -12.71 2.89
CA GLU D 317 -34.97 -11.86 3.14
C GLU D 317 -34.58 -11.85 4.63
N PHE D 318 -33.27 -11.94 4.88
CA PHE D 318 -32.74 -11.95 6.25
C PHE D 318 -32.55 -10.51 6.69
N VAL D 319 -33.49 -9.99 7.45
CA VAL D 319 -33.45 -8.58 7.88
C VAL D 319 -33.13 -8.30 9.34
N LEU D 320 -32.42 -7.21 9.59
CA LEU D 320 -32.06 -6.82 10.93
C LEU D 320 -32.86 -5.60 11.33
N THR D 321 -33.50 -5.64 12.48
CA THR D 321 -34.29 -4.49 12.91
C THR D 321 -33.78 -3.94 14.22
N PHE D 322 -33.84 -2.63 14.36
CA PHE D 322 -33.37 -1.93 15.55
C PHE D 322 -34.51 -1.73 16.52
N ASP D 323 -34.33 -2.21 17.75
CA ASP D 323 -35.35 -2.03 18.77
C ASP D 323 -34.97 -0.84 19.63
N ALA D 324 -35.63 0.29 19.41
CA ALA D 324 -35.32 1.50 20.16
C ALA D 324 -35.56 1.35 21.65
N ARG D 325 -36.42 0.41 22.03
CA ARG D 325 -36.74 0.16 23.43
C ARG D 325 -35.50 -0.25 24.21
N ASP D 326 -34.94 -1.39 23.81
CA ASP D 326 -33.75 -1.97 24.43
C ASP D 326 -32.47 -1.41 23.79
N LYS D 327 -32.65 -0.60 22.74
CA LYS D 327 -31.53 0.00 21.99
C LYS D 327 -30.49 -1.03 21.58
N ALA D 328 -30.91 -1.97 20.72
CA ALA D 328 -30.05 -3.04 20.20
C ALA D 328 -30.66 -3.56 18.91
N VAL D 329 -29.84 -4.08 18.01
CA VAL D 329 -30.38 -4.60 16.76
C VAL D 329 -30.43 -6.12 16.81
N TYR D 330 -31.47 -6.70 16.22
CA TYR D 330 -31.63 -8.14 16.23
C TYR D 330 -32.19 -8.70 14.93
N VAL D 331 -32.16 -10.01 14.79
CA VAL D 331 -32.64 -10.69 13.61
C VAL D 331 -34.17 -10.77 13.58
N GLU D 332 -34.79 -10.29 12.51
CA GLU D 332 -36.24 -10.34 12.43
C GLU D 332 -36.78 -11.75 12.28
N GLN D 333 -36.10 -12.58 11.52
CA GLN D 333 -36.53 -13.97 11.37
C GLN D 333 -35.47 -14.76 10.64
N ASP D 334 -35.08 -15.88 11.23
CA ASP D 334 -34.06 -16.74 10.64
C ASP D 334 -34.61 -17.48 9.42
N LEU D 335 -34.61 -16.82 8.26
CA LEU D 335 -35.13 -17.38 7.00
C LEU D 335 -34.09 -17.48 5.89
N ASN D 336 -34.41 -18.20 4.84
CA ASN D 336 -33.49 -18.31 3.73
C ASN D 336 -34.18 -17.83 2.45
N SER D 337 -33.41 -17.72 1.37
CA SER D 337 -33.94 -17.22 0.10
C SER D 337 -35.11 -17.96 -0.51
N LEU D 338 -35.34 -19.19 -0.06
CA LEU D 338 -36.41 -20.01 -0.60
C LEU D 338 -37.79 -19.37 -0.46
N THR D 339 -38.48 -19.21 -1.59
CA THR D 339 -39.80 -18.61 -1.61
C THR D 339 -40.79 -19.52 -2.35
N THR D 340 -40.40 -19.94 -3.55
CA THR D 340 -41.22 -20.83 -4.39
C THR D 340 -41.36 -22.19 -3.72
N PHE D 341 -42.48 -22.39 -3.05
CA PHE D 341 -42.71 -23.66 -2.36
C PHE D 341 -43.65 -24.60 -3.12
N SER D 342 -43.29 -25.89 -3.13
CA SER D 342 -44.10 -26.88 -3.82
C SER D 342 -44.54 -27.98 -2.87
N LYS D 343 -44.58 -29.21 -3.37
CA LYS D 343 -44.99 -30.35 -2.57
C LYS D 343 -43.86 -30.90 -1.71
N GLU D 344 -42.75 -31.26 -2.35
CA GLU D 344 -41.60 -31.80 -1.63
C GLU D 344 -41.08 -30.74 -0.65
N LYS D 345 -40.40 -29.74 -1.18
CA LYS D 345 -39.89 -28.65 -0.34
C LYS D 345 -41.04 -27.67 -0.10
N SER D 346 -41.79 -27.96 0.96
CA SER D 346 -42.96 -27.18 1.37
C SER D 346 -42.59 -25.80 1.91
N SER D 347 -43.60 -25.08 2.35
CA SER D 347 -43.35 -23.76 2.86
C SER D 347 -42.60 -23.81 4.20
N LYS D 348 -42.44 -25.01 4.75
CA LYS D 348 -41.76 -25.17 6.03
C LYS D 348 -40.24 -25.04 5.91
N PHE D 349 -39.74 -25.24 4.70
CA PHE D 349 -38.29 -25.20 4.38
C PHE D 349 -37.67 -23.82 4.44
N ARG D 350 -38.52 -22.80 4.38
CA ARG D 350 -38.08 -21.42 4.40
C ARG D 350 -37.55 -21.02 5.77
N LYS D 351 -37.89 -21.79 6.80
CA LYS D 351 -37.39 -21.45 8.12
C LYS D 351 -36.12 -22.24 8.41
N ASN D 352 -35.04 -21.54 8.77
CA ASN D 352 -33.78 -22.22 9.06
C ASN D 352 -33.87 -23.09 10.29
N LYS D 353 -34.84 -22.79 11.15
CA LYS D 353 -35.00 -23.60 12.34
C LYS D 353 -35.13 -25.06 11.90
N ILE D 354 -35.73 -25.23 10.73
CA ILE D 354 -35.96 -26.55 10.12
C ILE D 354 -34.74 -27.01 9.33
N SER D 355 -34.32 -26.19 8.38
CA SER D 355 -33.15 -26.51 7.56
C SER D 355 -31.95 -26.92 8.39
N ARG D 356 -31.70 -26.23 9.49
CA ARG D 356 -30.54 -26.56 10.30
C ARG D 356 -30.51 -28.00 10.79
N ILE D 357 -31.69 -28.57 11.05
CA ILE D 357 -31.89 -29.95 11.52
C ILE D 357 -31.70 -30.98 10.38
N LEU D 358 -32.40 -30.74 9.28
CA LEU D 358 -32.35 -31.58 8.10
C LEU D 358 -30.96 -31.57 7.49
N ASP D 359 -30.41 -30.37 7.33
CA ASP D 359 -29.07 -30.20 6.78
C ASP D 359 -28.12 -30.91 7.72
N GLY D 360 -28.29 -30.63 9.02
CA GLY D 360 -27.47 -31.25 10.03
C GLY D 360 -27.56 -32.75 9.99
N ILE D 361 -28.70 -33.29 10.37
CA ILE D 361 -28.84 -34.75 10.38
C ILE D 361 -28.20 -35.36 9.16
N ASN D 362 -28.46 -34.77 8.01
CA ASN D 362 -27.94 -35.26 6.75
C ASN D 362 -26.42 -35.31 6.60
N ASN D 363 -25.74 -34.32 7.16
CA ASN D 363 -24.29 -34.29 7.05
C ASN D 363 -23.67 -35.27 8.02
N ASP D 364 -24.18 -35.33 9.24
CA ASP D 364 -23.64 -36.26 10.22
C ASP D 364 -23.82 -37.68 9.74
N THR D 365 -24.87 -37.90 8.98
CA THR D 365 -25.13 -39.23 8.44
C THR D 365 -23.91 -39.65 7.64
N ARG D 366 -23.60 -38.92 6.58
CA ARG D 366 -22.46 -39.27 5.76
C ARG D 366 -21.20 -39.30 6.62
N ARG D 367 -20.99 -38.25 7.42
CA ARG D 367 -19.81 -38.17 8.27
C ARG D 367 -19.68 -39.40 9.15
N ASN D 368 -20.60 -39.56 10.09
CA ASN D 368 -20.60 -40.70 11.00
C ASN D 368 -20.30 -42.02 10.33
N ILE D 369 -20.81 -42.20 9.11
CA ILE D 369 -20.58 -43.43 8.39
C ILE D 369 -19.17 -43.49 7.84
N LEU D 370 -18.80 -42.48 7.05
CA LEU D 370 -17.46 -42.45 6.49
C LEU D 370 -16.39 -42.67 7.57
N ASP D 371 -16.54 -42.01 8.71
CA ASP D 371 -15.59 -42.17 9.81
C ASP D 371 -15.50 -43.62 10.21
N ALA D 372 -16.66 -44.23 10.44
CA ALA D 372 -16.74 -45.64 10.84
C ALA D 372 -16.07 -46.53 9.79
N ILE D 373 -16.31 -46.20 8.52
CA ILE D 373 -15.72 -46.96 7.43
C ILE D 373 -14.19 -46.93 7.54
N LYS D 374 -13.63 -45.72 7.40
CA LYS D 374 -12.18 -45.52 7.45
C LYS D 374 -11.58 -45.72 8.83
N GLU D 375 -12.41 -46.12 9.80
CA GLU D 375 -11.89 -46.37 11.13
C GLU D 375 -11.83 -47.88 11.31
N ARG D 376 -12.85 -48.55 10.76
CA ARG D 376 -12.91 -50.00 10.85
C ARG D 376 -11.84 -50.58 9.94
N LYS D 377 -11.42 -49.77 8.96
CA LYS D 377 -10.39 -50.18 8.02
C LYS D 377 -8.99 -50.12 8.67
N ASP D 378 -8.84 -49.17 9.60
CA ASP D 378 -7.58 -48.98 10.32
C ASP D 378 -7.33 -50.09 11.33
N ALA D 379 -8.38 -50.84 11.64
CA ALA D 379 -8.25 -51.95 12.60
C ALA D 379 -8.23 -53.24 11.78
N ASN D 380 -8.26 -53.08 10.45
CA ASN D 380 -8.26 -54.21 9.51
C ASN D 380 -9.55 -55.05 9.64
N THR D 381 -10.66 -54.39 9.92
CA THR D 381 -11.94 -55.07 10.09
C THR D 381 -12.98 -54.38 9.22
N ASP D 382 -12.55 -53.97 8.03
CA ASP D 382 -13.42 -53.28 7.08
C ASP D 382 -14.89 -53.72 7.14
N ILE D 383 -15.77 -52.75 7.20
CA ILE D 383 -17.21 -53.02 7.27
C ILE D 383 -17.64 -53.68 5.96
N PRO D 384 -18.02 -54.97 6.03
CA PRO D 384 -18.46 -55.73 4.85
C PRO D 384 -19.71 -55.17 4.13
N ALA D 385 -19.79 -55.37 2.82
CA ALA D 385 -20.93 -54.88 2.05
C ALA D 385 -22.03 -55.93 1.98
N ASP D 386 -22.33 -56.54 3.13
CA ASP D 386 -23.38 -57.56 3.24
C ASP D 386 -24.47 -57.14 4.23
N GLU D 387 -25.17 -58.11 4.80
CA GLU D 387 -26.24 -57.83 5.77
C GLU D 387 -25.66 -57.40 7.13
N ASN D 388 -24.51 -57.96 7.52
CA ASN D 388 -23.90 -57.61 8.80
C ASN D 388 -23.40 -56.17 8.78
N GLY D 389 -22.94 -55.72 7.62
CA GLY D 389 -22.45 -54.36 7.50
C GLY D 389 -23.62 -53.41 7.65
N VAL D 390 -24.71 -53.72 6.94
CA VAL D 390 -25.91 -52.89 7.00
C VAL D 390 -26.41 -52.77 8.44
N GLN D 391 -26.66 -53.91 9.08
CA GLN D 391 -27.16 -53.91 10.44
C GLN D 391 -26.29 -53.06 11.35
N PHE D 392 -24.97 -53.20 11.20
CA PHE D 392 -24.04 -52.44 12.02
C PHE D 392 -24.34 -50.95 11.90
N ILE D 393 -24.26 -50.45 10.67
CA ILE D 393 -24.51 -49.04 10.40
C ILE D 393 -25.91 -48.63 10.89
N LEU D 394 -26.93 -49.42 10.57
CA LEU D 394 -28.28 -49.13 11.01
C LEU D 394 -28.31 -48.92 12.52
N SER D 395 -27.73 -49.87 13.25
CA SER D 395 -27.69 -49.80 14.69
C SER D 395 -26.99 -48.50 15.14
N GLN D 397 -26.54 -45.44 13.31
CA GLN D 397 -27.33 -44.26 13.00
C GLN D 397 -28.49 -44.16 13.96
N THR D 398 -29.05 -45.31 14.31
CA THR D 398 -30.17 -45.34 15.22
C THR D 398 -29.79 -44.67 16.55
N ALA D 399 -28.64 -45.05 17.10
CA ALA D 399 -28.18 -44.45 18.35
C ALA D 399 -28.18 -42.93 18.18
N TYR D 400 -27.63 -42.48 17.06
CA TYR D 400 -27.55 -41.04 16.72
C TYR D 400 -28.96 -40.43 16.74
N LEU D 401 -29.84 -40.99 15.91
CA LEU D 401 -31.20 -40.52 15.82
C LEU D 401 -31.89 -40.41 17.17
N ASN D 402 -31.81 -41.47 17.97
CA ASN D 402 -32.46 -41.44 19.30
C ASN D 402 -31.88 -40.31 20.14
N GLU D 403 -30.56 -40.13 20.07
CA GLU D 403 -29.92 -39.08 20.82
C GLU D 403 -30.56 -37.73 20.49
N LEU D 404 -30.76 -37.46 19.20
CA LEU D 404 -31.37 -36.20 18.79
C LEU D 404 -32.79 -36.06 19.33
N GLN D 405 -33.47 -37.18 19.53
CA GLN D 405 -34.82 -37.10 20.07
C GLN D 405 -34.77 -36.71 21.54
N ASP D 406 -33.86 -37.37 22.27
CA ASP D 406 -33.67 -37.13 23.70
C ASP D 406 -33.25 -35.72 23.99
N SER D 407 -32.35 -35.19 23.16
CA SER D 407 -31.90 -33.82 23.34
C SER D 407 -33.02 -32.85 22.94
N GLY D 408 -34.11 -33.39 22.38
CA GLY D 408 -35.24 -32.56 21.99
C GLY D 408 -35.13 -31.86 20.66
N ALA D 409 -34.40 -32.46 19.73
CA ALA D 409 -34.20 -31.88 18.40
C ALA D 409 -35.25 -32.40 17.44
N ILE D 410 -35.59 -33.67 17.58
CA ILE D 410 -36.61 -34.28 16.74
C ILE D 410 -37.55 -35.09 17.61
N THR D 411 -38.80 -35.23 17.14
CA THR D 411 -39.80 -35.98 17.88
C THR D 411 -40.48 -37.03 16.99
N ASN D 412 -41.23 -37.92 17.64
CA ASN D 412 -41.96 -38.97 16.95
C ASN D 412 -41.07 -39.85 16.10
N PHE D 413 -39.91 -40.22 16.64
CA PHE D 413 -39.00 -41.07 15.91
C PHE D 413 -39.23 -42.56 16.26
N ASP D 414 -39.69 -43.32 15.26
CA ASP D 414 -39.95 -44.74 15.46
C ASP D 414 -38.83 -45.59 14.88
N SER D 415 -37.99 -46.11 15.78
CA SER D 415 -36.85 -46.96 15.40
C SER D 415 -37.26 -48.01 14.37
N THR D 416 -38.56 -48.25 14.25
CA THR D 416 -39.08 -49.24 13.32
C THR D 416 -39.20 -48.76 11.88
N ALA D 417 -40.29 -48.05 11.56
CA ALA D 417 -40.50 -47.58 10.18
C ALA D 417 -40.16 -46.12 10.00
N ASP D 418 -38.90 -45.77 10.28
CA ASP D 418 -38.45 -44.39 10.13
C ASP D 418 -36.98 -44.34 9.68
N ILE D 419 -36.31 -45.48 9.80
CA ILE D 419 -34.90 -45.59 9.43
C ILE D 419 -34.66 -46.95 8.80
N THR D 420 -34.05 -46.96 7.61
CA THR D 420 -33.75 -48.22 6.92
C THR D 420 -32.40 -48.13 6.19
N VAL D 421 -31.65 -49.22 6.19
CA VAL D 421 -30.36 -49.22 5.51
C VAL D 421 -30.25 -50.42 4.57
N SER D 422 -29.62 -50.21 3.41
CA SER D 422 -29.48 -51.28 2.42
C SER D 422 -28.19 -51.20 1.60
N LEU D 423 -28.08 -52.06 0.60
CA LEU D 423 -26.89 -52.07 -0.25
C LEU D 423 -27.05 -51.23 -1.51
N ASN D 424 -25.92 -50.65 -1.92
CA ASN D 424 -25.85 -49.77 -3.08
C ASN D 424 -26.21 -50.37 -4.45
N ASN D 425 -26.92 -51.51 -4.47
CA ASN D 425 -27.29 -52.18 -5.73
C ASN D 425 -26.05 -52.71 -6.47
N ASN D 426 -24.90 -52.13 -6.13
CA ASN D 426 -23.61 -52.50 -6.69
C ASN D 426 -22.85 -53.06 -5.49
N VAL D 427 -23.58 -53.28 -4.40
CA VAL D 427 -23.03 -53.82 -3.16
C VAL D 427 -21.61 -53.27 -2.85
N ASP D 428 -21.42 -51.97 -3.10
CA ASP D 428 -20.15 -51.30 -2.86
C ASP D 428 -20.37 -50.06 -2.00
N GLY D 429 -21.59 -49.92 -1.48
CA GLY D 429 -21.93 -48.79 -0.65
C GLY D 429 -23.23 -49.00 0.08
N PHE D 430 -23.50 -48.12 1.04
CA PHE D 430 -24.73 -48.20 1.84
C PHE D 430 -25.68 -47.05 1.53
N ILE D 431 -26.96 -47.37 1.52
CA ILE D 431 -27.99 -46.39 1.30
C ILE D 431 -28.79 -46.29 2.60
N VAL D 432 -28.92 -45.06 3.10
CA VAL D 432 -29.66 -44.82 4.34
C VAL D 432 -30.84 -43.90 4.13
N ASN D 433 -32.02 -44.48 4.27
CA ASN D 433 -33.27 -43.74 4.12
C ASN D 433 -33.82 -43.49 5.51
N GLN D 434 -34.30 -42.27 5.74
CA GLN D 434 -34.86 -41.91 7.04
C GLN D 434 -35.87 -40.79 6.97
N SER D 435 -36.94 -40.91 7.77
CA SER D 435 -37.97 -39.90 7.84
C SER D 435 -37.90 -39.27 9.22
N ILE D 436 -37.39 -38.06 9.28
CA ILE D 436 -37.26 -37.37 10.55
C ILE D 436 -38.25 -36.24 10.65
N GLU D 437 -38.57 -35.86 11.88
CA GLU D 437 -39.50 -34.75 12.11
C GLU D 437 -38.93 -33.74 13.10
N PRO D 438 -38.59 -32.53 12.61
CA PRO D 438 -38.04 -31.47 13.45
C PRO D 438 -39.08 -31.02 14.48
N VAL D 439 -38.65 -30.88 15.73
CA VAL D 439 -39.52 -30.47 16.82
C VAL D 439 -40.84 -29.83 16.43
N ASP D 440 -40.85 -28.51 16.30
CA ASP D 440 -42.08 -27.80 15.98
C ASP D 440 -42.40 -27.72 14.49
N SER D 441 -43.02 -28.76 13.96
CA SER D 441 -43.39 -28.80 12.54
C SER D 441 -44.10 -30.12 12.29
N GLY D 442 -45.42 -30.09 12.32
CA GLY D 442 -46.16 -31.32 12.10
C GLY D 442 -45.95 -31.91 10.72
N GLU D 443 -44.78 -32.49 10.49
CA GLU D 443 -44.48 -33.10 9.21
C GLU D 443 -43.14 -33.84 9.23
N LYS D 444 -43.19 -35.11 8.86
CA LYS D 444 -42.00 -35.94 8.80
C LYS D 444 -41.43 -35.76 7.40
N PHE D 445 -40.12 -35.51 7.32
CA PHE D 445 -39.50 -35.34 6.02
C PHE D 445 -38.70 -36.58 5.65
N TYR D 446 -38.72 -36.91 4.35
CA TYR D 446 -38.00 -38.08 3.87
C TYR D 446 -36.63 -37.68 3.35
N PHE D 447 -35.61 -38.34 3.87
CA PHE D 447 -34.22 -38.08 3.50
C PHE D 447 -33.48 -39.38 3.21
N THR D 448 -32.74 -39.39 2.11
CA THR D 448 -31.97 -40.57 1.73
C THR D 448 -30.55 -40.20 1.38
N THR D 449 -29.60 -40.73 2.15
CA THR D 449 -28.20 -40.46 1.92
C THR D 449 -27.45 -41.72 1.51
N GLU D 450 -26.59 -41.61 0.50
CA GLU D 450 -25.81 -42.77 0.04
C GLU D 450 -24.33 -42.56 0.36
N VAL D 451 -23.73 -43.61 0.92
CA VAL D 451 -22.32 -43.63 1.29
C VAL D 451 -21.64 -44.92 0.83
N LYS D 452 -20.95 -44.85 -0.31
CA LYS D 452 -20.24 -46.01 -0.86
C LYS D 452 -19.09 -46.45 0.06
N LEU D 453 -17.99 -46.89 -0.56
CA LEU D 453 -16.81 -47.34 0.17
C LEU D 453 -15.52 -46.76 -0.43
N ASN E 21 41.50 -64.80 1.94
CA ASN E 21 40.87 -64.18 0.77
C ASN E 21 39.79 -65.07 0.16
N PHE E 22 39.89 -66.37 0.45
CA PHE E 22 38.95 -67.38 -0.04
C PHE E 22 37.80 -67.62 0.94
N LYS E 23 38.11 -67.57 2.24
CA LYS E 23 37.09 -67.77 3.27
C LYS E 23 36.32 -66.46 3.45
N ALA E 24 36.92 -65.37 2.99
CA ALA E 24 36.32 -64.04 3.10
C ALA E 24 34.93 -64.03 2.44
N ALA E 25 34.77 -64.79 1.38
CA ALA E 25 33.51 -64.86 0.65
C ALA E 25 32.39 -65.42 1.51
N ALA E 26 32.73 -66.41 2.34
CA ALA E 26 31.76 -67.05 3.22
C ALA E 26 31.29 -66.01 4.23
N ALA E 27 32.25 -65.18 4.66
CA ALA E 27 32.02 -64.10 5.62
C ALA E 27 31.16 -63.00 4.99
N GLU E 28 30.89 -63.14 3.69
CA GLU E 28 30.08 -62.18 2.98
C GLU E 28 28.62 -62.60 2.95
N ARG E 29 28.37 -63.88 2.65
CA ARG E 29 26.99 -64.38 2.59
C ARG E 29 26.34 -64.44 3.97
N THR E 30 27.15 -64.26 5.00
CA THR E 30 26.68 -64.31 6.36
C THR E 30 26.78 -62.91 6.98
N LYS E 31 27.79 -62.15 6.56
CA LYS E 31 28.05 -60.78 7.03
C LYS E 31 26.79 -59.97 7.31
N ALA E 32 26.92 -58.99 8.21
CA ALA E 32 25.80 -58.13 8.54
C ALA E 32 26.07 -56.74 7.99
N GLY E 33 25.12 -56.23 7.20
CA GLY E 33 25.27 -54.91 6.63
C GLY E 33 24.83 -54.79 5.18
N GLU E 34 25.46 -53.88 4.46
CA GLU E 34 25.15 -53.67 3.05
C GLU E 34 25.62 -54.87 2.26
N ARG E 35 24.77 -55.37 1.37
CA ARG E 35 25.08 -56.52 0.51
C ARG E 35 24.19 -56.58 -0.70
N GLY E 36 24.63 -57.31 -1.73
CA GLY E 36 23.83 -57.43 -2.93
C GLY E 36 24.01 -56.35 -3.95
N THR E 37 24.12 -56.79 -5.20
CA THR E 37 24.29 -55.88 -6.32
C THR E 37 23.31 -56.33 -7.41
N VAL E 38 22.35 -55.46 -7.69
CA VAL E 38 21.32 -55.74 -8.67
C VAL E 38 21.42 -54.89 -9.95
N ALA E 39 20.96 -55.54 -11.03
CA ALA E 39 20.93 -55.00 -12.38
C ALA E 39 19.53 -54.40 -12.62
N LEU E 40 19.52 -53.10 -12.85
CA LEU E 40 18.32 -52.32 -13.04
C LEU E 40 18.37 -51.55 -14.35
N PRO E 41 17.51 -51.93 -15.29
CA PRO E 41 17.45 -51.26 -16.58
C PRO E 41 16.56 -50.00 -16.48
N LEU E 42 17.11 -48.84 -16.76
CA LEU E 42 16.32 -47.61 -16.69
C LEU E 42 16.37 -46.81 -17.98
N ALA E 43 15.89 -45.57 -17.92
CA ALA E 43 15.89 -44.76 -19.10
C ALA E 43 16.33 -43.35 -18.79
N ALA E 44 17.62 -43.15 -18.55
CA ALA E 44 18.09 -41.81 -18.23
C ALA E 44 18.31 -40.93 -19.47
N SER E 45 18.61 -39.66 -19.22
CA SER E 45 18.85 -38.66 -20.27
C SER E 45 20.32 -38.33 -20.41
N TRP E 46 21.17 -39.32 -20.22
CA TRP E 46 22.58 -39.08 -20.32
C TRP E 46 23.32 -40.33 -19.87
N GLY E 47 24.35 -40.71 -20.61
CA GLY E 47 25.08 -41.89 -20.24
C GLY E 47 25.57 -42.65 -21.44
N ALA E 48 26.38 -43.66 -21.16
CA ALA E 48 26.98 -44.48 -22.18
C ALA E 48 26.00 -45.00 -23.21
N ALA E 49 24.77 -45.32 -22.81
CA ALA E 49 23.80 -45.82 -23.78
C ALA E 49 24.17 -47.23 -24.22
N LYS E 50 23.27 -48.18 -23.93
CA LYS E 50 23.50 -49.59 -24.26
C LYS E 50 24.63 -50.16 -23.36
N GLU E 51 24.92 -49.46 -22.26
CA GLU E 51 25.96 -49.90 -21.34
C GLU E 51 25.52 -49.70 -19.90
N PHE E 52 26.17 -50.43 -19.01
CA PHE E 52 25.89 -50.35 -17.59
C PHE E 52 26.66 -49.25 -16.88
N VAL E 53 26.18 -48.91 -15.69
CA VAL E 53 26.81 -47.89 -14.87
C VAL E 53 26.68 -48.38 -13.44
N GLU E 54 27.81 -48.43 -12.74
CA GLU E 54 27.81 -48.91 -11.37
C GLU E 54 27.64 -47.78 -10.40
N ILE E 55 26.66 -47.86 -9.52
CA ILE E 55 26.49 -46.80 -8.55
C ILE E 55 26.36 -47.40 -7.15
N ASN E 56 27.06 -46.78 -6.18
CA ASN E 56 27.05 -47.23 -4.79
C ASN E 56 26.75 -46.07 -3.87
N LYS E 57 27.11 -44.87 -4.31
CA LYS E 57 26.90 -43.67 -3.51
C LYS E 57 26.03 -42.73 -4.30
N GLU E 58 25.24 -41.92 -3.60
CA GLU E 58 24.37 -40.96 -4.26
C GLU E 58 25.12 -40.11 -5.29
N GLU E 59 26.32 -39.67 -4.93
CA GLU E 59 27.14 -38.86 -5.83
C GLU E 59 27.33 -39.53 -7.18
N ASP E 60 27.53 -40.84 -7.17
CA ASP E 60 27.72 -41.59 -8.41
C ASP E 60 26.61 -41.31 -9.41
N VAL E 61 25.38 -41.27 -8.91
CA VAL E 61 24.24 -41.04 -9.78
C VAL E 61 24.42 -39.78 -10.61
N GLU E 62 24.58 -38.65 -9.94
CA GLU E 62 24.72 -37.40 -10.65
C GLU E 62 25.96 -37.31 -11.52
N LYS E 63 27.08 -37.78 -11.00
CA LYS E 63 28.32 -37.73 -11.76
C LYS E 63 28.31 -38.59 -13.01
N LYS E 64 27.58 -39.70 -12.94
CA LYS E 64 27.54 -40.64 -14.05
C LYS E 64 26.32 -40.50 -14.95
N LEU E 65 25.24 -39.96 -14.41
CA LEU E 65 24.01 -39.82 -15.18
C LEU E 65 23.51 -38.39 -15.31
N GLY E 66 24.29 -37.45 -14.80
CA GLY E 66 23.94 -36.03 -14.91
C GLY E 66 22.80 -35.46 -14.08
N LEU E 67 22.08 -36.29 -13.35
CA LEU E 67 20.99 -35.78 -12.53
C LEU E 67 21.15 -36.18 -11.09
N SER E 68 20.38 -35.56 -10.22
CA SER E 68 20.44 -35.89 -8.80
C SER E 68 19.63 -37.14 -8.54
N LEU E 69 20.08 -37.94 -7.57
CA LEU E 69 19.40 -39.18 -7.23
C LEU E 69 17.96 -38.92 -6.80
N ALA E 70 17.69 -37.67 -6.42
CA ALA E 70 16.36 -37.28 -5.96
C ALA E 70 15.42 -36.98 -7.13
N HIS E 71 16.00 -36.91 -8.33
CA HIS E 71 15.23 -36.64 -9.55
C HIS E 71 14.16 -37.70 -9.73
N GLN E 72 13.13 -37.37 -10.50
CA GLN E 72 12.03 -38.28 -10.76
C GLN E 72 12.42 -39.44 -11.68
N SER E 73 13.52 -39.26 -12.40
CA SER E 73 14.00 -40.27 -13.33
C SER E 73 14.48 -41.50 -12.60
N PHE E 74 14.92 -41.31 -11.37
CA PHE E 74 15.46 -42.42 -10.61
C PHE E 74 14.57 -42.99 -9.53
N LEU E 75 13.27 -42.95 -9.75
CA LEU E 75 12.35 -43.48 -8.77
C LEU E 75 12.73 -44.94 -8.46
N LEU E 76 12.67 -45.79 -9.48
CA LEU E 76 12.99 -47.20 -9.29
C LEU E 76 14.37 -47.41 -8.69
N LEU E 77 15.35 -46.63 -9.15
CA LEU E 77 16.70 -46.73 -8.62
C LEU E 77 16.73 -46.57 -7.10
N ARG E 78 16.10 -45.51 -6.60
CA ARG E 78 16.07 -45.29 -5.16
C ARG E 78 15.46 -46.47 -4.42
N GLU E 79 14.34 -46.97 -4.94
CA GLU E 79 13.68 -48.10 -4.32
C GLU E 79 14.57 -49.33 -4.27
N THR E 80 15.46 -49.45 -5.25
CA THR E 80 16.34 -50.61 -5.29
C THR E 80 17.39 -50.41 -4.21
N LEU E 81 17.95 -49.20 -4.20
CA LEU E 81 18.97 -48.82 -3.24
C LEU E 81 18.53 -48.90 -1.76
N LYS E 82 17.22 -49.03 -1.54
CA LYS E 82 16.73 -49.12 -0.18
C LYS E 82 17.32 -50.30 0.58
N LEU E 83 17.71 -51.36 -0.11
CA LEU E 83 18.29 -52.53 0.56
C LEU E 83 19.51 -53.04 -0.18
N ALA E 84 19.64 -52.70 -1.45
CA ALA E 84 20.79 -53.14 -2.22
C ALA E 84 22.00 -52.24 -2.00
N LYS E 85 23.17 -52.84 -1.89
CA LYS E 85 24.40 -52.08 -1.68
C LYS E 85 24.84 -51.44 -2.96
N THR E 86 24.76 -52.20 -4.04
CA THR E 86 25.17 -51.70 -5.34
C THR E 86 24.10 -51.94 -6.39
N VAL E 87 23.96 -50.99 -7.31
CA VAL E 87 22.99 -51.14 -8.38
C VAL E 87 23.69 -50.88 -9.70
N LEU E 88 23.58 -51.84 -10.60
CA LEU E 88 24.16 -51.72 -11.92
C LEU E 88 23.06 -51.26 -12.86
N VAL E 89 22.91 -49.94 -13.01
CA VAL E 89 21.89 -49.35 -13.88
C VAL E 89 22.31 -49.38 -15.35
N TYR E 90 21.43 -49.89 -16.20
CA TYR E 90 21.66 -50.01 -17.63
C TYR E 90 20.81 -48.99 -18.36
N ARG E 91 21.45 -48.16 -19.18
CA ARG E 91 20.68 -47.17 -19.93
C ARG E 91 19.98 -47.84 -21.11
N LEU E 92 18.66 -47.93 -21.01
CA LEU E 92 17.85 -48.53 -22.05
C LEU E 92 17.85 -47.68 -23.31
N ASN E 93 17.57 -46.40 -23.15
CA ASN E 93 17.50 -45.50 -24.28
C ASN E 93 18.81 -44.84 -24.70
N ASP E 94 18.65 -43.75 -25.45
CA ASP E 94 19.75 -42.96 -25.98
C ASP E 94 19.12 -41.65 -26.48
N GLY E 95 19.87 -40.84 -27.22
CA GLY E 95 19.30 -39.60 -27.72
C GLY E 95 20.26 -38.73 -28.50
N ILE E 96 19.74 -37.65 -29.07
CA ILE E 96 20.53 -36.71 -29.86
C ILE E 96 21.54 -36.01 -28.97
N LYS E 97 22.76 -35.79 -29.47
CA LYS E 97 23.77 -35.10 -28.66
C LYS E 97 23.69 -33.57 -28.85
N ALA E 98 23.60 -32.84 -27.75
CA ALA E 98 23.53 -31.38 -27.81
C ALA E 98 24.78 -30.85 -28.51
N THR E 99 24.62 -29.78 -29.29
CA THR E 99 25.77 -29.22 -30.01
C THR E 99 25.76 -27.71 -29.92
N ALA E 100 26.77 -27.10 -30.54
CA ALA E 100 26.93 -25.64 -30.56
C ALA E 100 28.29 -25.33 -31.18
N THR E 101 28.39 -24.17 -31.81
CA THR E 101 29.64 -23.75 -32.43
C THR E 101 30.29 -22.64 -31.60
N LEU E 102 31.44 -22.93 -31.01
CA LEU E 102 32.14 -21.97 -30.18
C LEU E 102 32.95 -20.98 -31.01
N ALA E 103 33.07 -19.76 -30.48
CA ALA E 103 33.82 -18.67 -31.13
C ALA E 103 33.82 -18.75 -32.66
N THR E 104 34.89 -19.31 -33.21
CA THR E 104 35.01 -19.45 -34.65
C THR E 104 35.27 -20.89 -35.07
N ASP E 105 34.25 -21.51 -35.66
CA ASP E 105 34.31 -22.90 -36.14
C ASP E 105 34.96 -23.86 -35.15
N VAL E 106 34.35 -24.00 -33.98
CA VAL E 106 34.85 -24.89 -32.95
C VAL E 106 33.68 -25.73 -32.47
N VAL E 107 33.23 -26.65 -33.32
CA VAL E 107 32.10 -27.52 -32.99
C VAL E 107 32.26 -28.22 -31.64
N VAL E 108 31.39 -27.88 -30.70
CA VAL E 108 31.42 -28.49 -29.38
C VAL E 108 30.16 -29.33 -29.22
N THR E 109 30.35 -30.64 -29.12
CA THR E 109 29.21 -31.54 -28.97
C THR E 109 29.29 -32.22 -27.61
N ALA E 110 28.13 -32.50 -27.02
CA ALA E 110 28.06 -33.17 -25.73
C ALA E 110 28.64 -34.58 -25.90
N LYS E 111 29.17 -35.14 -24.81
CA LYS E 111 29.75 -36.47 -24.89
C LYS E 111 28.70 -37.54 -25.17
N TYR E 112 27.64 -37.56 -24.37
CA TYR E 112 26.58 -38.53 -24.54
C TYR E 112 25.32 -37.88 -25.12
N GLY E 113 24.31 -38.69 -25.44
CA GLY E 113 23.07 -38.16 -26.00
C GLY E 113 22.00 -38.01 -24.93
N GLY E 114 21.22 -36.94 -25.01
CA GLY E 114 20.17 -36.72 -24.03
C GLY E 114 20.03 -35.26 -23.63
N ILE E 115 18.87 -34.93 -23.08
CA ILE E 115 18.57 -33.55 -22.67
C ILE E 115 19.53 -32.99 -21.62
N VAL E 116 20.35 -33.84 -21.06
CA VAL E 116 21.27 -33.33 -20.06
C VAL E 116 22.32 -32.46 -20.76
N GLY E 117 22.54 -32.73 -22.04
CA GLY E 117 23.52 -31.96 -22.79
C GLY E 117 23.09 -30.51 -22.93
N ASN E 118 21.79 -30.25 -22.83
CA ASN E 118 21.29 -28.89 -22.99
C ASN E 118 21.57 -28.03 -21.78
N SER E 119 22.16 -28.61 -20.76
CA SER E 119 22.47 -27.87 -19.55
C SER E 119 23.94 -27.49 -19.58
N ILE E 120 24.62 -27.99 -20.61
CA ILE E 120 26.06 -27.75 -20.80
C ILE E 120 26.28 -26.41 -21.47
N THR E 121 27.27 -25.68 -20.99
CA THR E 121 27.57 -24.38 -21.55
C THR E 121 29.05 -24.01 -21.40
N ILE E 122 29.70 -23.70 -22.52
CA ILE E 122 31.12 -23.33 -22.52
C ILE E 122 31.34 -21.82 -22.56
N LYS E 123 32.13 -21.35 -21.61
CA LYS E 123 32.48 -19.94 -21.49
C LYS E 123 33.99 -19.78 -21.62
N VAL E 124 34.43 -19.23 -22.74
CA VAL E 124 35.85 -19.03 -22.98
C VAL E 124 36.31 -17.58 -22.75
N ASP E 125 37.25 -17.40 -21.81
CA ASP E 125 37.80 -16.08 -21.49
C ASP E 125 39.29 -16.04 -21.79
N GLU E 126 39.95 -14.94 -21.42
CA GLU E 126 41.38 -14.84 -21.66
C GLU E 126 42.14 -15.17 -20.37
N ASN E 127 43.29 -15.80 -20.52
CA ASN E 127 44.09 -16.19 -19.36
C ASN E 127 44.75 -14.97 -18.72
N VAL E 128 44.60 -14.87 -17.39
CA VAL E 128 45.16 -13.77 -16.62
C VAL E 128 46.65 -13.97 -16.32
N VAL E 129 47.06 -15.23 -16.18
CA VAL E 129 48.46 -15.55 -15.89
C VAL E 129 49.27 -15.76 -17.19
N ASP E 130 48.68 -15.35 -18.30
CA ASP E 130 49.33 -15.48 -19.60
C ASP E 130 48.33 -15.06 -20.67
N SER E 131 48.32 -13.76 -20.97
CA SER E 131 47.42 -13.19 -21.94
C SER E 131 47.40 -13.92 -23.31
N SER E 132 48.38 -14.79 -23.56
CA SER E 132 48.44 -15.51 -24.84
C SER E 132 47.51 -16.74 -24.86
N LYS E 133 47.04 -17.14 -23.69
CA LYS E 133 46.15 -18.29 -23.55
C LYS E 133 44.72 -17.89 -23.19
N LYS E 134 43.82 -18.85 -23.31
CA LYS E 134 42.41 -18.64 -23.01
C LYS E 134 41.95 -19.58 -21.89
N ASP E 135 40.89 -19.16 -21.20
CA ASP E 135 40.30 -19.93 -20.11
C ASP E 135 38.98 -20.57 -20.55
N VAL E 136 39.08 -21.71 -21.23
CA VAL E 136 37.88 -22.43 -21.70
C VAL E 136 37.34 -23.29 -20.56
N THR E 137 36.17 -22.94 -20.05
CA THR E 137 35.56 -23.71 -18.98
C THR E 137 34.18 -24.26 -19.39
N THR E 138 33.84 -25.44 -18.87
CA THR E 138 32.57 -26.04 -19.20
C THR E 138 31.69 -26.08 -17.97
N TYR E 139 30.42 -25.70 -18.13
CA TYR E 139 29.48 -25.71 -17.00
C TYR E 139 28.35 -26.72 -17.20
N LEU E 140 27.79 -27.17 -16.09
CA LEU E 140 26.69 -28.09 -16.14
C LEU E 140 25.72 -27.62 -15.07
N ASN E 141 24.78 -26.77 -15.48
CA ASN E 141 23.80 -26.25 -14.54
C ASN E 141 24.43 -25.16 -13.70
N GLU E 142 25.16 -24.27 -14.36
CA GLU E 142 25.82 -23.14 -13.68
C GLU E 142 26.96 -23.52 -12.74
N VAL E 143 27.42 -24.77 -12.84
CA VAL E 143 28.51 -25.21 -12.00
C VAL E 143 29.62 -25.79 -12.88
N ALA E 144 30.82 -25.24 -12.74
CA ALA E 144 31.97 -25.68 -13.52
C ALA E 144 32.24 -27.16 -13.30
N VAL E 145 32.68 -27.84 -14.37
CA VAL E 145 32.99 -29.26 -14.31
C VAL E 145 34.24 -29.58 -15.09
N ASP E 146 34.79 -28.59 -15.78
CA ASP E 146 36.01 -28.79 -16.56
C ASP E 146 36.57 -27.47 -17.04
N LYS E 147 37.80 -27.18 -16.65
CA LYS E 147 38.42 -25.93 -17.08
C LYS E 147 39.78 -26.22 -17.70
N GLN E 148 39.99 -25.72 -18.91
CA GLN E 148 41.24 -25.94 -19.62
C GLN E 148 41.88 -24.62 -20.03
N VAL E 149 43.16 -24.45 -19.69
CA VAL E 149 43.90 -23.25 -20.04
C VAL E 149 44.78 -23.57 -21.26
N VAL E 150 44.23 -23.37 -22.46
CA VAL E 150 44.95 -23.66 -23.70
C VAL E 150 45.22 -22.41 -24.53
N GLY E 151 46.14 -22.55 -25.49
CA GLY E 151 46.50 -21.44 -26.36
C GLY E 151 45.81 -21.59 -27.70
N THR E 152 45.78 -22.81 -28.21
CA THR E 152 45.16 -23.10 -29.51
C THR E 152 43.95 -24.04 -29.34
N ALA E 153 43.10 -24.07 -30.36
CA ALA E 153 41.90 -24.91 -30.36
C ALA E 153 42.28 -26.38 -30.26
N SER E 154 43.44 -26.72 -30.82
CA SER E 154 43.93 -28.09 -30.79
C SER E 154 44.28 -28.56 -29.38
N GLU E 155 44.79 -27.66 -28.53
CA GLU E 155 45.16 -28.00 -27.15
C GLU E 155 43.98 -28.43 -26.27
N LEU E 156 42.77 -28.39 -26.85
CA LEU E 156 41.56 -28.77 -26.13
C LEU E 156 41.38 -30.27 -26.14
N ILE E 157 41.40 -30.84 -24.94
CA ILE E 157 41.24 -32.28 -24.76
C ILE E 157 39.81 -32.60 -24.34
N ASP E 158 39.17 -33.53 -25.06
CA ASP E 158 37.80 -33.92 -24.77
C ASP E 158 37.63 -34.31 -23.30
N SER E 159 36.48 -33.96 -22.73
CA SER E 159 36.19 -34.28 -21.33
C SER E 159 34.96 -35.16 -21.24
N ASN E 160 34.57 -35.46 -20.01
CA ASN E 160 33.39 -36.28 -19.76
C ASN E 160 32.11 -35.49 -19.98
N TYR E 161 32.24 -34.36 -20.64
CA TYR E 161 31.12 -33.48 -20.88
C TYR E 161 31.06 -32.97 -22.32
N VAL E 162 32.20 -32.68 -22.90
CA VAL E 162 32.21 -32.17 -24.26
C VAL E 162 33.22 -32.83 -25.21
N SER E 163 33.10 -32.48 -26.48
CA SER E 163 33.99 -33.02 -27.51
C SER E 163 34.25 -31.92 -28.52
N PHE E 164 35.45 -31.38 -28.46
CA PHE E 164 35.83 -30.32 -29.36
C PHE E 164 36.32 -30.87 -30.70
N LYS E 165 35.87 -30.24 -31.79
CA LYS E 165 36.25 -30.64 -33.15
C LYS E 165 37.04 -29.52 -33.83
N THR E 166 38.36 -29.66 -33.77
CA THR E 166 39.27 -28.68 -34.37
C THR E 166 39.29 -28.79 -35.90
N THR E 167 39.00 -27.68 -36.58
CA THR E 167 38.99 -27.61 -38.05
C THR E 167 40.09 -26.65 -38.54
N SER E 168 40.07 -26.37 -39.84
CA SER E 168 41.07 -25.49 -40.46
C SER E 168 40.90 -24.04 -39.98
N THR E 169 39.70 -23.51 -40.19
CA THR E 169 39.37 -22.15 -39.82
C THR E 169 39.17 -21.98 -38.31
N SER E 170 39.80 -22.83 -37.52
CA SER E 170 39.66 -22.77 -36.07
C SER E 170 40.35 -21.58 -35.43
N GLU E 171 39.54 -20.74 -34.78
CA GLU E 171 40.04 -19.55 -34.10
C GLU E 171 39.27 -19.41 -32.80
N LEU E 172 39.98 -19.53 -31.69
CA LEU E 172 39.35 -19.43 -30.38
C LEU E 172 39.07 -17.99 -29.94
N GLN E 173 37.88 -17.50 -30.26
CA GLN E 173 37.49 -16.15 -29.87
C GLN E 173 36.84 -16.21 -28.49
N GLN E 174 37.05 -15.16 -27.69
CA GLN E 174 36.50 -15.10 -26.35
C GLN E 174 34.97 -15.08 -26.47
N SER E 175 34.29 -15.80 -25.58
CA SER E 175 32.83 -15.86 -25.57
C SER E 175 32.30 -15.67 -24.16
N SER E 176 31.22 -14.89 -24.03
CA SER E 176 30.62 -14.63 -22.72
C SER E 176 29.93 -15.89 -22.20
N GLY E 177 29.50 -16.74 -23.12
CA GLY E 177 28.84 -17.97 -22.72
C GLY E 177 27.90 -18.54 -23.75
N THR E 178 28.41 -19.46 -24.56
CA THR E 178 27.58 -20.09 -25.57
C THR E 178 27.11 -21.46 -25.07
N THR E 179 25.80 -21.67 -25.02
CA THR E 179 25.27 -22.96 -24.53
C THR E 179 24.88 -23.97 -25.63
N LEU E 180 25.03 -25.25 -25.32
CA LEU E 180 24.68 -26.31 -26.28
C LEU E 180 23.18 -26.49 -26.38
N VAL E 181 22.74 -27.08 -27.49
CA VAL E 181 21.32 -27.26 -27.72
C VAL E 181 21.06 -28.39 -28.72
N GLY E 182 19.84 -28.93 -28.70
CA GLY E 182 19.49 -30.00 -29.61
C GLY E 182 19.46 -31.36 -28.93
N GLY E 183 19.74 -31.36 -27.63
CA GLY E 183 19.74 -32.60 -26.87
C GLY E 183 18.35 -33.16 -26.69
N THR E 184 18.23 -34.45 -26.93
CA THR E 184 16.94 -35.11 -26.79
C THR E 184 17.15 -36.58 -26.50
N ASP E 185 16.16 -37.21 -25.85
CA ASP E 185 16.23 -38.64 -25.59
C ASP E 185 15.01 -39.35 -26.14
N GLN E 186 15.25 -40.35 -26.99
CA GLN E 186 14.18 -41.12 -27.59
C GLN E 186 13.61 -42.09 -26.59
N PRO E 187 12.27 -42.20 -26.55
CA PRO E 187 11.54 -43.09 -25.63
C PRO E 187 12.05 -44.52 -25.66
N VAL E 188 11.81 -45.22 -24.58
CA VAL E 188 12.26 -46.59 -24.44
C VAL E 188 11.44 -47.54 -25.31
N THR E 189 12.12 -48.30 -26.18
CA THR E 189 11.45 -49.25 -27.05
C THR E 189 11.60 -50.65 -26.48
N ASN E 190 10.62 -51.52 -26.70
CA ASN E 190 10.72 -52.88 -26.19
C ASN E 190 11.99 -53.57 -26.67
N LEU E 191 12.59 -53.06 -27.73
CA LEU E 191 13.82 -53.64 -28.24
C LEU E 191 14.93 -53.42 -27.24
N ASP E 192 14.92 -52.25 -26.62
CA ASP E 192 15.94 -51.87 -25.64
C ASP E 192 16.01 -52.87 -24.48
N TYR E 193 14.85 -53.35 -24.04
CA TYR E 193 14.83 -54.30 -22.96
C TYR E 193 15.51 -55.60 -23.37
N THR E 194 15.45 -55.89 -24.65
CA THR E 194 16.08 -57.11 -25.11
C THR E 194 17.59 -56.90 -25.03
N GLN E 195 18.04 -55.76 -25.51
CA GLN E 195 19.46 -55.44 -25.49
C GLN E 195 20.04 -55.44 -24.07
N PHE E 196 19.18 -55.06 -23.11
CA PHE E 196 19.54 -55.01 -21.70
C PHE E 196 19.92 -56.42 -21.26
N LEU E 197 19.08 -57.39 -21.62
CA LEU E 197 19.35 -58.77 -21.23
C LEU E 197 20.62 -59.29 -21.86
N VAL E 198 20.99 -58.72 -23.00
CA VAL E 198 22.20 -59.14 -23.71
C VAL E 198 23.45 -58.62 -23.03
N SER E 199 23.40 -57.36 -22.61
CA SER E 199 24.53 -56.77 -21.94
C SER E 199 24.60 -57.35 -20.53
N ALA E 200 23.46 -57.82 -20.04
CA ALA E 200 23.42 -58.38 -18.70
C ALA E 200 24.31 -59.59 -18.60
N GLU E 201 24.59 -60.24 -19.72
CA GLU E 201 25.44 -61.42 -19.69
C GLU E 201 26.88 -61.12 -19.27
N GLY E 202 27.35 -59.91 -19.57
CA GLY E 202 28.72 -59.58 -19.23
C GLY E 202 28.88 -58.79 -17.95
N GLU E 203 27.95 -58.97 -17.02
CA GLU E 203 27.99 -58.26 -15.74
C GLU E 203 27.84 -59.21 -14.56
N TYR E 204 28.49 -58.87 -13.46
CA TYR E 204 28.41 -59.68 -12.26
C TYR E 204 27.43 -59.04 -11.29
N PHE E 205 26.27 -59.67 -11.14
CA PHE E 205 25.24 -59.14 -10.24
C PHE E 205 24.56 -60.32 -9.56
N ASP E 206 23.85 -60.05 -8.47
CA ASP E 206 23.16 -61.12 -7.76
C ASP E 206 21.75 -61.28 -8.28
N THR E 207 21.06 -60.15 -8.43
CA THR E 207 19.69 -60.21 -8.90
C THR E 207 19.54 -59.26 -10.07
N ILE E 208 18.59 -59.58 -10.94
CA ILE E 208 18.29 -58.72 -12.09
C ILE E 208 16.79 -58.40 -12.05
N ALA E 209 16.49 -57.11 -12.20
CA ALA E 209 15.12 -56.64 -12.16
C ALA E 209 14.59 -56.39 -13.54
N PHE E 210 13.33 -56.75 -13.78
CA PHE E 210 12.72 -56.54 -15.08
C PHE E 210 11.41 -55.78 -14.85
N PRO E 211 11.50 -54.48 -14.55
CA PRO E 211 10.34 -53.62 -14.28
C PRO E 211 9.50 -53.32 -15.51
N VAL E 212 9.40 -54.30 -16.40
CA VAL E 212 8.63 -54.10 -17.60
C VAL E 212 7.13 -54.04 -17.32
N SER E 213 6.43 -53.18 -18.07
CA SER E 213 4.98 -53.01 -17.94
C SER E 213 4.26 -54.37 -18.16
N SER E 214 3.22 -54.62 -17.37
CA SER E 214 2.45 -55.86 -17.47
C SER E 214 1.81 -56.07 -18.86
N SER E 215 1.88 -55.05 -19.70
CA SER E 215 1.32 -55.12 -21.05
C SER E 215 1.97 -56.27 -21.84
N ASP E 216 3.12 -55.98 -22.45
CA ASP E 216 3.83 -56.97 -23.27
C ASP E 216 4.23 -58.26 -22.55
N VAL E 217 3.51 -59.34 -22.87
CA VAL E 217 3.77 -60.65 -22.29
C VAL E 217 5.00 -61.32 -22.88
N ALA E 218 5.23 -61.08 -24.17
CA ALA E 218 6.37 -61.66 -24.87
C ALA E 218 7.66 -61.32 -24.10
N LEU E 219 7.87 -60.03 -23.83
CA LEU E 219 9.06 -59.59 -23.12
C LEU E 219 9.26 -60.41 -21.85
N LYS E 220 8.25 -60.38 -20.98
CA LYS E 220 8.32 -61.11 -19.74
C LYS E 220 8.77 -62.55 -19.97
N THR E 221 8.27 -63.15 -21.04
CA THR E 221 8.65 -64.52 -21.33
C THR E 221 10.12 -64.62 -21.73
N SER E 222 10.54 -63.75 -22.64
CA SER E 222 11.93 -63.76 -23.10
C SER E 222 12.85 -63.47 -21.93
N PHE E 223 12.33 -62.77 -20.92
CA PHE E 223 13.11 -62.44 -19.74
C PHE E 223 13.33 -63.74 -18.93
N VAL E 224 12.22 -64.43 -18.66
CA VAL E 224 12.28 -65.68 -17.93
C VAL E 224 13.25 -66.68 -18.59
N SER E 225 13.27 -66.63 -19.92
CA SER E 225 14.15 -67.52 -20.69
C SER E 225 15.60 -67.13 -20.40
N PHE E 226 15.86 -65.84 -20.52
CA PHE E 226 17.18 -65.33 -20.27
C PHE E 226 17.72 -65.87 -18.94
N VAL E 227 16.88 -65.79 -17.91
CA VAL E 227 17.29 -66.26 -16.58
C VAL E 227 17.51 -67.78 -16.55
N LYS E 228 16.60 -68.53 -17.20
CA LYS E 228 16.73 -69.97 -17.25
C LYS E 228 18.09 -70.35 -17.83
N ARG E 229 18.47 -69.68 -18.92
CA ARG E 229 19.77 -69.97 -19.54
C ARG E 229 20.89 -69.67 -18.56
N ARG E 231 21.18 -69.51 -15.59
CA ARG E 231 21.28 -70.44 -14.49
C ARG E 231 21.60 -71.86 -14.91
N ASP E 232 20.62 -72.49 -15.54
CA ASP E 232 20.76 -73.87 -15.93
C ASP E 232 21.57 -74.16 -17.19
N GLU E 233 22.13 -73.13 -17.81
CA GLU E 233 22.91 -73.33 -19.02
C GLU E 233 24.33 -72.77 -18.90
N GLN E 234 24.44 -71.55 -18.38
CA GLN E 234 25.76 -70.94 -18.23
C GLN E 234 26.34 -71.23 -16.86
N GLY E 235 25.49 -71.73 -15.95
CA GLY E 235 25.94 -72.06 -14.61
C GLY E 235 25.93 -70.89 -13.65
N VAL E 236 25.47 -69.74 -14.12
CA VAL E 236 25.41 -68.54 -13.26
C VAL E 236 24.03 -68.47 -12.58
N LYS E 237 23.98 -68.86 -11.32
CA LYS E 237 22.73 -68.89 -10.56
C LYS E 237 22.29 -67.52 -10.07
N ILE E 238 21.60 -66.78 -10.93
CA ILE E 238 21.13 -65.44 -10.57
C ILE E 238 19.61 -65.45 -10.35
N LYS E 239 19.06 -64.37 -9.81
CA LYS E 239 17.63 -64.28 -9.55
C LYS E 239 16.99 -63.20 -10.41
N GLY E 240 15.78 -63.47 -10.87
CA GLY E 240 15.09 -62.50 -11.70
C GLY E 240 13.82 -62.09 -11.02
N VAL E 241 13.40 -60.85 -11.25
CA VAL E 241 12.18 -60.37 -10.61
C VAL E 241 11.26 -59.66 -11.62
N VAL E 242 10.09 -60.23 -11.85
CA VAL E 242 9.10 -59.63 -12.75
C VAL E 242 7.77 -59.60 -12.06
N ALA E 243 6.90 -58.74 -12.55
CA ALA E 243 5.56 -58.64 -11.95
C ALA E 243 4.51 -59.47 -12.70
N ASN E 244 3.70 -60.21 -11.95
CA ASN E 244 2.64 -61.03 -12.53
C ASN E 244 3.23 -61.79 -13.71
N PRO E 246 3.89 -65.94 -13.65
CA PRO E 246 4.10 -67.28 -13.05
C PRO E 246 5.01 -68.15 -13.90
N ALA E 247 6.31 -67.87 -13.85
CA ALA E 247 7.28 -68.63 -14.63
C ALA E 247 7.46 -70.04 -14.09
N ASP E 248 6.82 -70.36 -12.97
CA ASP E 248 6.96 -71.68 -12.37
C ASP E 248 8.45 -72.14 -12.43
N TYR E 249 9.36 -71.24 -12.05
CA TYR E 249 10.78 -71.53 -12.08
C TYR E 249 11.42 -70.97 -10.79
N GLU E 250 12.25 -71.77 -10.13
CA GLU E 250 12.86 -71.31 -8.88
C GLU E 250 13.85 -70.16 -9.05
N GLY E 251 14.08 -69.74 -10.29
CA GLY E 251 15.01 -68.65 -10.52
C GLY E 251 14.30 -67.31 -10.70
N ILE E 252 12.97 -67.32 -10.63
CA ILE E 252 12.21 -66.08 -10.81
C ILE E 252 11.30 -65.79 -9.62
N ILE E 253 11.21 -64.52 -9.25
CA ILE E 253 10.35 -64.12 -8.17
C ILE E 253 9.17 -63.49 -8.87
N ASN E 254 7.97 -63.94 -8.54
CA ASN E 254 6.77 -63.40 -9.17
C ASN E 254 6.07 -62.36 -8.28
N VAL E 255 6.38 -61.08 -8.47
CA VAL E 255 5.76 -60.04 -7.67
C VAL E 255 4.27 -59.96 -8.01
N ARG E 256 3.43 -60.01 -6.98
CA ARG E 256 1.99 -59.96 -7.17
C ARG E 256 1.39 -58.57 -7.13
N ASN E 257 1.46 -57.92 -5.96
CA ASN E 257 0.88 -56.58 -5.77
C ASN E 257 1.91 -55.47 -5.63
N GLY E 258 1.43 -54.25 -5.55
CA GLY E 258 2.32 -53.11 -5.41
C GLY E 258 2.14 -52.44 -4.07
N VAL E 259 2.66 -51.23 -3.91
CA VAL E 259 2.55 -50.51 -2.64
C VAL E 259 2.32 -49.03 -2.83
N THR E 260 2.09 -48.32 -1.74
CA THR E 260 1.87 -46.88 -1.77
C THR E 260 2.82 -46.25 -0.76
N LEU E 261 3.65 -45.32 -1.23
CA LEU E 261 4.61 -44.66 -0.38
C LEU E 261 3.98 -43.58 0.46
N ARG E 262 4.72 -43.10 1.47
CA ARG E 262 4.23 -42.08 2.38
C ARG E 262 3.78 -40.83 1.65
N ASP E 263 4.55 -40.41 0.65
CA ASP E 263 4.19 -39.21 -0.14
C ASP E 263 2.93 -39.42 -1.01
N GLY E 264 2.33 -40.60 -0.91
CA GLY E 264 1.13 -40.87 -1.67
C GLY E 264 1.37 -41.52 -3.02
N THR E 265 2.64 -41.59 -3.43
CA THR E 265 2.97 -42.19 -4.72
C THR E 265 2.55 -43.66 -4.78
N ILE E 266 1.91 -44.04 -5.88
CA ILE E 266 1.46 -45.41 -6.04
C ILE E 266 2.44 -46.15 -6.93
N LEU E 267 2.90 -47.31 -6.47
CA LEU E 267 3.83 -48.12 -7.22
C LEU E 267 3.18 -49.40 -7.64
N GLU E 268 3.05 -49.58 -8.95
CA GLU E 268 2.44 -50.80 -9.49
C GLU E 268 3.41 -51.93 -9.28
N PRO E 269 2.90 -53.16 -9.18
CA PRO E 269 3.78 -54.30 -8.97
C PRO E 269 4.98 -54.31 -9.92
N HIS E 270 4.79 -53.96 -11.18
CA HIS E 270 5.93 -53.97 -12.09
C HIS E 270 7.02 -52.98 -11.65
N GLN E 271 6.68 -52.08 -10.73
CA GLN E 271 7.61 -51.09 -10.20
C GLN E 271 8.20 -51.60 -8.89
N VAL E 272 7.34 -52.24 -8.10
CA VAL E 272 7.78 -52.79 -6.83
C VAL E 272 8.93 -53.78 -7.07
N VAL E 273 9.01 -54.36 -8.26
CA VAL E 273 10.09 -55.31 -8.52
C VAL E 273 11.44 -54.70 -8.17
N ALA E 274 11.58 -53.42 -8.49
CA ALA E 274 12.82 -52.74 -8.20
C ALA E 274 13.22 -52.96 -6.73
N TRP E 275 12.32 -52.70 -5.80
CA TRP E 275 12.62 -52.91 -4.39
C TRP E 275 12.93 -54.38 -4.12
N VAL E 276 11.97 -55.25 -4.46
CA VAL E 276 12.10 -56.69 -4.26
C VAL E 276 13.43 -57.20 -4.80
N ALA E 277 13.90 -56.61 -5.89
CA ALA E 277 15.18 -57.02 -6.44
C ALA E 277 16.23 -56.79 -5.38
N GLY E 278 16.30 -55.54 -4.92
CA GLY E 278 17.28 -55.21 -3.90
C GLY E 278 17.04 -56.00 -2.64
N ALA E 279 15.80 -56.37 -2.40
CA ALA E 279 15.48 -57.12 -1.22
C ALA E 279 16.14 -58.49 -1.27
N ASP E 280 15.98 -59.17 -2.41
CA ASP E 280 16.54 -60.50 -2.61
C ASP E 280 18.04 -60.45 -2.72
N ALA E 281 18.54 -59.42 -3.38
CA ALA E 281 19.97 -59.31 -3.57
C ALA E 281 20.74 -59.03 -2.27
N SER E 282 20.09 -58.40 -1.29
CA SER E 282 20.75 -58.05 -0.05
C SER E 282 20.57 -59.08 1.02
N ALA E 283 19.54 -59.91 0.90
CA ALA E 283 19.28 -60.93 1.91
C ALA E 283 20.48 -61.81 2.25
N SER E 284 20.61 -62.11 3.53
CA SER E 284 21.69 -62.94 4.03
C SER E 284 21.40 -64.42 3.88
N LEU E 286 21.67 -66.47 6.12
CA LEU E 286 21.05 -66.89 7.38
C LEU E 286 19.63 -66.37 7.57
N LYS E 287 19.36 -65.18 7.03
CA LYS E 287 18.04 -64.57 7.14
C LYS E 287 17.23 -64.57 5.86
N SER E 288 15.94 -64.84 6.02
CA SER E 288 14.98 -64.86 4.92
C SER E 288 14.47 -63.43 4.74
N ASN E 289 13.49 -63.22 3.85
CA ASN E 289 12.95 -61.88 3.64
C ASN E 289 11.50 -61.74 4.08
N THR E 290 11.11 -62.65 4.91
CA THR E 290 9.72 -62.72 5.45
C THR E 290 9.54 -61.75 6.58
N PHE E 291 8.41 -61.09 6.56
CA PHE E 291 8.21 -60.10 7.57
C PHE E 291 9.23 -58.97 7.38
N VAL E 292 9.78 -58.83 6.18
CA VAL E 292 10.71 -57.75 6.00
C VAL E 292 9.89 -56.55 5.60
N LYS E 293 10.11 -55.43 6.26
CA LYS E 293 9.33 -54.25 5.96
C LYS E 293 9.83 -53.49 4.74
N TYR E 294 8.90 -52.93 3.98
CA TYR E 294 9.21 -52.15 2.79
C TYR E 294 9.27 -50.71 3.27
N ASP E 295 10.45 -50.29 3.68
CA ASP E 295 10.65 -48.94 4.19
C ASP E 295 10.08 -47.87 3.27
N GLY E 296 9.24 -46.99 3.82
CA GLY E 296 8.68 -45.92 3.01
C GLY E 296 7.28 -46.19 2.49
N ALA E 297 6.83 -47.42 2.61
CA ALA E 297 5.50 -47.76 2.15
C ALA E 297 4.49 -47.77 3.29
N ILE E 298 3.41 -47.03 3.08
CA ILE E 298 2.33 -46.91 4.06
C ILE E 298 1.14 -47.84 3.79
N ASP E 299 1.12 -48.49 2.63
CA ASP E 299 0.04 -49.40 2.35
C ASP E 299 0.33 -50.23 1.14
N ALA E 300 -0.17 -51.46 1.16
CA ALA E 300 0.02 -52.36 0.05
C ALA E 300 -1.18 -52.25 -0.86
N THR E 301 -0.96 -51.77 -2.08
CA THR E 301 -2.07 -51.63 -3.01
C THR E 301 -1.85 -52.47 -4.26
N PRO E 302 -2.76 -53.40 -4.52
CA PRO E 302 -3.95 -53.70 -3.73
C PRO E 302 -3.64 -54.63 -2.57
N ARG E 303 -4.59 -54.74 -1.64
CA ARG E 303 -4.42 -55.62 -0.49
C ARG E 303 -5.04 -56.97 -0.84
N LEU E 304 -4.68 -58.02 -0.11
CA LEU E 304 -5.24 -59.34 -0.37
C LEU E 304 -5.81 -59.93 0.90
N ALA E 305 -7.05 -60.44 0.82
CA ALA E 305 -7.71 -61.06 1.96
C ALA E 305 -6.99 -62.35 2.30
N ASN E 306 -7.25 -62.88 3.49
CA ASN E 306 -6.58 -64.11 3.91
C ASN E 306 -6.65 -65.22 2.88
N ASP E 307 -7.83 -65.44 2.33
CA ASP E 307 -8.00 -66.48 1.33
C ASP E 307 -7.23 -66.15 0.05
N GLU E 308 -7.23 -64.89 -0.37
CA GLU E 308 -6.52 -64.50 -1.59
C GLU E 308 -5.02 -64.68 -1.40
N ALA E 309 -4.54 -64.24 -0.24
CA ALA E 309 -3.13 -64.34 0.07
C ALA E 309 -2.72 -65.80 0.14
N GLU E 310 -3.41 -66.56 0.98
CA GLU E 310 -3.09 -67.98 1.13
C GLU E 310 -3.09 -68.60 -0.27
N GLU E 311 -4.04 -68.14 -1.09
CA GLU E 311 -4.17 -68.62 -2.47
C GLU E 311 -2.88 -68.27 -3.23
N ALA E 312 -2.55 -66.98 -3.23
CA ALA E 312 -1.38 -66.45 -3.91
C ALA E 312 -0.12 -67.22 -3.56
N LEU E 313 0.14 -67.37 -2.27
CA LEU E 313 1.33 -68.08 -1.83
C LEU E 313 1.36 -69.47 -2.42
N GLN E 314 0.18 -70.10 -2.45
CA GLN E 314 0.04 -71.46 -2.99
C GLN E 314 0.52 -71.51 -4.44
N ASN E 315 0.39 -70.38 -5.13
CA ASN E 315 0.77 -70.27 -6.52
C ASN E 315 2.16 -69.70 -6.72
N GLY E 316 2.95 -69.66 -5.65
CA GLY E 316 4.30 -69.12 -5.75
C GLY E 316 4.36 -67.63 -6.07
N GLU E 317 3.52 -66.83 -5.40
CA GLU E 317 3.51 -65.40 -5.62
C GLU E 317 4.13 -64.59 -4.44
N PHE E 318 4.98 -63.63 -4.78
CA PHE E 318 5.64 -62.78 -3.79
C PHE E 318 4.66 -61.64 -3.44
N VAL E 319 3.98 -61.76 -2.31
CA VAL E 319 2.99 -60.77 -1.93
C VAL E 319 3.35 -59.87 -0.76
N LEU E 320 2.86 -58.64 -0.80
CA LEU E 320 3.12 -57.70 0.29
C LEU E 320 1.84 -57.45 1.06
N THR E 321 1.90 -57.56 2.38
CA THR E 321 0.69 -57.31 3.16
C THR E 321 0.87 -56.14 4.13
N PHE E 322 -0.18 -55.37 4.31
CA PHE E 322 -0.15 -54.22 5.20
C PHE E 322 -0.62 -54.61 6.60
N ASP E 323 0.22 -54.37 7.60
CA ASP E 323 -0.17 -54.69 8.97
C ASP E 323 -0.70 -53.44 9.63
N ALA E 324 -2.02 -53.32 9.74
CA ALA E 324 -2.64 -52.14 10.34
C ALA E 324 -2.23 -51.91 11.78
N ARG E 325 -1.78 -52.98 12.44
CA ARG E 325 -1.33 -52.88 13.83
C ARG E 325 -0.13 -51.95 13.98
N ASP E 326 0.97 -52.32 13.31
CA ASP E 326 2.22 -51.59 13.33
C ASP E 326 2.24 -50.53 12.21
N LYS E 327 1.20 -50.52 11.39
CA LYS E 327 1.06 -49.59 10.27
C LYS E 327 2.30 -49.58 9.38
N ALA E 328 2.61 -50.75 8.80
CA ALA E 328 3.77 -50.92 7.92
C ALA E 328 3.52 -52.11 7.00
N VAL E 329 4.10 -52.08 5.80
CA VAL E 329 3.90 -53.20 4.88
C VAL E 329 5.12 -54.11 4.88
N TYR E 330 4.89 -55.41 4.77
CA TYR E 330 5.98 -56.35 4.79
C TYR E 330 5.75 -57.50 3.86
N VAL E 331 6.80 -58.29 3.66
CA VAL E 331 6.76 -59.46 2.79
C VAL E 331 6.05 -60.65 3.45
N GLU E 332 5.03 -61.20 2.78
CA GLU E 332 4.29 -62.34 3.33
C GLU E 332 5.11 -63.62 3.39
N GLN E 333 5.92 -63.86 2.36
CA GLN E 333 6.77 -65.04 2.35
C GLN E 333 7.76 -64.96 1.20
N ASP E 334 9.04 -65.13 1.51
CA ASP E 334 10.09 -65.05 0.51
C ASP E 334 10.08 -66.31 -0.36
N LEU E 335 9.20 -66.31 -1.36
CA LEU E 335 9.04 -67.46 -2.29
C LEU E 335 9.34 -67.12 -3.74
N ASN E 336 9.46 -68.14 -4.58
CA ASN E 336 9.69 -67.90 -5.99
C ASN E 336 8.57 -68.54 -6.82
N SER E 337 8.56 -68.29 -8.13
CA SER E 337 7.51 -68.79 -9.02
C SER E 337 7.34 -70.29 -9.09
N LEU E 338 8.37 -71.02 -8.65
CA LEU E 338 8.32 -72.49 -8.68
C LEU E 338 7.15 -73.09 -7.90
N THR E 339 6.31 -73.85 -8.61
CA THR E 339 5.15 -74.51 -8.02
C THR E 339 5.22 -76.03 -8.27
N THR E 340 5.58 -76.42 -9.49
CA THR E 340 5.70 -77.83 -9.88
C THR E 340 6.91 -78.53 -9.22
N PHE E 341 6.69 -79.70 -8.61
CA PHE E 341 7.77 -80.47 -7.94
C PHE E 341 7.88 -81.94 -8.39
N SER E 342 8.99 -82.58 -8.02
CA SER E 342 9.25 -83.99 -8.33
C SER E 342 10.38 -84.46 -7.43
N LYS E 343 11.25 -85.32 -7.96
CA LYS E 343 12.37 -85.85 -7.17
C LYS E 343 13.70 -85.12 -7.41
N GLU E 344 13.85 -84.49 -8.58
CA GLU E 344 15.09 -83.77 -8.86
C GLU E 344 15.26 -82.72 -7.78
N LYS E 345 14.23 -81.89 -7.63
CA LYS E 345 14.21 -80.82 -6.65
C LYS E 345 12.95 -80.93 -5.78
N SER E 346 13.16 -80.90 -4.45
CA SER E 346 12.05 -81.01 -3.49
C SER E 346 11.27 -79.71 -3.39
N SER E 347 10.28 -79.68 -2.50
CA SER E 347 9.46 -78.49 -2.32
C SER E 347 10.28 -77.39 -1.63
N LYS E 348 11.39 -77.80 -1.03
CA LYS E 348 12.28 -76.89 -0.31
C LYS E 348 13.00 -75.90 -1.23
N PHE E 349 12.47 -75.73 -2.43
CA PHE E 349 13.03 -74.83 -3.44
C PHE E 349 12.15 -73.63 -3.76
N ARG E 350 10.86 -73.77 -3.45
CA ARG E 350 9.91 -72.69 -3.68
C ARG E 350 10.19 -71.59 -2.65
N LYS E 351 11.05 -71.92 -1.70
CA LYS E 351 11.44 -70.98 -0.65
C LYS E 351 12.86 -70.42 -0.93
N ASN E 352 12.92 -69.11 -1.22
CA ASN E 352 14.16 -68.43 -1.51
C ASN E 352 15.08 -68.61 -0.33
N LYS E 353 14.47 -68.74 0.84
CA LYS E 353 15.21 -68.93 2.08
C LYS E 353 16.30 -69.99 1.86
N ILE E 354 15.98 -71.03 1.07
CA ILE E 354 16.90 -72.13 0.76
C ILE E 354 17.66 -71.91 -0.55
N SER E 355 16.94 -71.62 -1.61
CA SER E 355 17.59 -71.40 -2.90
C SER E 355 18.77 -70.41 -2.81
N ARG E 356 18.55 -69.30 -2.12
CA ARG E 356 19.57 -68.26 -1.99
C ARG E 356 20.84 -68.78 -1.32
N ILE E 357 20.71 -69.89 -0.63
CA ILE E 357 21.82 -70.51 0.08
C ILE E 357 22.70 -71.28 -0.88
N LEU E 358 22.07 -72.19 -1.63
CA LEU E 358 22.77 -73.00 -2.63
C LEU E 358 23.25 -72.13 -3.80
N ASP E 359 22.35 -71.31 -4.32
CA ASP E 359 22.66 -70.38 -5.42
C ASP E 359 23.88 -69.56 -5.03
N GLY E 360 23.88 -69.09 -3.79
CA GLY E 360 24.99 -68.29 -3.33
C GLY E 360 26.28 -69.08 -3.31
N ILE E 361 26.22 -70.40 -3.08
CA ILE E 361 27.46 -71.19 -3.03
C ILE E 361 28.00 -71.39 -4.43
N ASN E 362 27.10 -71.76 -5.32
CA ASN E 362 27.48 -72.00 -6.69
C ASN E 362 28.15 -70.75 -7.29
N ASN E 363 27.52 -69.60 -7.12
CA ASN E 363 28.08 -68.36 -7.64
C ASN E 363 29.32 -67.95 -6.86
N ASP E 364 29.47 -68.47 -5.64
CA ASP E 364 30.62 -68.13 -4.81
C ASP E 364 31.81 -68.97 -5.19
N THR E 365 31.57 -70.25 -5.41
CA THR E 365 32.64 -71.14 -5.79
C THR E 365 33.24 -70.64 -7.10
N ARG E 366 32.38 -70.31 -8.05
CA ARG E 366 32.80 -69.80 -9.37
C ARG E 366 33.72 -68.58 -9.25
N ARG E 367 33.21 -67.52 -8.61
CA ARG E 367 33.98 -66.30 -8.42
C ARG E 367 35.30 -66.68 -7.75
N ASN E 368 35.21 -67.20 -6.52
CA ASN E 368 36.39 -67.62 -5.74
C ASN E 368 37.54 -68.21 -6.54
N ILE E 369 37.29 -69.36 -7.15
CA ILE E 369 38.32 -70.01 -7.93
C ILE E 369 38.90 -69.09 -8.99
N LEU E 370 38.02 -68.51 -9.81
CA LEU E 370 38.46 -67.62 -10.87
C LEU E 370 39.44 -66.59 -10.35
N ASP E 371 39.12 -65.98 -9.20
CA ASP E 371 40.00 -64.98 -8.61
C ASP E 371 41.37 -65.59 -8.34
N ALA E 372 41.38 -66.73 -7.68
CA ALA E 372 42.63 -67.40 -7.36
C ALA E 372 43.40 -67.69 -8.65
N ILE E 373 42.69 -68.11 -9.69
CA ILE E 373 43.33 -68.41 -10.97
C ILE E 373 44.05 -67.17 -11.49
N LYS E 374 43.28 -66.13 -11.76
CA LYS E 374 43.81 -64.87 -12.29
C LYS E 374 44.63 -64.08 -11.30
N GLU E 375 44.84 -64.63 -10.12
CA GLU E 375 45.64 -63.93 -9.12
C GLU E 375 46.98 -64.65 -9.05
N ARG E 376 46.92 -65.97 -9.15
CA ARG E 376 48.13 -66.77 -9.13
C ARG E 376 48.87 -66.52 -10.42
N LYS E 377 48.14 -66.10 -11.46
CA LYS E 377 48.72 -65.82 -12.76
C LYS E 377 49.49 -64.50 -12.73
N ASP E 378 49.04 -63.58 -11.89
CA ASP E 378 49.67 -62.25 -11.74
C ASP E 378 50.97 -62.34 -10.96
N ALA E 379 51.20 -63.48 -10.32
CA ALA E 379 52.42 -63.67 -9.58
C ALA E 379 53.31 -64.61 -10.39
N ASN E 380 52.82 -64.97 -11.58
CA ASN E 380 53.53 -65.87 -12.49
C ASN E 380 53.67 -67.28 -11.90
N THR E 381 52.64 -67.70 -11.16
CA THR E 381 52.63 -69.02 -10.53
C THR E 381 51.32 -69.74 -10.86
N ASP E 382 50.86 -69.55 -12.10
CA ASP E 382 49.62 -70.15 -12.58
C ASP E 382 49.32 -71.51 -11.95
N ILE E 383 48.10 -71.66 -11.47
CA ILE E 383 47.64 -72.91 -10.85
C ILE E 383 47.65 -74.03 -11.89
N PRO E 384 48.57 -75.00 -11.77
CA PRO E 384 48.68 -76.12 -12.70
C PRO E 384 47.42 -77.00 -12.79
N ALA E 385 47.19 -77.59 -13.96
CA ALA E 385 46.03 -78.45 -14.16
C ALA E 385 46.38 -79.90 -13.83
N ASP E 386 47.07 -80.09 -12.70
CA ASP E 386 47.46 -81.43 -12.25
C ASP E 386 46.85 -81.74 -10.88
N GLU E 387 47.48 -82.65 -10.13
CA GLU E 387 46.98 -83.02 -8.81
C GLU E 387 47.26 -81.90 -7.79
N ASN E 388 48.39 -81.20 -7.93
CA ASN E 388 48.72 -80.13 -7.00
C ASN E 388 47.74 -78.97 -7.14
N GLY E 389 47.30 -78.73 -8.36
CA GLY E 389 46.36 -77.66 -8.58
C GLY E 389 45.05 -78.00 -7.90
N VAL E 390 44.57 -79.23 -8.13
CA VAL E 390 43.32 -79.72 -7.54
C VAL E 390 43.33 -79.61 -6.02
N GLN E 391 44.35 -80.20 -5.40
CA GLN E 391 44.49 -80.16 -3.96
C GLN E 391 44.44 -78.73 -3.44
N PHE E 392 45.15 -77.83 -4.11
CA PHE E 392 45.16 -76.44 -3.70
C PHE E 392 43.74 -75.91 -3.62
N ILE E 393 43.04 -75.94 -4.74
CA ILE E 393 41.67 -75.48 -4.82
C ILE E 393 40.77 -76.16 -3.78
N LEU E 394 40.88 -77.48 -3.69
CA LEU E 394 40.08 -78.25 -2.72
C LEU E 394 40.28 -77.67 -1.32
N SER E 395 41.55 -77.51 -0.93
CA SER E 395 41.89 -76.97 0.38
C SER E 395 41.27 -75.58 0.58
N GLN E 397 38.46 -74.17 -1.14
CA GLN E 397 37.01 -74.25 -1.04
C GLN E 397 36.62 -74.79 0.33
N THR E 398 37.42 -75.75 0.82
CA THR E 398 37.13 -76.35 2.11
C THR E 398 37.09 -75.27 3.20
N ALA E 399 38.10 -74.41 3.23
CA ALA E 399 38.12 -73.34 4.21
C ALA E 399 36.81 -72.56 4.10
N TYR E 400 36.41 -72.25 2.88
CA TYR E 400 35.18 -71.51 2.63
C TYR E 400 34.00 -72.28 3.24
N LEU E 401 33.84 -73.53 2.83
CA LEU E 401 32.77 -74.37 3.32
C LEU E 401 32.70 -74.42 4.84
N ASN E 402 33.84 -74.66 5.49
CA ASN E 402 33.85 -74.73 6.94
C ASN E 402 33.39 -73.41 7.54
N GLU E 403 33.84 -72.32 6.95
CA GLU E 403 33.46 -71.00 7.44
C GLU E 403 31.95 -70.88 7.46
N LEU E 404 31.28 -71.31 6.38
CA LEU E 404 29.83 -71.22 6.33
C LEU E 404 29.19 -72.06 7.41
N GLN E 405 29.86 -73.12 7.83
CA GLN E 405 29.28 -73.97 8.86
C GLN E 405 29.40 -73.27 10.20
N ASP E 406 30.57 -72.69 10.46
CA ASP E 406 30.82 -71.97 11.71
C ASP E 406 29.88 -70.78 11.87
N SER E 407 29.64 -70.06 10.77
CA SER E 407 28.76 -68.91 10.83
C SER E 407 27.32 -69.39 10.95
N GLY E 408 27.11 -70.69 10.88
CA GLY E 408 25.76 -71.25 11.00
C GLY E 408 24.87 -71.18 9.78
N ALA E 409 25.49 -71.23 8.61
CA ALA E 409 24.74 -71.17 7.35
C ALA E 409 24.41 -72.58 6.87
N ILE E 410 25.36 -73.50 7.08
CA ILE E 410 25.17 -74.89 6.68
C ILE E 410 25.63 -75.78 7.81
N THR E 411 25.04 -76.97 7.90
CA THR E 411 25.39 -77.94 8.94
C THR E 411 25.73 -79.30 8.36
N ASN E 412 26.27 -80.17 9.22
CA ASN E 412 26.63 -81.53 8.84
C ASN E 412 27.57 -81.59 7.64
N PHE E 413 28.58 -80.72 7.64
CA PHE E 413 29.53 -80.70 6.54
C PHE E 413 30.74 -81.58 6.87
N ASP E 414 30.91 -82.67 6.12
CA ASP E 414 32.03 -83.58 6.33
C ASP E 414 33.13 -83.34 5.31
N SER E 415 34.20 -82.69 5.75
CA SER E 415 35.34 -82.38 4.90
C SER E 415 35.78 -83.59 4.08
N THR E 416 35.30 -84.77 4.47
CA THR E 416 35.64 -86.00 3.79
C THR E 416 34.79 -86.29 2.55
N ALA E 417 33.61 -86.85 2.75
CA ALA E 417 32.75 -87.18 1.62
C ALA E 417 31.63 -86.17 1.37
N ASP E 418 32.02 -84.93 1.12
CA ASP E 418 31.05 -83.88 0.88
C ASP E 418 31.60 -82.87 -0.12
N ILE E 419 32.91 -82.93 -0.34
CA ILE E 419 33.58 -82.00 -1.26
C ILE E 419 34.68 -82.73 -2.02
N THR E 420 34.65 -82.65 -3.36
CA THR E 420 35.67 -83.31 -4.18
C THR E 420 36.04 -82.44 -5.38
N VAL E 421 37.32 -82.46 -5.75
CA VAL E 421 37.76 -81.66 -6.89
C VAL E 421 38.58 -82.52 -7.88
N SER E 422 38.37 -82.28 -9.16
CA SER E 422 39.06 -83.06 -10.18
C SER E 422 39.38 -82.27 -11.46
N LEU E 423 39.91 -82.97 -12.46
CA LEU E 423 40.25 -82.32 -13.72
C LEU E 423 39.12 -82.38 -14.75
N ASN E 424 39.08 -81.31 -15.55
CA ASN E 424 38.07 -81.13 -16.60
C ASN E 424 38.04 -82.16 -17.73
N ASN E 425 38.67 -83.33 -17.53
CA ASN E 425 38.73 -84.38 -18.57
C ASN E 425 39.57 -83.94 -19.76
N ASN E 426 39.71 -82.62 -19.88
CA ASN E 426 40.50 -82.00 -20.95
C ASN E 426 41.64 -81.34 -20.20
N VAL E 427 41.76 -81.68 -18.92
CA VAL E 427 42.80 -81.15 -18.04
C VAL E 427 43.10 -79.67 -18.31
N ASP E 428 42.04 -78.89 -18.53
CA ASP E 428 42.14 -77.45 -18.80
C ASP E 428 41.21 -76.68 -17.85
N GLY E 429 40.66 -77.39 -16.87
CA GLY E 429 39.77 -76.78 -15.91
C GLY E 429 39.51 -77.67 -14.71
N PHE E 430 38.89 -77.10 -13.69
CA PHE E 430 38.58 -77.85 -12.49
C PHE E 430 37.10 -78.06 -12.31
N ILE E 431 36.75 -79.25 -11.82
CA ILE E 431 35.36 -79.58 -11.57
C ILE E 431 35.26 -79.73 -10.05
N VAL E 432 34.29 -79.03 -9.47
CA VAL E 432 34.08 -79.09 -8.03
C VAL E 432 32.69 -79.59 -7.69
N ASN E 433 32.64 -80.76 -7.09
CA ASN E 433 31.39 -81.37 -6.68
C ASN E 433 31.28 -81.25 -5.16
N GLN E 434 30.09 -80.91 -4.69
CA GLN E 434 29.87 -80.74 -3.26
C GLN E 434 28.42 -80.95 -2.85
N SER E 435 28.23 -81.56 -1.70
CA SER E 435 26.90 -81.81 -1.15
C SER E 435 26.75 -80.99 0.11
N ILE E 436 26.02 -79.89 0.00
CA ILE E 436 25.82 -79.01 1.14
C ILE E 436 24.42 -79.15 1.69
N GLU E 437 24.27 -78.81 2.98
CA GLU E 437 22.96 -78.88 3.63
C GLU E 437 22.65 -77.57 4.36
N PRO E 438 21.67 -76.80 3.84
CA PRO E 438 21.26 -75.52 4.42
C PRO E 438 20.67 -75.75 5.81
N VAL E 439 21.07 -74.93 6.77
CA VAL E 439 20.60 -75.04 8.14
C VAL E 439 19.33 -75.86 8.39
N ASP E 440 18.20 -75.20 8.31
CA ASP E 440 16.94 -75.87 8.57
C ASP E 440 16.33 -76.55 7.35
N SER E 441 16.77 -77.77 7.07
CA SER E 441 16.26 -78.53 5.93
C SER E 441 16.96 -79.86 5.92
N GLY E 442 16.32 -80.88 6.48
CA GLY E 442 16.93 -82.19 6.52
C GLY E 442 17.15 -82.78 5.14
N GLU E 443 18.14 -82.25 4.42
CA GLU E 443 18.46 -82.76 3.10
C GLU E 443 19.72 -82.12 2.54
N LYS E 444 20.67 -82.97 2.14
CA LYS E 444 21.91 -82.50 1.57
C LYS E 444 21.66 -82.40 0.06
N PHE E 445 22.07 -81.28 -0.53
CA PHE E 445 21.88 -81.10 -1.96
C PHE E 445 23.19 -81.27 -2.70
N TYR E 446 23.13 -81.87 -3.88
CA TYR E 446 24.32 -82.09 -4.69
C TYR E 446 24.50 -80.96 -5.70
N PHE E 447 25.68 -80.37 -5.68
CA PHE E 447 26.01 -79.27 -6.56
C PHE E 447 27.38 -79.49 -7.19
N THR E 448 27.47 -79.26 -8.50
CA THR E 448 28.73 -79.43 -9.21
C THR E 448 29.00 -78.23 -10.09
N THR E 449 30.10 -77.54 -9.81
CA THR E 449 30.48 -76.35 -10.58
C THR E 449 31.80 -76.58 -11.31
N GLU E 450 31.85 -76.17 -12.58
CA GLU E 450 33.07 -76.32 -13.36
C GLU E 450 33.64 -74.93 -13.65
N VAL E 451 34.91 -74.75 -13.31
CA VAL E 451 35.58 -73.46 -13.50
C VAL E 451 36.81 -73.71 -14.34
N THR F 20 -30.22 -17.03 -39.47
CA THR F 20 -29.21 -17.80 -40.18
C THR F 20 -28.09 -18.15 -39.21
N ASN F 21 -27.91 -17.31 -38.19
CA ASN F 21 -26.87 -17.56 -37.20
C ASN F 21 -27.29 -18.65 -36.23
N PHE F 22 -28.61 -18.80 -36.03
CA PHE F 22 -29.14 -19.85 -35.16
C PHE F 22 -29.02 -21.18 -35.90
N LYS F 23 -29.57 -21.23 -37.10
CA LYS F 23 -29.50 -22.42 -37.91
C LYS F 23 -28.05 -22.73 -38.25
N ALA F 24 -27.20 -21.73 -38.38
CA ALA F 24 -25.81 -22.00 -38.70
C ALA F 24 -25.24 -22.98 -37.68
N ALA F 25 -25.46 -22.71 -36.39
CA ALA F 25 -24.96 -23.59 -35.33
C ALA F 25 -25.38 -25.06 -35.54
N ALA F 26 -26.65 -25.30 -35.86
CA ALA F 26 -27.18 -26.64 -36.09
C ALA F 26 -26.53 -27.30 -37.31
N ALA F 27 -25.87 -26.49 -38.12
CA ALA F 27 -25.19 -26.97 -39.32
C ALA F 27 -23.79 -27.41 -38.90
N GLU F 28 -23.16 -26.57 -38.08
CA GLU F 28 -21.81 -26.83 -37.58
C GLU F 28 -21.83 -28.12 -36.74
N ARG F 29 -23.01 -28.46 -36.22
CA ARG F 29 -23.18 -29.64 -35.38
C ARG F 29 -23.22 -30.93 -36.19
N THR F 30 -23.73 -30.86 -37.41
CA THR F 30 -23.81 -32.07 -38.24
C THR F 30 -23.00 -31.99 -39.52
N LYS F 31 -22.28 -30.90 -39.72
CA LYS F 31 -21.48 -30.72 -40.92
C LYS F 31 -20.37 -31.76 -41.01
N ALA F 32 -20.30 -32.45 -42.14
CA ALA F 32 -19.28 -33.46 -42.32
C ALA F 32 -17.92 -32.82 -42.58
N GLY F 33 -16.88 -33.52 -42.16
CA GLY F 33 -15.52 -33.03 -42.36
C GLY F 33 -14.71 -32.88 -41.08
N GLU F 34 -13.57 -32.19 -41.18
CA GLU F 34 -12.70 -31.97 -40.03
C GLU F 34 -13.42 -31.13 -38.99
N ARG F 35 -13.17 -31.46 -37.73
CA ARG F 35 -13.77 -30.78 -36.58
C ARG F 35 -13.13 -31.12 -35.26
N GLY F 36 -13.52 -30.38 -34.23
CA GLY F 36 -13.00 -30.65 -32.91
C GLY F 36 -11.81 -29.83 -32.49
N THR F 37 -11.85 -29.40 -31.23
CA THR F 37 -10.78 -28.63 -30.64
C THR F 37 -10.60 -29.05 -29.19
N VAL F 38 -9.42 -29.59 -28.85
CA VAL F 38 -9.14 -30.05 -27.50
C VAL F 38 -8.06 -29.26 -26.75
N ALA F 39 -8.26 -29.14 -25.43
CA ALA F 39 -7.34 -28.44 -24.51
C ALA F 39 -6.43 -29.51 -23.97
N LEU F 40 -5.15 -29.38 -24.29
CA LEU F 40 -4.16 -30.35 -23.88
C LEU F 40 -3.05 -29.65 -23.18
N PRO F 41 -2.70 -30.14 -21.97
CA PRO F 41 -1.65 -29.63 -21.10
C PRO F 41 -0.33 -30.31 -21.29
N LEU F 42 0.59 -29.54 -21.88
CA LEU F 42 1.94 -29.97 -22.18
C LEU F 42 2.98 -29.16 -21.49
N ALA F 43 4.21 -29.53 -21.74
CA ALA F 43 5.35 -28.84 -21.18
C ALA F 43 6.18 -28.42 -22.36
N ALA F 44 6.42 -27.12 -22.50
CA ALA F 44 7.23 -26.59 -23.62
C ALA F 44 8.46 -25.79 -23.20
N SER F 45 9.44 -25.79 -24.08
CA SER F 45 10.68 -25.07 -23.82
C SER F 45 10.56 -23.62 -24.27
N TRP F 46 9.35 -23.16 -24.55
CA TRP F 46 9.18 -21.82 -25.06
C TRP F 46 7.70 -21.45 -25.04
N GLY F 47 7.34 -20.21 -24.78
CA GLY F 47 5.94 -19.89 -24.82
C GLY F 47 5.48 -18.96 -23.74
N ALA F 48 4.26 -18.46 -23.92
CA ALA F 48 3.65 -17.54 -23.00
C ALA F 48 3.75 -17.96 -21.52
N ALA F 49 3.70 -19.26 -21.24
CA ALA F 49 3.78 -19.69 -19.85
C ALA F 49 2.53 -19.30 -19.07
N LYS F 50 1.81 -20.31 -18.59
CA LYS F 50 0.57 -20.09 -17.87
C LYS F 50 -0.51 -19.58 -18.84
N GLU F 51 -0.29 -19.77 -20.14
CA GLU F 51 -1.25 -19.34 -21.14
C GLU F 51 -1.40 -20.34 -22.25
N PHE F 52 -2.53 -20.28 -22.94
CA PHE F 52 -2.83 -21.18 -24.03
C PHE F 52 -2.23 -20.78 -25.37
N VAL F 53 -2.17 -21.71 -26.29
CA VAL F 53 -1.64 -21.45 -27.62
C VAL F 53 -2.49 -22.27 -28.59
N GLU F 54 -3.08 -21.60 -29.58
CA GLU F 54 -3.93 -22.28 -30.52
C GLU F 54 -3.15 -22.77 -31.70
N ILE F 55 -3.27 -24.05 -32.01
CA ILE F 55 -2.55 -24.56 -33.16
C ILE F 55 -3.49 -25.41 -34.03
N ASN F 56 -3.44 -25.16 -35.35
CA ASN F 56 -4.28 -25.85 -36.33
C ASN F 56 -3.42 -26.42 -37.45
N LYS F 57 -2.27 -25.79 -37.69
CA LYS F 57 -1.36 -26.23 -38.74
C LYS F 57 -0.02 -26.54 -38.10
N GLU F 58 0.70 -27.49 -38.67
CA GLU F 58 2.01 -27.85 -38.17
C GLU F 58 2.90 -26.63 -37.95
N GLU F 59 2.88 -25.70 -38.91
CA GLU F 59 3.69 -24.50 -38.82
C GLU F 59 3.44 -23.76 -37.51
N ASP F 60 2.19 -23.75 -37.07
CA ASP F 60 1.84 -23.06 -35.85
C ASP F 60 2.69 -23.53 -34.69
N VAL F 61 2.89 -24.84 -34.61
CA VAL F 61 3.68 -25.43 -33.54
C VAL F 61 5.04 -24.77 -33.41
N GLU F 62 5.83 -24.83 -34.47
CA GLU F 62 7.17 -24.26 -34.45
C GLU F 62 7.19 -22.74 -34.26
N LYS F 63 6.29 -22.04 -34.93
CA LYS F 63 6.26 -20.58 -34.82
C LYS F 63 5.85 -20.07 -33.43
N LYS F 64 5.02 -20.85 -32.74
CA LYS F 64 4.52 -20.46 -31.44
C LYS F 64 5.24 -21.12 -30.28
N LEU F 65 5.83 -22.28 -30.53
CA LEU F 65 6.52 -22.99 -29.46
C LEU F 65 8.01 -23.24 -29.71
N GLY F 66 8.53 -22.71 -30.80
CA GLY F 66 9.94 -22.84 -31.10
C GLY F 66 10.50 -24.15 -31.60
N LEU F 67 9.69 -25.20 -31.59
CA LEU F 67 10.21 -26.49 -32.04
C LEU F 67 9.34 -27.06 -33.14
N SER F 68 9.85 -28.11 -33.79
CA SER F 68 9.09 -28.76 -34.86
C SER F 68 8.05 -29.69 -34.27
N LEU F 69 6.90 -29.81 -34.94
CA LEU F 69 5.85 -30.68 -34.46
C LEU F 69 6.34 -32.11 -34.37
N ALA F 70 7.43 -32.40 -35.07
CA ALA F 70 7.99 -33.75 -35.08
C ALA F 70 8.87 -34.01 -33.85
N HIS F 71 9.16 -32.95 -33.10
CA HIS F 71 10.00 -33.03 -31.90
C HIS F 71 9.35 -34.00 -30.91
N GLN F 72 10.16 -34.50 -29.98
CA GLN F 72 9.69 -35.45 -28.98
C GLN F 72 8.83 -34.77 -27.92
N SER F 73 8.95 -33.46 -27.81
CA SER F 73 8.19 -32.71 -26.82
C SER F 73 6.71 -32.72 -27.14
N PHE F 74 6.37 -32.91 -28.40
CA PHE F 74 4.98 -32.88 -28.81
C PHE F 74 4.36 -34.21 -29.11
N LEU F 75 4.81 -35.24 -28.44
CA LEU F 75 4.26 -36.56 -28.67
C LEU F 75 2.74 -36.51 -28.51
N LEU F 76 2.29 -36.17 -27.31
CA LEU F 76 0.87 -36.13 -27.06
C LEU F 76 0.13 -35.22 -28.04
N LEU F 77 0.72 -34.06 -28.33
CA LEU F 77 0.12 -33.12 -29.27
C LEU F 77 -0.22 -33.78 -30.60
N ARG F 78 0.75 -34.48 -31.18
CA ARG F 78 0.52 -35.16 -32.44
C ARG F 78 -0.62 -36.15 -32.35
N GLU F 79 -0.65 -36.91 -31.26
CA GLU F 79 -1.71 -37.91 -31.09
C GLU F 79 -3.08 -37.26 -30.99
N THR F 80 -3.13 -36.04 -30.46
CA THR F 80 -4.41 -35.37 -30.35
C THR F 80 -4.84 -34.95 -31.73
N LEU F 81 -3.90 -34.34 -32.45
CA LEU F 81 -4.10 -33.83 -33.79
C LEU F 81 -4.48 -34.92 -34.77
N LYS F 82 -4.32 -36.18 -34.39
CA LYS F 82 -4.69 -37.26 -35.30
C LYS F 82 -6.15 -37.21 -35.69
N LEU F 83 -7.01 -36.65 -34.86
CA LEU F 83 -8.42 -36.55 -35.20
C LEU F 83 -8.98 -35.17 -34.88
N ALA F 84 -8.32 -34.44 -34.00
CA ALA F 84 -8.81 -33.10 -33.63
C ALA F 84 -8.37 -32.05 -34.65
N LYS F 85 -9.28 -31.13 -34.97
CA LYS F 85 -8.98 -30.08 -35.93
C LYS F 85 -8.10 -29.04 -35.30
N THR F 86 -8.44 -28.69 -34.06
CA THR F 86 -7.69 -27.67 -33.35
C THR F 86 -7.29 -28.16 -31.98
N VAL F 87 -6.10 -27.76 -31.53
CA VAL F 87 -5.64 -28.13 -30.21
C VAL F 87 -5.15 -26.90 -29.48
N LEU F 88 -5.72 -26.66 -28.29
CA LEU F 88 -5.36 -25.51 -27.49
C LEU F 88 -4.36 -26.01 -26.47
N VAL F 89 -3.09 -25.94 -26.82
CA VAL F 89 -2.01 -26.38 -25.92
C VAL F 89 -1.68 -25.32 -24.87
N TYR F 90 -1.68 -25.77 -23.61
CA TYR F 90 -1.40 -24.90 -22.45
C TYR F 90 -0.03 -25.20 -21.90
N ARG F 91 0.83 -24.18 -21.82
CA ARG F 91 2.17 -24.40 -21.29
C ARG F 91 2.13 -24.55 -19.78
N LEU F 92 2.34 -25.77 -19.31
CA LEU F 92 2.33 -26.04 -17.89
C LEU F 92 3.48 -25.36 -17.17
N ASN F 93 4.69 -25.55 -17.68
CA ASN F 93 5.90 -25.00 -17.07
C ASN F 93 6.26 -23.59 -17.47
N ASP F 94 7.54 -23.28 -17.26
CA ASP F 94 8.13 -21.99 -17.57
C ASP F 94 9.65 -22.19 -17.42
N GLY F 95 10.43 -21.10 -17.41
CA GLY F 95 11.87 -21.26 -17.26
C GLY F 95 12.66 -19.97 -17.34
N ILE F 96 13.95 -20.08 -17.08
CA ILE F 96 14.83 -18.92 -17.14
C ILE F 96 14.93 -18.37 -18.57
N LYS F 97 14.99 -17.06 -18.72
CA LYS F 97 15.09 -16.48 -20.06
C LYS F 97 16.54 -16.30 -20.47
N ALA F 98 16.91 -16.83 -21.64
CA ALA F 98 18.27 -16.71 -22.13
C ALA F 98 18.66 -15.24 -22.29
N THR F 99 19.90 -14.90 -21.97
CA THR F 99 20.36 -13.52 -22.05
C THR F 99 21.71 -13.44 -22.74
N ALA F 100 22.20 -12.21 -22.86
CA ALA F 100 23.48 -11.92 -23.47
C ALA F 100 23.61 -10.40 -23.62
N THR F 101 24.85 -9.91 -23.61
CA THR F 101 25.10 -8.47 -23.75
C THR F 101 25.67 -8.19 -25.12
N LEU F 102 24.92 -7.46 -25.93
CA LEU F 102 25.34 -7.15 -27.28
C LEU F 102 26.30 -5.95 -27.32
N ALA F 103 27.23 -5.98 -28.28
CA ALA F 103 28.22 -4.93 -28.49
C ALA F 103 28.62 -4.21 -27.19
N THR F 104 27.99 -3.08 -26.94
CA THR F 104 28.28 -2.31 -25.74
C THR F 104 27.04 -2.03 -24.92
N ASP F 105 26.93 -2.71 -23.78
CA ASP F 105 25.80 -2.55 -22.87
C ASP F 105 24.45 -2.52 -23.57
N VAL F 106 24.12 -3.62 -24.22
CA VAL F 106 22.85 -3.76 -24.93
C VAL F 106 22.25 -5.10 -24.53
N VAL F 107 21.76 -5.18 -23.30
CA VAL F 107 21.18 -6.40 -22.77
C VAL F 107 20.07 -6.96 -23.67
N VAL F 108 20.32 -8.13 -24.24
CA VAL F 108 19.34 -8.78 -25.10
C VAL F 108 18.86 -10.04 -24.40
N THR F 109 17.58 -10.03 -24.04
CA THR F 109 17.00 -11.20 -23.37
C THR F 109 15.93 -11.85 -24.24
N ALA F 110 15.81 -13.18 -24.15
CA ALA F 110 14.82 -13.89 -24.93
C ALA F 110 13.46 -13.42 -24.48
N LYS F 111 12.46 -13.52 -25.34
CA LYS F 111 11.11 -13.09 -24.99
C LYS F 111 10.49 -13.99 -23.91
N TYR F 112 10.48 -15.29 -24.15
CA TYR F 112 9.93 -16.25 -23.20
C TYR F 112 11.04 -17.03 -22.49
N GLY F 113 10.65 -17.84 -21.51
CA GLY F 113 11.63 -18.61 -20.79
C GLY F 113 11.73 -20.02 -21.31
N GLY F 114 12.94 -20.57 -21.36
CA GLY F 114 13.11 -21.93 -21.85
C GLY F 114 14.36 -22.12 -22.68
N ILE F 115 14.80 -23.37 -22.82
CA ILE F 115 16.00 -23.69 -23.58
C ILE F 115 15.94 -23.29 -25.03
N VAL F 116 14.77 -22.89 -25.50
CA VAL F 116 14.68 -22.50 -26.89
C VAL F 116 15.42 -21.18 -27.05
N GLY F 117 15.49 -20.40 -25.98
CA GLY F 117 16.18 -19.12 -26.06
C GLY F 117 17.66 -19.29 -26.32
N ASN F 118 18.21 -20.46 -26.00
CA ASN F 118 19.64 -20.71 -26.21
C ASN F 118 20.00 -20.96 -27.65
N SER F 119 19.00 -20.96 -28.53
CA SER F 119 19.23 -21.18 -29.95
C SER F 119 19.16 -19.83 -30.67
N ILE F 120 18.87 -18.79 -29.89
CA ILE F 120 18.76 -17.43 -30.40
C ILE F 120 20.13 -16.81 -30.45
N THR F 121 20.39 -16.08 -31.52
CA THR F 121 21.68 -15.43 -31.69
C THR F 121 21.58 -14.17 -32.56
N ILE F 122 22.02 -13.03 -32.00
CA ILE F 122 21.98 -11.76 -32.72
C ILE F 122 23.31 -11.39 -33.37
N LYS F 123 23.24 -11.07 -34.65
CA LYS F 123 24.41 -10.70 -35.42
C LYS F 123 24.20 -9.30 -35.98
N VAL F 124 24.95 -8.33 -35.46
CA VAL F 124 24.84 -6.95 -35.90
C VAL F 124 25.96 -6.53 -36.84
N ASP F 125 25.60 -6.12 -38.05
CA ASP F 125 26.55 -5.68 -39.07
C ASP F 125 26.29 -4.22 -39.43
N GLU F 126 27.01 -3.71 -40.43
CA GLU F 126 26.81 -2.33 -40.84
C GLU F 126 25.91 -2.30 -42.07
N ASN F 127 25.06 -1.28 -42.16
CA ASN F 127 24.14 -1.16 -43.27
C ASN F 127 24.88 -0.76 -44.55
N VAL F 128 24.59 -1.48 -45.63
CA VAL F 128 25.22 -1.24 -46.93
C VAL F 128 24.56 -0.09 -47.70
N VAL F 129 23.26 0.09 -47.48
CA VAL F 129 22.49 1.15 -48.14
C VAL F 129 22.49 2.43 -47.30
N ASP F 130 23.38 2.49 -46.31
CA ASP F 130 23.48 3.65 -45.43
C ASP F 130 24.47 3.31 -44.32
N SER F 131 25.76 3.56 -44.59
CA SER F 131 26.82 3.27 -43.65
C SER F 131 26.59 3.82 -42.21
N SER F 132 25.62 4.72 -42.05
CA SER F 132 25.35 5.29 -40.72
C SER F 132 24.48 4.36 -39.86
N LYS F 133 23.86 3.38 -40.49
CA LYS F 133 23.00 2.43 -39.80
C LYS F 133 23.62 1.03 -39.69
N LYS F 134 23.02 0.21 -38.85
CA LYS F 134 23.48 -1.15 -38.63
C LYS F 134 22.40 -2.17 -39.01
N ASP F 135 22.84 -3.38 -39.32
CA ASP F 135 21.93 -4.47 -39.69
C ASP F 135 21.83 -5.49 -38.55
N VAL F 136 20.98 -5.20 -37.56
CA VAL F 136 20.78 -6.10 -36.43
C VAL F 136 19.78 -7.19 -36.79
N THR F 137 20.25 -8.42 -36.89
CA THR F 137 19.36 -9.52 -37.23
C THR F 137 19.37 -10.58 -36.13
N THR F 138 18.24 -11.25 -35.96
CA THR F 138 18.11 -12.28 -34.96
C THR F 138 17.92 -13.64 -35.61
N TYR F 139 18.65 -14.64 -35.13
CA TYR F 139 18.54 -15.98 -35.68
C TYR F 139 18.00 -16.98 -34.67
N LEU F 140 17.38 -18.03 -35.18
CA LEU F 140 16.85 -19.08 -34.33
C LEU F 140 17.22 -20.39 -35.01
N ASN F 141 18.36 -20.94 -34.65
CA ASN F 141 18.81 -22.18 -35.26
C ASN F 141 19.36 -21.92 -36.63
N GLU F 142 20.17 -20.88 -36.74
CA GLU F 142 20.82 -20.53 -38.01
C GLU F 142 19.88 -20.00 -39.09
N VAL F 143 18.66 -19.64 -38.70
CA VAL F 143 17.70 -19.10 -39.64
C VAL F 143 17.14 -17.79 -39.12
N ALA F 144 17.29 -16.74 -39.92
CA ALA F 144 16.83 -15.41 -39.57
C ALA F 144 15.35 -15.40 -39.30
N VAL F 145 14.95 -14.61 -38.31
CA VAL F 145 13.54 -14.49 -37.92
C VAL F 145 13.16 -13.03 -37.64
N ASP F 146 14.13 -12.13 -37.66
CA ASP F 146 13.86 -10.73 -37.42
C ASP F 146 15.07 -9.89 -37.76
N LYS F 147 14.90 -8.96 -38.70
CA LYS F 147 16.00 -8.11 -39.08
C LYS F 147 15.56 -6.65 -38.98
N GLN F 148 16.35 -5.84 -38.27
CA GLN F 148 16.05 -4.43 -38.09
C GLN F 148 17.23 -3.56 -38.51
N VAL F 149 16.93 -2.57 -39.35
CA VAL F 149 17.95 -1.64 -39.83
C VAL F 149 17.78 -0.34 -39.06
N VAL F 150 18.50 -0.22 -37.94
CA VAL F 150 18.44 0.96 -37.08
C VAL F 150 19.78 1.69 -37.00
N GLY F 151 19.72 2.93 -36.51
CA GLY F 151 20.91 3.75 -36.37
C GLY F 151 21.37 3.76 -34.91
N THR F 152 20.42 3.88 -33.99
CA THR F 152 20.70 3.89 -32.56
C THR F 152 20.11 2.67 -31.83
N ALA F 153 20.64 2.37 -30.64
CA ALA F 153 20.18 1.24 -29.85
C ALA F 153 18.70 1.39 -29.52
N SER F 154 18.27 2.64 -29.36
CA SER F 154 16.88 2.93 -29.05
C SER F 154 15.93 2.52 -30.16
N GLU F 155 16.35 2.67 -31.41
CA GLU F 155 15.51 2.31 -32.56
C GLU F 155 15.16 0.81 -32.66
N LEU F 156 15.69 0.02 -31.72
CA LEU F 156 15.43 -1.42 -31.69
C LEU F 156 14.11 -1.71 -31.02
N ILE F 157 13.20 -2.29 -31.80
CA ILE F 157 11.87 -2.64 -31.31
C ILE F 157 11.83 -4.12 -30.96
N ASP F 158 11.35 -4.44 -29.76
CA ASP F 158 11.26 -5.82 -29.29
C ASP F 158 10.50 -6.71 -30.27
N SER F 159 10.96 -7.94 -30.42
CA SER F 159 10.31 -8.88 -31.33
C SER F 159 9.79 -10.09 -30.58
N ASN F 160 9.25 -11.05 -31.32
CA ASN F 160 8.72 -12.27 -30.74
C ASN F 160 9.84 -13.21 -30.38
N TYR F 161 11.05 -12.67 -30.32
CA TYR F 161 12.21 -13.48 -30.02
C TYR F 161 13.13 -12.81 -29.02
N VAL F 162 13.30 -11.50 -29.11
CA VAL F 162 14.18 -10.80 -28.19
C VAL F 162 13.61 -9.54 -27.55
N SER F 163 14.35 -9.02 -26.58
CA SER F 163 13.96 -7.82 -25.87
C SER F 163 15.21 -7.01 -25.56
N PHE F 164 15.37 -5.92 -26.29
CA PHE F 164 16.51 -5.08 -26.14
C PHE F 164 16.30 -4.09 -25.00
N LYS F 165 17.33 -3.91 -24.17
CA LYS F 165 17.29 -2.98 -23.03
C LYS F 165 18.31 -1.86 -23.23
N THR F 166 17.84 -0.73 -23.74
CA THR F 166 18.68 0.42 -24.00
C THR F 166 19.05 1.16 -22.71
N THR F 167 20.35 1.31 -22.47
CA THR F 167 20.85 1.99 -21.28
C THR F 167 21.58 3.29 -21.67
N SER F 168 22.26 3.90 -20.70
CA SER F 168 23.01 5.15 -20.93
C SER F 168 24.22 4.93 -21.83
N THR F 169 25.09 4.03 -21.39
CA THR F 169 26.32 3.69 -22.10
C THR F 169 26.05 2.81 -23.34
N SER F 170 24.86 2.92 -23.90
CA SER F 170 24.50 2.12 -25.07
C SER F 170 25.20 2.53 -26.35
N GLU F 171 25.98 1.61 -26.89
CA GLU F 171 26.72 1.83 -28.13
C GLU F 171 26.64 0.57 -28.97
N LEU F 172 26.00 0.67 -30.12
CA LEU F 172 25.85 -0.48 -30.99
C LEU F 172 27.10 -0.79 -31.82
N GLN F 173 27.96 -1.64 -31.28
CA GLN F 173 29.18 -2.05 -31.98
C GLN F 173 28.86 -3.27 -32.85
N GLN F 174 29.52 -3.35 -34.00
CA GLN F 174 29.31 -4.47 -34.90
C GLN F 174 29.75 -5.76 -34.23
N SER F 175 28.98 -6.84 -34.41
CA SER F 175 29.32 -8.13 -33.82
C SER F 175 29.19 -9.25 -34.86
N SER F 176 30.15 -10.16 -34.85
CA SER F 176 30.15 -11.28 -35.79
C SER F 176 29.01 -12.24 -35.45
N GLY F 177 28.62 -12.26 -34.18
CA GLY F 177 27.55 -13.15 -33.77
C GLY F 177 27.59 -13.56 -32.31
N THR F 178 26.88 -12.82 -31.48
CA THR F 178 26.84 -13.12 -30.06
C THR F 178 25.57 -13.89 -29.74
N THR F 179 25.70 -15.10 -29.19
CA THR F 179 24.52 -15.92 -28.85
C THR F 179 24.04 -15.85 -27.40
N LEU F 180 22.72 -15.96 -27.19
CA LEU F 180 22.14 -15.92 -25.84
C LEU F 180 22.38 -17.23 -25.09
N VAL F 181 22.35 -17.15 -23.78
CA VAL F 181 22.59 -18.32 -22.96
C VAL F 181 21.94 -18.21 -21.59
N GLY F 182 21.76 -19.34 -20.92
CA GLY F 182 21.17 -19.34 -19.60
C GLY F 182 19.73 -19.78 -19.63
N GLY F 183 19.28 -20.16 -20.82
CA GLY F 183 17.91 -20.62 -20.96
C GLY F 183 17.68 -21.98 -20.31
N THR F 184 16.60 -22.10 -19.55
CA THR F 184 16.29 -23.35 -18.88
C THR F 184 14.81 -23.46 -18.62
N ASP F 185 14.30 -24.69 -18.53
CA ASP F 185 12.89 -24.88 -18.21
C ASP F 185 12.73 -25.77 -16.99
N GLN F 186 12.02 -25.25 -15.99
CA GLN F 186 11.77 -25.97 -14.75
C GLN F 186 10.72 -27.03 -14.98
N PRO F 187 10.97 -28.24 -14.45
CA PRO F 187 10.06 -29.39 -14.57
C PRO F 187 8.62 -29.06 -14.16
N VAL F 188 7.69 -29.85 -14.69
CA VAL F 188 6.28 -29.64 -14.42
C VAL F 188 5.91 -30.03 -13.00
N THR F 189 5.32 -29.11 -12.27
CA THR F 189 4.90 -29.39 -10.91
C THR F 189 3.39 -29.65 -10.90
N ASN F 190 2.92 -30.48 -9.97
CA ASN F 190 1.50 -30.78 -9.89
C ASN F 190 0.69 -29.50 -9.73
N LEU F 191 1.32 -28.44 -9.25
CA LEU F 191 0.63 -27.18 -9.11
C LEU F 191 0.21 -26.65 -10.47
N ASP F 192 1.10 -26.82 -11.45
CA ASP F 192 0.89 -26.37 -12.83
C ASP F 192 -0.39 -26.94 -13.42
N TYR F 193 -0.68 -28.20 -13.15
CA TYR F 193 -1.90 -28.80 -13.66
C TYR F 193 -3.12 -28.15 -13.05
N THR F 194 -2.98 -27.61 -11.85
CA THR F 194 -4.12 -26.97 -11.25
C THR F 194 -4.35 -25.67 -11.99
N GLN F 195 -3.27 -24.91 -12.22
CA GLN F 195 -3.36 -23.65 -12.93
C GLN F 195 -3.96 -23.80 -14.34
N PHE F 196 -3.68 -24.96 -14.94
CA PHE F 196 -4.17 -25.31 -16.27
C PHE F 196 -5.71 -25.31 -16.22
N LEU F 197 -6.26 -25.98 -15.23
CA LEU F 197 -7.69 -26.05 -15.10
C LEU F 197 -8.30 -24.68 -14.87
N VAL F 198 -7.51 -23.79 -14.30
CA VAL F 198 -7.98 -22.43 -14.02
C VAL F 198 -8.04 -21.61 -15.29
N SER F 199 -7.00 -21.74 -16.10
CA SER F 199 -6.97 -21.01 -17.35
C SER F 199 -7.94 -21.65 -18.29
N ALA F 200 -8.22 -22.92 -18.07
CA ALA F 200 -9.15 -23.62 -18.95
C ALA F 200 -10.53 -22.98 -18.91
N GLU F 201 -10.84 -22.27 -17.84
CA GLU F 201 -12.15 -21.66 -17.73
C GLU F 201 -12.39 -20.58 -18.77
N GLY F 202 -11.33 -19.91 -19.16
CA GLY F 202 -11.49 -18.84 -20.14
C GLY F 202 -11.22 -19.23 -21.59
N GLU F 203 -11.43 -20.50 -21.91
CA GLU F 203 -11.19 -20.98 -23.25
C GLU F 203 -12.39 -21.74 -23.81
N TYR F 204 -12.58 -21.65 -25.12
CA TYR F 204 -13.69 -22.34 -25.75
C TYR F 204 -13.14 -23.58 -26.41
N PHE F 205 -13.44 -24.73 -25.83
CA PHE F 205 -12.99 -26.00 -26.38
C PHE F 205 -14.08 -27.04 -26.22
N ASP F 206 -13.99 -28.13 -26.96
CA ASP F 206 -15.01 -29.18 -26.87
C ASP F 206 -14.62 -30.21 -25.80
N THR F 207 -13.37 -30.62 -25.83
CA THR F 207 -12.89 -31.61 -24.91
C THR F 207 -11.61 -31.14 -24.25
N ILE F 208 -11.40 -31.59 -23.01
CA ILE F 208 -10.19 -31.24 -22.28
C ILE F 208 -9.53 -32.53 -21.82
N ALA F 209 -8.22 -32.63 -22.11
CA ALA F 209 -7.45 -33.82 -21.77
C ALA F 209 -6.65 -33.60 -20.51
N PHE F 210 -6.57 -34.64 -19.69
CA PHE F 210 -5.81 -34.54 -18.45
C PHE F 210 -4.88 -35.74 -18.43
N PRO F 211 -3.78 -35.66 -19.19
CA PRO F 211 -2.78 -36.72 -19.31
C PRO F 211 -1.91 -36.85 -18.08
N VAL F 212 -2.49 -36.64 -16.91
CA VAL F 212 -1.74 -36.73 -15.68
C VAL F 212 -1.39 -38.19 -15.34
N SER F 213 -0.20 -38.38 -14.80
CA SER F 213 0.30 -39.69 -14.41
C SER F 213 -0.67 -40.36 -13.43
N SER F 214 -0.82 -41.67 -13.54
CA SER F 214 -1.74 -42.40 -12.66
C SER F 214 -1.36 -42.34 -11.18
N SER F 215 -0.18 -41.79 -10.89
CA SER F 215 0.31 -41.64 -9.51
C SER F 215 -0.65 -40.81 -8.67
N ASP F 216 -0.50 -39.48 -8.76
CA ASP F 216 -1.34 -38.58 -7.98
C ASP F 216 -2.84 -38.69 -8.23
N VAL F 217 -3.55 -39.24 -7.25
CA VAL F 217 -5.00 -39.42 -7.33
C VAL F 217 -5.72 -38.12 -7.06
N ALA F 218 -5.17 -37.32 -6.17
CA ALA F 218 -5.77 -36.04 -5.82
C ALA F 218 -6.05 -35.21 -7.07
N LEU F 219 -5.04 -35.03 -7.91
CA LEU F 219 -5.18 -34.27 -9.15
C LEU F 219 -6.33 -34.76 -9.96
N LYS F 220 -6.32 -36.05 -10.27
CA LYS F 220 -7.38 -36.64 -11.05
C LYS F 220 -8.73 -36.26 -10.44
N THR F 221 -8.81 -36.28 -9.12
CA THR F 221 -10.08 -35.94 -8.48
C THR F 221 -10.43 -34.48 -8.72
N SER F 222 -9.49 -33.59 -8.45
CA SER F 222 -9.71 -32.17 -8.64
C SER F 222 -10.05 -31.87 -10.09
N PHE F 223 -9.63 -32.76 -10.99
CA PHE F 223 -9.90 -32.56 -12.42
C PHE F 223 -11.36 -32.87 -12.65
N VAL F 224 -11.79 -34.02 -12.15
CA VAL F 224 -13.16 -34.44 -12.30
C VAL F 224 -14.10 -33.39 -11.74
N SER F 225 -13.67 -32.74 -10.65
CA SER F 225 -14.47 -31.69 -10.01
C SER F 225 -14.59 -30.51 -10.98
N PHE F 226 -13.46 -30.10 -11.50
CA PHE F 226 -13.43 -29.01 -12.44
C PHE F 226 -14.47 -29.23 -13.55
N VAL F 227 -14.48 -30.43 -14.13
CA VAL F 227 -15.42 -30.71 -15.18
C VAL F 227 -16.87 -30.67 -14.69
N LYS F 228 -17.12 -31.23 -13.51
CA LYS F 228 -18.46 -31.23 -12.95
C LYS F 228 -18.98 -29.81 -12.84
N ARG F 229 -18.13 -28.90 -12.38
CA ARG F 229 -18.53 -27.50 -12.26
C ARG F 229 -18.86 -26.94 -13.63
N ARG F 231 -19.71 -28.06 -16.26
CA ARG F 231 -20.93 -28.57 -16.83
C ARG F 231 -22.18 -28.24 -16.05
N ASP F 232 -22.31 -28.86 -14.89
CA ASP F 232 -23.49 -28.69 -14.07
C ASP F 232 -23.58 -27.42 -13.23
N GLU F 233 -22.60 -26.53 -13.36
CA GLU F 233 -22.62 -25.31 -12.58
C GLU F 233 -22.50 -24.05 -13.44
N GLN F 234 -21.61 -24.08 -14.43
CA GLN F 234 -21.43 -22.94 -15.30
C GLN F 234 -22.26 -23.09 -16.57
N GLY F 235 -22.77 -24.30 -16.80
CA GLY F 235 -23.59 -24.56 -17.96
C GLY F 235 -22.84 -24.91 -19.22
N VAL F 236 -21.52 -25.00 -19.13
CA VAL F 236 -20.70 -25.33 -20.29
C VAL F 236 -20.47 -26.83 -20.34
N LYS F 237 -21.22 -27.50 -21.20
CA LYS F 237 -21.14 -28.95 -21.33
C LYS F 237 -19.92 -29.44 -22.09
N ILE F 238 -18.80 -29.60 -21.38
CA ILE F 238 -17.58 -30.06 -22.01
C ILE F 238 -17.27 -31.50 -21.59
N LYS F 239 -16.30 -32.14 -22.25
CA LYS F 239 -15.91 -33.52 -21.92
C LYS F 239 -14.50 -33.58 -21.40
N GLY F 240 -14.28 -34.45 -20.40
CA GLY F 240 -12.97 -34.59 -19.82
C GLY F 240 -12.45 -36.00 -20.05
N VAL F 241 -11.14 -36.14 -20.20
CA VAL F 241 -10.57 -37.47 -20.44
C VAL F 241 -9.36 -37.75 -19.53
N VAL F 242 -9.53 -38.71 -18.61
CA VAL F 242 -8.45 -39.10 -17.72
C VAL F 242 -8.27 -40.58 -17.77
N ALA F 243 -7.11 -41.06 -17.35
CA ALA F 243 -6.85 -42.49 -17.37
C ALA F 243 -7.12 -43.12 -16.02
N ASN F 244 -7.81 -44.26 -16.03
CA ASN F 244 -8.11 -45.00 -14.80
C ASN F 244 -8.59 -44.03 -13.74
N PRO F 246 -12.55 -43.86 -12.43
CA PRO F 246 -14.01 -44.07 -12.48
C PRO F 246 -14.76 -42.95 -11.78
N ALA F 247 -14.90 -41.83 -12.46
CA ALA F 247 -15.59 -40.68 -11.91
C ALA F 247 -17.11 -40.87 -11.86
N ASP F 248 -17.58 -41.99 -12.41
CA ASP F 248 -19.02 -42.26 -12.43
C ASP F 248 -19.77 -40.98 -12.78
N TYR F 249 -19.34 -40.29 -13.82
CA TYR F 249 -19.95 -39.04 -14.25
C TYR F 249 -20.00 -39.05 -15.78
N GLU F 250 -21.14 -38.68 -16.36
CA GLU F 250 -21.28 -38.69 -17.82
C GLU F 250 -20.44 -37.61 -18.52
N GLY F 251 -19.73 -36.81 -17.75
CA GLY F 251 -18.89 -35.79 -18.35
C GLY F 251 -17.44 -36.18 -18.44
N ILE F 252 -17.10 -37.37 -17.95
CA ILE F 252 -15.73 -37.85 -18.01
C ILE F 252 -15.60 -39.18 -18.74
N ILE F 253 -14.55 -39.31 -19.55
CA ILE F 253 -14.30 -40.56 -20.27
C ILE F 253 -13.19 -41.24 -19.46
N ASN F 254 -13.39 -42.49 -19.09
CA ASN F 254 -12.39 -43.20 -18.31
C ASN F 254 -11.53 -44.12 -19.19
N VAL F 255 -10.37 -43.62 -19.66
CA VAL F 255 -9.51 -44.45 -20.50
C VAL F 255 -8.97 -45.60 -19.67
N ARG F 256 -9.09 -46.82 -20.18
CA ARG F 256 -8.61 -47.99 -19.44
C ARG F 256 -7.19 -48.40 -19.79
N ASN F 257 -6.99 -48.81 -21.04
CA ASN F 257 -5.68 -49.28 -21.46
C ASN F 257 -4.96 -48.33 -22.42
N GLY F 258 -3.73 -48.68 -22.78
CA GLY F 258 -2.95 -47.86 -23.69
C GLY F 258 -2.73 -48.58 -25.00
N VAL F 259 -1.78 -48.11 -25.81
CA VAL F 259 -1.50 -48.74 -27.09
C VAL F 259 -0.04 -48.69 -27.42
N THR F 260 0.32 -49.35 -28.52
CA THR F 260 1.69 -49.37 -28.99
C THR F 260 1.71 -48.96 -30.45
N LEU F 261 2.50 -47.93 -30.76
CA LEU F 261 2.60 -47.41 -32.10
C LEU F 261 3.52 -48.26 -32.97
N ARG F 262 3.42 -48.04 -34.29
CA ARG F 262 4.21 -48.79 -35.26
C ARG F 262 5.70 -48.73 -34.94
N ASP F 263 6.19 -47.54 -34.62
CA ASP F 263 7.60 -47.38 -34.30
C ASP F 263 8.01 -48.09 -33.01
N GLY F 264 7.06 -48.80 -32.40
CA GLY F 264 7.34 -49.51 -31.16
C GLY F 264 7.15 -48.72 -29.87
N THR F 265 6.89 -47.42 -29.99
CA THR F 265 6.68 -46.60 -28.82
C THR F 265 5.47 -47.08 -28.05
N ILE F 266 5.62 -47.14 -26.72
CA ILE F 266 4.53 -47.60 -25.85
C ILE F 266 3.85 -46.40 -25.20
N LEU F 267 2.53 -46.33 -25.35
CA LEU F 267 1.75 -45.23 -24.77
C LEU F 267 0.88 -45.73 -23.64
N GLU F 268 1.17 -45.27 -22.43
CA GLU F 268 0.39 -45.65 -21.27
C GLU F 268 -0.99 -45.01 -21.37
N PRO F 269 -1.99 -45.63 -20.75
CA PRO F 269 -3.32 -45.04 -20.84
C PRO F 269 -3.35 -43.55 -20.54
N HIS F 270 -2.59 -43.10 -19.55
CA HIS F 270 -2.63 -41.67 -19.25
C HIS F 270 -2.13 -40.82 -20.43
N GLN F 271 -1.54 -41.47 -21.44
CA GLN F 271 -1.03 -40.81 -22.64
C GLN F 271 -2.06 -40.98 -23.75
N VAL F 272 -2.68 -42.14 -23.78
CA VAL F 272 -3.68 -42.39 -24.77
C VAL F 272 -4.81 -41.37 -24.65
N VAL F 273 -5.00 -40.81 -23.47
CA VAL F 273 -6.07 -39.82 -23.32
C VAL F 273 -5.95 -38.73 -24.40
N ALA F 274 -4.73 -38.33 -24.70
CA ALA F 274 -4.50 -37.31 -25.70
C ALA F 274 -5.25 -37.66 -26.96
N TRP F 275 -5.08 -38.87 -27.46
CA TRP F 275 -5.80 -39.25 -28.67
C TRP F 275 -7.32 -39.24 -28.45
N VAL F 276 -7.76 -40.01 -27.45
CA VAL F 276 -9.16 -40.12 -27.11
C VAL F 276 -9.81 -38.76 -27.01
N ALA F 277 -9.07 -37.79 -26.48
CA ALA F 277 -9.63 -36.46 -26.37
C ALA F 277 -9.99 -36.01 -27.76
N GLY F 278 -9.01 -36.04 -28.66
CA GLY F 278 -9.23 -35.64 -30.04
C GLY F 278 -10.30 -36.49 -30.69
N ALA F 279 -10.40 -37.73 -30.25
CA ALA F 279 -11.40 -38.62 -30.82
C ALA F 279 -12.80 -38.14 -30.49
N ASP F 280 -13.01 -37.83 -29.22
CA ASP F 280 -14.31 -37.38 -28.75
C ASP F 280 -14.61 -35.97 -29.26
N ALA F 281 -13.58 -35.14 -29.33
CA ALA F 281 -13.79 -33.78 -29.78
C ALA F 281 -14.12 -33.68 -31.26
N SER F 282 -13.71 -34.64 -32.06
CA SER F 282 -13.97 -34.59 -33.48
C SER F 282 -15.21 -35.33 -33.89
N ALA F 283 -15.66 -36.25 -33.04
CA ALA F 283 -16.84 -37.02 -33.34
C ALA F 283 -18.06 -36.21 -33.75
N SER F 284 -18.74 -36.69 -34.77
CA SER F 284 -19.96 -36.05 -35.31
C SER F 284 -21.18 -36.40 -34.47
N LEU F 286 -23.84 -37.46 -35.62
CA LEU F 286 -24.44 -38.63 -36.26
C LEU F 286 -23.65 -39.91 -36.07
N LYS F 287 -22.33 -39.78 -35.97
CA LYS F 287 -21.45 -40.94 -35.80
C LYS F 287 -20.82 -41.07 -34.42
N SER F 288 -20.80 -42.31 -33.94
CA SER F 288 -20.21 -42.66 -32.64
C SER F 288 -18.71 -42.90 -32.86
N ASN F 289 -18.00 -43.27 -31.81
CA ASN F 289 -16.57 -43.52 -31.94
C ASN F 289 -16.28 -44.98 -31.76
N THR F 290 -17.35 -45.71 -31.55
CA THR F 290 -17.19 -47.09 -31.48
C THR F 290 -16.64 -47.50 -32.81
N PHE F 291 -15.74 -48.55 -32.77
CA PHE F 291 -15.04 -49.21 -33.94
C PHE F 291 -14.17 -48.24 -34.70
N VAL F 292 -13.76 -47.20 -34.01
CA VAL F 292 -12.93 -46.24 -34.67
C VAL F 292 -11.49 -46.68 -34.48
N LYS F 293 -10.73 -46.70 -35.55
CA LYS F 293 -9.35 -47.14 -35.44
C LYS F 293 -8.42 -46.05 -34.93
N TYR F 294 -7.42 -46.46 -34.15
CA TYR F 294 -6.42 -45.55 -33.60
C TYR F 294 -5.29 -45.59 -34.60
N ASP F 295 -5.34 -44.69 -35.57
CA ASP F 295 -4.33 -44.63 -36.61
C ASP F 295 -2.91 -44.60 -36.02
N GLY F 296 -2.05 -45.48 -36.49
CA GLY F 296 -0.68 -45.49 -36.00
C GLY F 296 -0.38 -46.50 -34.92
N ALA F 297 -1.43 -47.11 -34.37
CA ALA F 297 -1.24 -48.09 -33.31
C ALA F 297 -1.35 -49.51 -33.87
N ILE F 298 -0.34 -50.31 -33.55
CA ILE F 298 -0.26 -51.68 -34.01
C ILE F 298 -0.70 -52.68 -32.94
N ASP F 299 -0.93 -52.21 -31.72
CA ASP F 299 -1.37 -53.13 -30.69
C ASP F 299 -1.83 -52.42 -29.43
N ALA F 300 -2.86 -52.98 -28.81
CA ALA F 300 -3.40 -52.41 -27.59
C ALA F 300 -2.71 -52.99 -26.39
N THR F 301 -1.92 -52.19 -25.69
CA THR F 301 -1.24 -52.72 -24.52
C THR F 301 -1.68 -52.01 -23.24
N PRO F 302 -2.22 -52.76 -22.28
CA PRO F 302 -2.43 -54.21 -22.35
C PRO F 302 -3.69 -54.57 -23.11
N ARG F 303 -3.84 -55.85 -23.43
CA ARG F 303 -5.04 -56.33 -24.13
C ARG F 303 -6.00 -56.82 -23.07
N LEU F 304 -7.28 -56.95 -23.42
CA LEU F 304 -8.26 -57.44 -22.46
C LEU F 304 -9.04 -58.59 -23.03
N ALA F 305 -9.16 -59.67 -22.26
CA ALA F 305 -9.90 -60.85 -22.69
C ALA F 305 -11.38 -60.50 -22.77
N ASN F 306 -12.16 -61.35 -23.43
CA ASN F 306 -13.58 -61.07 -23.56
C ASN F 306 -14.25 -60.76 -22.23
N ASP F 307 -13.98 -61.56 -21.21
CA ASP F 307 -14.56 -61.34 -19.90
C ASP F 307 -14.07 -60.04 -19.27
N GLU F 308 -12.79 -59.72 -19.44
CA GLU F 308 -12.25 -58.50 -18.87
C GLU F 308 -12.87 -57.30 -19.55
N ALA F 309 -12.96 -57.36 -20.87
CA ALA F 309 -13.52 -56.28 -21.66
C ALA F 309 -14.98 -56.07 -21.30
N GLU F 310 -15.76 -57.13 -21.43
CA GLU F 310 -17.17 -57.06 -21.10
C GLU F 310 -17.29 -56.47 -19.69
N GLU F 311 -16.39 -56.89 -18.82
CA GLU F 311 -16.35 -56.40 -17.44
C GLU F 311 -16.12 -54.89 -17.45
N ALA F 312 -15.05 -54.49 -18.12
CA ALA F 312 -14.65 -53.09 -18.22
C ALA F 312 -15.79 -52.22 -18.70
N LEU F 313 -16.39 -52.59 -19.82
CA LEU F 313 -17.51 -51.82 -20.36
C LEU F 313 -18.60 -51.66 -19.31
N GLN F 314 -18.87 -52.72 -18.57
CA GLN F 314 -19.89 -52.72 -17.55
C GLN F 314 -19.61 -51.64 -16.52
N ASN F 315 -18.33 -51.33 -16.35
CA ASN F 315 -17.91 -50.32 -15.37
C ASN F 315 -17.67 -48.96 -15.99
N GLY F 316 -18.16 -48.77 -17.21
CA GLY F 316 -18.00 -47.49 -17.89
C GLY F 316 -16.56 -47.15 -18.21
N GLU F 317 -15.82 -48.11 -18.78
CA GLU F 317 -14.43 -47.87 -19.14
C GLU F 317 -14.22 -47.78 -20.67
N PHE F 318 -13.44 -46.80 -21.10
CA PHE F 318 -13.16 -46.60 -22.52
C PHE F 318 -12.00 -47.51 -22.88
N VAL F 319 -12.30 -48.65 -23.49
CA VAL F 319 -11.26 -49.61 -23.84
C VAL F 319 -10.90 -49.75 -25.31
N LEU F 320 -9.63 -50.04 -25.58
CA LEU F 320 -9.16 -50.21 -26.95
C LEU F 320 -8.84 -51.67 -27.16
N THR F 321 -9.34 -52.28 -28.24
CA THR F 321 -9.04 -53.68 -28.48
C THR F 321 -8.33 -53.85 -29.82
N PHE F 322 -7.42 -54.82 -29.87
CA PHE F 322 -6.63 -55.10 -31.07
C PHE F 322 -7.29 -56.20 -31.89
N ASP F 323 -7.59 -55.92 -33.14
CA ASP F 323 -8.21 -56.92 -34.00
C ASP F 323 -7.11 -57.56 -34.84
N ALA F 324 -6.69 -58.77 -34.45
CA ALA F 324 -5.65 -59.47 -35.16
C ALA F 324 -6.01 -59.75 -36.61
N ARG F 325 -7.30 -59.79 -36.92
CA ARG F 325 -7.77 -60.03 -38.28
C ARG F 325 -7.29 -58.94 -39.25
N ASP F 326 -7.69 -57.69 -38.97
CA ASP F 326 -7.36 -56.54 -39.79
C ASP F 326 -6.06 -55.91 -39.29
N LYS F 327 -5.54 -56.45 -38.18
CA LYS F 327 -4.31 -55.96 -37.56
C LYS F 327 -4.34 -54.45 -37.35
N ALA F 328 -5.27 -54.03 -36.50
CA ALA F 328 -5.46 -52.62 -36.17
C ALA F 328 -6.20 -52.51 -34.84
N VAL F 329 -5.97 -51.44 -34.09
CA VAL F 329 -6.65 -51.29 -32.81
C VAL F 329 -7.79 -50.29 -32.93
N TYR F 330 -8.89 -50.58 -32.25
CA TYR F 330 -10.06 -49.73 -32.32
C TYR F 330 -10.80 -49.59 -31.00
N VAL F 331 -11.71 -48.65 -30.95
CA VAL F 331 -12.49 -48.38 -29.76
C VAL F 331 -13.58 -49.43 -29.54
N GLU F 332 -13.59 -50.07 -28.37
CA GLU F 332 -14.62 -51.07 -28.10
C GLU F 332 -16.03 -50.49 -27.99
N GLN F 333 -16.16 -49.33 -27.37
CA GLN F 333 -17.45 -48.68 -27.23
C GLN F 333 -17.28 -47.28 -26.68
N ASP F 334 -17.85 -46.31 -27.38
CA ASP F 334 -17.76 -44.92 -26.97
C ASP F 334 -18.62 -44.64 -25.73
N LEU F 335 -18.07 -44.96 -24.55
CA LEU F 335 -18.78 -44.78 -23.27
C LEU F 335 -18.10 -43.80 -22.32
N ASN F 336 -18.81 -43.40 -21.25
CA ASN F 336 -18.20 -42.52 -20.28
C ASN F 336 -18.26 -43.19 -18.90
N SER F 337 -17.61 -42.56 -17.93
CA SER F 337 -17.53 -43.11 -16.58
C SER F 337 -18.84 -43.33 -15.87
N LEU F 338 -19.92 -42.73 -16.35
CA LEU F 338 -21.23 -42.89 -15.73
C LEU F 338 -21.71 -44.35 -15.65
N THR F 339 -22.00 -44.80 -14.44
CA THR F 339 -22.46 -46.17 -14.20
C THR F 339 -23.78 -46.16 -13.43
N THR F 340 -23.90 -45.33 -12.42
CA THR F 340 -25.14 -45.28 -11.65
C THR F 340 -26.23 -44.45 -12.35
N PHE F 341 -27.37 -45.08 -12.67
CA PHE F 341 -28.49 -44.38 -13.35
C PHE F 341 -29.73 -44.16 -12.47
N SER F 342 -30.68 -43.38 -13.00
CA SER F 342 -31.92 -43.06 -12.30
C SER F 342 -33.04 -42.83 -13.31
N LYS F 343 -33.84 -41.80 -13.08
CA LYS F 343 -34.94 -41.48 -14.00
C LYS F 343 -34.55 -40.29 -14.86
N GLU F 344 -34.09 -39.22 -14.22
CA GLU F 344 -33.67 -37.99 -14.90
C GLU F 344 -32.43 -38.30 -15.75
N LYS F 345 -31.51 -39.04 -15.14
CA LYS F 345 -30.29 -39.45 -15.82
C LYS F 345 -30.40 -40.92 -16.19
N SER F 346 -30.95 -41.18 -17.37
CA SER F 346 -31.17 -42.52 -17.89
C SER F 346 -29.93 -43.34 -18.19
N SER F 347 -30.17 -44.41 -18.93
CA SER F 347 -29.11 -45.30 -19.29
C SER F 347 -28.39 -44.84 -20.57
N LYS F 348 -29.14 -44.43 -21.58
CA LYS F 348 -28.55 -43.99 -22.83
C LYS F 348 -27.51 -42.88 -22.64
N PHE F 349 -27.53 -42.28 -21.47
CA PHE F 349 -26.59 -41.22 -21.20
C PHE F 349 -25.17 -41.70 -21.20
N ARG F 350 -24.93 -42.97 -20.90
CA ARG F 350 -23.57 -43.46 -20.87
C ARG F 350 -22.94 -43.48 -22.24
N LYS F 351 -23.77 -43.70 -23.26
CA LYS F 351 -23.31 -43.75 -24.66
C LYS F 351 -22.89 -42.34 -25.08
N ASN F 352 -21.78 -42.20 -25.80
CA ASN F 352 -21.39 -40.85 -26.18
C ASN F 352 -22.12 -40.21 -27.33
N LYS F 353 -22.72 -41.03 -28.19
CA LYS F 353 -23.48 -40.50 -29.33
C LYS F 353 -24.69 -39.75 -28.82
N ILE F 354 -25.30 -40.31 -27.79
CA ILE F 354 -26.46 -39.68 -27.21
C ILE F 354 -26.01 -38.42 -26.52
N SER F 355 -24.98 -38.57 -25.69
CA SER F 355 -24.44 -37.45 -24.93
C SER F 355 -24.13 -36.22 -25.79
N ARG F 356 -23.30 -36.36 -26.84
CA ARG F 356 -22.95 -35.22 -27.72
C ARG F 356 -24.18 -34.46 -28.26
N ILE F 357 -25.21 -35.21 -28.66
CA ILE F 357 -26.42 -34.62 -29.21
C ILE F 357 -27.09 -33.78 -28.14
N LEU F 358 -27.08 -34.28 -26.92
CA LEU F 358 -27.69 -33.57 -25.82
C LEU F 358 -26.87 -32.38 -25.39
N ASP F 359 -25.62 -32.64 -25.02
CA ASP F 359 -24.71 -31.58 -24.62
C ASP F 359 -24.80 -30.51 -25.73
N GLY F 360 -24.52 -30.92 -26.96
CA GLY F 360 -24.59 -30.00 -28.07
C GLY F 360 -25.74 -29.03 -27.98
N ILE F 361 -26.95 -29.54 -28.05
CA ILE F 361 -28.11 -28.68 -27.96
C ILE F 361 -27.99 -27.71 -26.80
N ASN F 362 -27.82 -28.24 -25.60
CA ASN F 362 -27.70 -27.42 -24.38
C ASN F 362 -26.61 -26.34 -24.51
N ASN F 363 -25.54 -26.62 -25.25
CA ASN F 363 -24.49 -25.63 -25.43
C ASN F 363 -24.86 -24.66 -26.54
N ASP F 364 -25.70 -25.10 -27.46
CA ASP F 364 -26.11 -24.28 -28.56
C ASP F 364 -27.28 -23.44 -28.11
N THR F 365 -28.03 -23.97 -27.15
CA THR F 365 -29.17 -23.24 -26.65
C THR F 365 -28.69 -22.04 -25.87
N ARG F 366 -27.61 -22.19 -25.11
CA ARG F 366 -27.08 -21.08 -24.33
C ARG F 366 -26.27 -20.11 -25.15
N ARG F 367 -25.43 -20.61 -26.05
CA ARG F 367 -24.61 -19.73 -26.86
C ARG F 367 -25.41 -18.97 -27.90
N ASN F 368 -26.33 -19.64 -28.59
CA ASN F 368 -27.12 -18.97 -29.61
C ASN F 368 -27.90 -17.80 -29.00
N ILE F 369 -28.44 -18.00 -27.81
CA ILE F 369 -29.18 -16.94 -27.15
C ILE F 369 -28.29 -15.77 -26.77
N LEU F 370 -27.25 -16.03 -25.99
CA LEU F 370 -26.36 -14.98 -25.58
C LEU F 370 -25.91 -14.12 -26.73
N ASP F 371 -25.57 -14.74 -27.85
CA ASP F 371 -25.12 -14.00 -29.04
C ASP F 371 -26.19 -13.02 -29.48
N ALA F 372 -27.41 -13.52 -29.61
CA ALA F 372 -28.54 -12.69 -30.02
C ALA F 372 -28.74 -11.54 -29.04
N ILE F 373 -28.58 -11.82 -27.76
CA ILE F 373 -28.72 -10.81 -26.73
C ILE F 373 -27.72 -9.69 -27.00
N LYS F 374 -26.43 -10.02 -26.90
CA LYS F 374 -25.34 -9.06 -27.09
C LYS F 374 -25.16 -8.60 -28.52
N GLU F 375 -26.06 -9.00 -29.40
CA GLU F 375 -25.97 -8.57 -30.78
C GLU F 375 -27.08 -7.56 -30.99
N ARG F 376 -28.24 -7.86 -30.39
CA ARG F 376 -29.40 -6.97 -30.49
C ARG F 376 -29.09 -5.72 -29.68
N LYS F 377 -28.17 -5.86 -28.73
CA LYS F 377 -27.78 -4.73 -27.89
C LYS F 377 -26.86 -3.78 -28.67
N ASP F 378 -26.09 -4.33 -29.59
CA ASP F 378 -25.16 -3.57 -30.42
C ASP F 378 -25.90 -2.75 -31.46
N ALA F 379 -27.16 -3.06 -31.68
CA ALA F 379 -27.97 -2.34 -32.65
C ALA F 379 -28.89 -1.41 -31.87
N ASN F 380 -28.75 -1.42 -30.55
CA ASN F 380 -29.55 -0.60 -29.65
C ASN F 380 -31.02 -1.03 -29.67
N THR F 381 -31.25 -2.34 -29.80
CA THR F 381 -32.60 -2.89 -29.86
C THR F 381 -32.70 -4.05 -28.87
N ASP F 382 -32.05 -3.89 -27.73
CA ASP F 382 -32.03 -4.93 -26.70
C ASP F 382 -33.31 -5.76 -26.63
N ILE F 383 -33.14 -7.08 -26.56
CA ILE F 383 -34.27 -8.01 -26.49
C ILE F 383 -35.01 -7.80 -25.17
N PRO F 384 -36.24 -7.25 -25.21
CA PRO F 384 -37.04 -7.01 -24.02
C PRO F 384 -37.39 -8.24 -23.21
N ALA F 385 -37.52 -8.08 -21.89
CA ALA F 385 -37.85 -9.20 -21.03
C ALA F 385 -39.36 -9.35 -20.87
N ASP F 386 -40.07 -9.29 -22.00
CA ASP F 386 -41.53 -9.41 -22.00
C ASP F 386 -41.95 -10.58 -22.88
N GLU F 387 -43.18 -10.54 -23.40
CA GLU F 387 -43.71 -11.61 -24.25
C GLU F 387 -43.09 -11.55 -25.65
N ASN F 388 -42.79 -10.35 -26.14
CA ASN F 388 -42.17 -10.21 -27.46
C ASN F 388 -40.76 -10.77 -27.48
N GLY F 389 -40.07 -10.62 -26.35
CA GLY F 389 -38.72 -11.12 -26.25
C GLY F 389 -38.75 -12.63 -26.29
N VAL F 390 -39.65 -13.21 -25.51
CA VAL F 390 -39.81 -14.66 -25.43
C VAL F 390 -40.11 -15.26 -26.80
N GLN F 391 -41.16 -14.75 -27.44
CA GLN F 391 -41.55 -15.23 -28.76
C GLN F 391 -40.37 -15.20 -29.71
N PHE F 392 -39.64 -14.08 -29.70
CA PHE F 392 -38.51 -13.94 -30.57
C PHE F 392 -37.56 -15.11 -30.40
N ILE F 393 -37.06 -15.28 -29.18
CA ILE F 393 -36.16 -16.36 -28.86
C ILE F 393 -36.73 -17.73 -29.21
N LEU F 394 -37.98 -17.95 -28.83
CA LEU F 394 -38.65 -19.21 -29.15
C LEU F 394 -38.59 -19.50 -30.63
N SER F 395 -38.97 -18.52 -31.43
CA SER F 395 -38.96 -18.66 -32.87
C SER F 395 -37.55 -18.98 -33.35
N GLN F 397 -34.84 -20.47 -31.54
CA GLN F 397 -34.45 -21.82 -31.14
C GLN F 397 -35.17 -22.82 -31.99
N THR F 398 -36.43 -22.55 -32.30
CA THR F 398 -37.21 -23.47 -33.11
C THR F 398 -36.50 -23.69 -34.44
N ALA F 399 -36.06 -22.63 -35.10
CA ALA F 399 -35.37 -22.78 -36.37
C ALA F 399 -34.21 -23.74 -36.18
N TYR F 400 -33.48 -23.54 -35.09
CA TYR F 400 -32.32 -24.36 -34.75
C TYR F 400 -32.75 -25.82 -34.63
N LEU F 401 -33.71 -26.06 -33.75
CA LEU F 401 -34.22 -27.39 -33.52
C LEU F 401 -34.66 -28.08 -34.81
N ASN F 402 -35.46 -27.42 -35.62
CA ASN F 402 -35.91 -28.03 -36.86
C ASN F 402 -34.72 -28.39 -37.74
N GLU F 403 -33.72 -27.51 -37.77
CA GLU F 403 -32.53 -27.77 -38.58
C GLU F 403 -31.90 -29.08 -38.16
N LEU F 404 -31.78 -29.30 -36.86
CA LEU F 404 -31.18 -30.54 -36.36
C LEU F 404 -32.01 -31.75 -36.79
N GLN F 405 -33.31 -31.57 -36.95
CA GLN F 405 -34.15 -32.69 -37.36
C GLN F 405 -33.91 -33.01 -38.82
N ASP F 406 -33.85 -31.97 -39.65
CA ASP F 406 -33.63 -32.12 -41.09
C ASP F 406 -32.26 -32.74 -41.39
N SER F 407 -31.26 -32.33 -40.63
CA SER F 407 -29.93 -32.88 -40.84
C SER F 407 -29.87 -34.31 -40.32
N GLY F 408 -30.95 -34.76 -39.67
CA GLY F 408 -31.02 -36.11 -39.15
C GLY F 408 -30.35 -36.36 -37.80
N ALA F 409 -30.30 -35.35 -36.95
CA ALA F 409 -29.68 -35.48 -35.66
C ALA F 409 -30.71 -35.86 -34.61
N ILE F 410 -31.91 -35.32 -34.75
CA ILE F 410 -32.98 -35.62 -33.81
C ILE F 410 -34.26 -35.88 -34.58
N THR F 411 -35.13 -36.70 -34.01
CA THR F 411 -36.40 -37.02 -34.66
C THR F 411 -37.59 -36.78 -33.74
N ASN F 412 -38.78 -36.84 -34.34
CA ASN F 412 -40.03 -36.64 -33.62
C ASN F 412 -40.09 -35.33 -32.85
N PHE F 413 -39.66 -34.25 -33.50
CA PHE F 413 -39.68 -32.93 -32.88
C PHE F 413 -40.97 -32.19 -33.23
N ASP F 414 -41.79 -31.95 -32.21
CA ASP F 414 -43.05 -31.25 -32.41
C ASP F 414 -42.97 -29.81 -31.95
N SER F 415 -42.87 -28.90 -32.92
CA SER F 415 -42.77 -27.48 -32.67
C SER F 415 -43.77 -27.03 -31.63
N THR F 416 -44.78 -27.87 -31.38
CA THR F 416 -45.83 -27.54 -30.42
C THR F 416 -45.47 -27.82 -28.97
N ALA F 417 -45.59 -29.07 -28.56
CA ALA F 417 -45.30 -29.42 -27.18
C ALA F 417 -43.95 -30.09 -27.00
N ASP F 418 -42.90 -29.37 -27.34
CA ASP F 418 -41.55 -29.91 -27.22
C ASP F 418 -40.56 -28.78 -26.93
N ILE F 419 -41.01 -27.55 -27.12
CA ILE F 419 -40.15 -26.38 -26.89
C ILE F 419 -40.99 -25.26 -26.30
N THR F 420 -40.55 -24.71 -25.17
CA THR F 420 -41.29 -23.60 -24.54
C THR F 420 -40.32 -22.59 -23.94
N VAL F 421 -40.67 -21.31 -24.02
CA VAL F 421 -39.81 -20.26 -23.48
C VAL F 421 -40.60 -19.33 -22.55
N SER F 422 -39.97 -18.90 -21.46
CA SER F 422 -40.65 -18.03 -20.50
C SER F 422 -39.72 -17.05 -19.80
N LEU F 423 -40.25 -16.31 -18.83
CA LEU F 423 -39.45 -15.34 -18.10
C LEU F 423 -38.83 -15.90 -16.83
N ASN F 424 -37.65 -15.37 -16.51
CA ASN F 424 -36.87 -15.77 -15.35
C ASN F 424 -37.49 -15.54 -13.96
N ASN F 425 -38.82 -15.35 -13.89
CA ASN F 425 -39.49 -15.10 -12.59
C ASN F 425 -39.06 -13.77 -11.99
N ASN F 426 -37.90 -13.30 -12.43
CA ASN F 426 -37.33 -12.02 -12.00
C ASN F 426 -37.32 -11.19 -13.28
N VAL F 427 -38.02 -11.68 -14.30
CA VAL F 427 -38.12 -11.02 -15.59
C VAL F 427 -36.80 -10.33 -16.00
N ASP F 428 -35.69 -11.02 -15.77
CA ASP F 428 -34.38 -10.51 -16.12
C ASP F 428 -33.61 -11.56 -16.94
N GLY F 429 -34.33 -12.60 -17.34
CA GLY F 429 -33.72 -13.66 -18.13
C GLY F 429 -34.74 -14.57 -18.76
N PHE F 430 -34.29 -15.44 -19.66
CA PHE F 430 -35.17 -16.37 -20.33
C PHE F 430 -34.89 -17.80 -19.93
N ILE F 431 -35.95 -18.58 -19.81
CA ILE F 431 -35.86 -19.98 -19.45
C ILE F 431 -36.36 -20.75 -20.65
N VAL F 432 -35.53 -21.67 -21.15
CA VAL F 432 -35.91 -22.47 -22.30
C VAL F 432 -35.98 -23.96 -21.97
N ASN F 433 -37.19 -24.49 -22.02
CA ASN F 433 -37.43 -25.91 -21.74
C ASN F 433 -37.68 -26.62 -23.06
N GLN F 434 -37.07 -27.77 -23.22
CA GLN F 434 -37.22 -28.54 -24.45
C GLN F 434 -37.02 -30.04 -24.27
N SER F 435 -37.81 -30.83 -24.99
CA SER F 435 -37.71 -32.27 -24.95
C SER F 435 -37.26 -32.74 -26.30
N ILE F 436 -36.00 -33.14 -26.39
CA ILE F 436 -35.45 -33.59 -27.65
C ILE F 436 -35.24 -35.09 -27.62
N GLU F 437 -35.20 -35.70 -28.81
CA GLU F 437 -34.99 -37.13 -28.92
C GLU F 437 -33.89 -37.42 -29.94
N PRO F 438 -32.72 -37.88 -29.49
CA PRO F 438 -31.60 -38.20 -30.36
C PRO F 438 -31.96 -39.37 -31.28
N VAL F 439 -31.61 -39.25 -32.55
CA VAL F 439 -31.92 -40.27 -33.56
C VAL F 439 -32.28 -41.66 -33.04
N ASP F 440 -31.28 -42.49 -32.87
CA ASP F 440 -31.52 -43.85 -32.43
C ASP F 440 -31.59 -44.01 -30.92
N SER F 441 -32.77 -43.79 -30.35
CA SER F 441 -32.97 -43.94 -28.91
C SER F 441 -34.40 -43.60 -28.59
N GLY F 442 -35.25 -44.61 -28.53
CA GLY F 442 -36.65 -44.37 -28.25
C GLY F 442 -36.89 -43.72 -26.90
N GLU F 443 -36.56 -42.44 -26.79
CA GLU F 443 -36.78 -41.72 -25.54
C GLU F 443 -36.49 -40.23 -25.69
N LYS F 444 -37.47 -39.41 -25.34
CA LYS F 444 -37.34 -37.96 -25.41
C LYS F 444 -36.77 -37.51 -24.07
N PHE F 445 -35.73 -36.68 -24.12
CA PHE F 445 -35.12 -36.21 -22.90
C PHE F 445 -35.53 -34.78 -22.60
N TYR F 446 -35.72 -34.47 -21.33
CA TYR F 446 -36.14 -33.13 -20.94
C TYR F 446 -34.93 -32.31 -20.55
N PHE F 447 -34.80 -31.14 -21.17
CA PHE F 447 -33.68 -30.24 -20.92
C PHE F 447 -34.18 -28.81 -20.71
N THR F 448 -33.66 -28.16 -19.69
CA THR F 448 -34.05 -26.78 -19.41
C THR F 448 -32.83 -25.91 -19.19
N THR F 449 -32.65 -24.91 -20.04
CA THR F 449 -31.52 -24.00 -19.94
C THR F 449 -31.98 -22.59 -19.64
N GLU F 450 -31.30 -21.92 -18.71
CA GLU F 450 -31.66 -20.54 -18.37
C GLU F 450 -30.54 -19.59 -18.78
N VAL F 451 -30.90 -18.45 -19.35
CA VAL F 451 -29.90 -17.46 -19.76
C VAL F 451 -30.22 -16.11 -19.16
N LYS F 452 -29.17 -15.40 -18.75
CA LYS F 452 -29.28 -14.09 -18.15
C LYS F 452 -29.27 -12.99 -19.23
N LEU F 453 -29.96 -11.88 -18.97
CA LEU F 453 -30.03 -10.82 -19.97
C LEU F 453 -28.78 -9.95 -19.97
N GLU F 454 -28.01 -10.03 -18.89
CA GLU F 454 -26.80 -9.23 -18.77
C GLU F 454 -25.83 -9.83 -17.75
#